data_8V3D
#
_entry.id   8V3D
#
_cell.length_a   1.00
_cell.length_b   1.00
_cell.length_c   1.00
_cell.angle_alpha   90.00
_cell.angle_beta   90.00
_cell.angle_gamma   90.00
#
_symmetry.space_group_name_H-M   'P 1'
#
loop_
_entity.id
_entity.type
_entity.pdbx_description
1 polymer 'Odorant receptor Orco'
2 polymer OR28
3 non-polymer 2,4,5-trimethyl-1,3-thiazole
#
loop_
_entity_poly.entity_id
_entity_poly.type
_entity_poly.pdbx_seq_one_letter_code
_entity_poly.pdbx_strand_id
1 'polypeptide(L)'
;MKFKHQGLVADLLPNIRVMQGVGHFMFNYYSEGKKFPHRIYCIVTLLLLLLQYGMMAVNLMMESDDVDDLTANTITMLFF
LHPIVKMIYFPVRSKIFYKTLAIWNNPNSHPLFAESNARFHALAITKMRRLLFCVAGATIFSVISWTGITFIEDSVKRIT
DPETNETTIIPIPRLMIRTFYPFNAMSGAGHVFALIYQFYYLVISMAVSNSLDVLFCSWLLFACEQLQHLKAIMKPLMEL
SATLDTVVPNSGELFKAGSADHLRESQGVQPSGNGDNVLDVDLRGIYSNRQDFTATFRPTAGTTFNGGVGPNGLTKKQEM
LVRSAIKYWVERHKHVVRLVTAVGDAYGVALLLHMLTTTITLTLLAYQATKVNGVNVYAATVIGYLLYTLGQVFLFCIFG
NRLIEESSSVMEAAYSCHWYDGSEEAKTFVQIVCQQCQKAMSISGAKFFTVSLDLFASVLGAVVTYFMVLVQLK
;
A,B,C
2 'polypeptide(L)'
;MARLVLHEVRYVLMAMLYISRGMAKQIQNSTIDLYVYWFLTFIPIASLCVPQFTYLVVDTKSLIDFISVLVPITEILLTN
GKMIICNVKRGKIINLINQVQVAWDECAKSEHLEIQTLITATAKKTKIFVIIYTTSFLLICVEYSSMPLFKLIYHSAVYG
KQSNYTIALPYLSRFAYSTESTTSFAWTYFFILLGVYLLALTLSGFDSLFATLVMHVKMMFKVLKFEIEQLGLDLSAGKS
HVELQAKLKQIILKHKTNLSLIEQLEDGFSFFLMAQFLTSSILVCVVLYELTMVFGWNEDTFKTVTYLPGAILQLFLFCW
YAQQITEEARLVSDHIYNIPWYLADPKLQKDILTFMVKAQKPTGVTASKFYMVTLQTFQRISSTSYSYFTLLQTINQQ
;
D
#
# COMPACT_ATOMS: atom_id res chain seq x y z
N LYS A 4 -2.10 43.99 0.30
CA LYS A 4 -1.32 43.81 -0.96
C LYS A 4 0.06 44.46 -0.85
N HIS A 5 0.63 44.41 0.35
CA HIS A 5 1.93 45.03 0.60
C HIS A 5 2.89 44.05 1.26
N GLN A 6 2.35 43.06 1.99
CA GLN A 6 3.16 42.10 2.72
C GLN A 6 3.39 40.85 1.89
N GLY A 7 4.23 39.96 2.43
CA GLY A 7 4.63 38.79 1.67
C GLY A 7 3.52 37.78 1.52
N LEU A 8 3.61 37.02 0.42
CA LEU A 8 2.69 35.92 0.14
C LEU A 8 1.33 36.42 -0.32
N VAL A 9 1.10 37.73 -0.28
CA VAL A 9 -0.07 38.35 -0.86
C VAL A 9 0.31 39.26 -2.02
N ALA A 10 1.43 39.97 -1.91
CA ALA A 10 1.99 40.65 -3.06
C ALA A 10 2.48 39.64 -4.10
N ASP A 11 2.99 38.49 -3.64
CA ASP A 11 3.42 37.44 -4.56
C ASP A 11 2.24 36.87 -5.34
N LEU A 12 1.11 36.66 -4.67
CA LEU A 12 -0.07 36.08 -5.27
C LEU A 12 -1.04 37.13 -5.82
N LEU A 13 -0.64 38.40 -5.82
CA LEU A 13 -1.58 39.47 -6.13
C LEU A 13 -2.30 39.29 -7.46
N PRO A 14 -1.63 38.91 -8.56
CA PRO A 14 -2.39 38.64 -9.79
C PRO A 14 -3.48 37.60 -9.61
N ASN A 15 -3.19 36.55 -8.85
CA ASN A 15 -4.19 35.52 -8.58
C ASN A 15 -5.36 36.09 -7.80
N ILE A 16 -5.08 36.91 -6.79
CA ILE A 16 -6.14 37.50 -5.99
C ILE A 16 -7.01 38.41 -6.86
N ARG A 17 -6.38 39.20 -7.72
CA ARG A 17 -7.14 40.09 -8.59
C ARG A 17 -8.00 39.30 -9.57
N VAL A 18 -7.47 38.21 -10.12
CA VAL A 18 -8.27 37.38 -11.01
C VAL A 18 -9.45 36.79 -10.27
N MET A 19 -9.22 36.29 -9.05
CA MET A 19 -10.30 35.74 -8.25
C MET A 19 -11.38 36.78 -8.01
N GLN A 20 -10.98 37.99 -7.61
CA GLN A 20 -11.97 39.04 -7.36
C GLN A 20 -12.72 39.41 -8.64
N GLY A 21 -12.01 39.50 -9.76
CA GLY A 21 -12.66 39.86 -11.01
C GLY A 21 -13.67 38.82 -11.45
N VAL A 22 -13.39 37.54 -11.20
CA VAL A 22 -14.35 36.50 -11.55
C VAL A 22 -15.46 36.36 -10.52
N GLY A 23 -15.36 37.07 -9.40
CA GLY A 23 -16.41 37.05 -8.40
C GLY A 23 -16.14 36.21 -7.17
N HIS A 24 -14.89 35.84 -6.92
CA HIS A 24 -14.58 35.00 -5.76
C HIS A 24 -14.50 35.84 -4.49
N PHE A 25 -15.52 36.67 -4.26
CA PHE A 25 -15.60 37.49 -3.05
C PHE A 25 -14.26 38.16 -2.78
N MET A 26 -13.59 37.80 -1.68
CA MET A 26 -12.29 38.37 -1.32
C MET A 26 -12.39 39.89 -1.15
N PHE A 27 -13.17 40.30 -0.15
CA PHE A 27 -13.28 41.72 0.20
C PHE A 27 -12.25 42.10 1.25
N ASN A 28 -10.98 41.90 0.92
CA ASN A 28 -9.92 42.12 1.90
C ASN A 28 -8.71 42.89 1.42
N TYR A 29 -8.40 42.94 0.12
CA TYR A 29 -7.11 43.43 -0.36
C TYR A 29 -7.29 44.56 -1.37
N TYR A 30 -8.13 45.54 -1.04
CA TYR A 30 -8.24 46.76 -1.83
C TYR A 30 -8.72 47.89 -0.90
N SER A 31 -8.85 49.08 -1.48
CA SER A 31 -9.31 50.22 -0.70
C SER A 31 -10.75 50.00 -0.24
N GLU A 32 -11.07 50.54 0.94
CA GLU A 32 -12.40 50.36 1.50
C GLU A 32 -13.47 50.92 0.58
N GLY A 33 -13.14 51.95 -0.20
CA GLY A 33 -14.14 52.54 -1.09
C GLY A 33 -14.72 51.53 -2.06
N LYS A 34 -13.89 50.61 -2.55
CA LYS A 34 -14.34 49.58 -3.49
C LYS A 34 -15.06 48.43 -2.80
N LYS A 35 -15.11 48.41 -1.46
CA LYS A 35 -15.73 47.29 -0.77
C LYS A 35 -17.21 47.17 -1.12
N PHE A 36 -17.91 48.32 -1.21
CA PHE A 36 -19.36 48.26 -1.45
C PHE A 36 -19.67 47.82 -2.87
N PRO A 37 -19.22 48.51 -3.93
CA PRO A 37 -19.64 48.10 -5.27
C PRO A 37 -19.20 46.68 -5.65
N HIS A 38 -17.92 46.37 -5.46
CA HIS A 38 -17.42 45.05 -5.83
C HIS A 38 -18.28 43.96 -5.23
N ARG A 39 -18.56 44.06 -3.92
CA ARG A 39 -19.38 43.06 -3.26
C ARG A 39 -20.67 42.83 -4.04
N ILE A 40 -21.39 43.90 -4.37
CA ILE A 40 -22.64 43.76 -5.10
C ILE A 40 -22.41 42.95 -6.37
N TYR A 41 -21.39 43.34 -7.14
CA TYR A 41 -21.08 42.62 -8.37
C TYR A 41 -20.95 41.13 -8.08
N CYS A 42 -20.15 40.78 -7.07
CA CYS A 42 -19.97 39.37 -6.73
C CYS A 42 -21.32 38.70 -6.52
N ILE A 43 -22.16 39.30 -5.68
CA ILE A 43 -23.48 38.71 -5.42
C ILE A 43 -24.20 38.48 -6.73
N VAL A 44 -24.24 39.52 -7.58
CA VAL A 44 -24.95 39.41 -8.84
C VAL A 44 -24.44 38.19 -9.60
N THR A 45 -23.11 38.08 -9.73
CA THR A 45 -22.55 36.95 -10.45
C THR A 45 -23.11 35.65 -9.90
N LEU A 46 -23.01 35.47 -8.58
CA LEU A 46 -23.51 34.24 -7.98
C LEU A 46 -24.94 34.00 -8.40
N LEU A 47 -25.79 35.03 -8.23
CA LEU A 47 -27.18 34.89 -8.63
C LEU A 47 -27.27 34.31 -10.03
N LEU A 48 -26.66 35.00 -11.00
CA LEU A 48 -26.74 34.54 -12.38
C LEU A 48 -26.34 33.08 -12.47
N LEU A 49 -25.18 32.75 -11.91
CA LEU A 49 -24.73 31.36 -11.92
C LEU A 49 -25.85 30.45 -11.45
N LEU A 50 -26.30 30.64 -10.20
CA LEU A 50 -27.34 29.79 -9.66
C LEU A 50 -28.54 29.79 -10.58
N LEU A 51 -28.97 30.97 -11.03
CA LEU A 51 -30.09 31.05 -11.96
C LEU A 51 -29.89 30.06 -13.10
N GLN A 52 -28.80 30.23 -13.85
CA GLN A 52 -28.55 29.34 -14.97
C GLN A 52 -28.46 27.90 -14.50
N TYR A 53 -27.76 27.68 -13.38
CA TYR A 53 -27.66 26.33 -12.84
C TYR A 53 -29.05 25.74 -12.64
N GLY A 54 -29.96 26.52 -12.02
CA GLY A 54 -31.31 26.03 -11.84
C GLY A 54 -31.96 25.64 -13.15
N MET A 55 -31.81 26.49 -14.17
CA MET A 55 -32.40 26.21 -15.46
C MET A 55 -31.82 24.95 -16.08
N MET A 56 -30.59 24.58 -15.71
CA MET A 56 -30.06 23.30 -16.15
C MET A 56 -30.73 22.15 -15.39
N ALA A 57 -30.87 22.29 -14.07
CA ALA A 57 -31.49 21.22 -13.28
C ALA A 57 -32.92 20.98 -13.74
N VAL A 58 -33.67 22.05 -14.00
CA VAL A 58 -35.01 21.90 -14.55
C VAL A 58 -34.94 21.10 -15.85
N ASN A 59 -33.98 21.44 -16.72
CA ASN A 59 -33.85 20.71 -17.98
C ASN A 59 -33.55 19.24 -17.73
N LEU A 60 -32.88 18.93 -16.62
CA LEU A 60 -32.58 17.54 -16.28
C LEU A 60 -33.80 16.80 -15.75
N MET A 61 -34.82 17.52 -15.27
CA MET A 61 -35.99 16.87 -14.70
C MET A 61 -36.83 16.21 -15.79
N MET A 62 -37.11 16.94 -16.88
CA MET A 62 -37.91 16.39 -17.97
C MET A 62 -37.07 15.68 -19.03
N GLU A 63 -35.75 15.64 -18.86
CA GLU A 63 -34.87 14.86 -19.73
C GLU A 63 -34.45 13.56 -19.08
N SER A 64 -35.10 13.15 -17.99
CA SER A 64 -34.76 11.93 -17.29
C SER A 64 -35.51 10.71 -17.80
N ASP A 65 -36.34 10.87 -18.84
CA ASP A 65 -37.03 9.71 -19.41
C ASP A 65 -36.04 8.72 -20.00
N ASP A 66 -35.02 9.21 -20.70
CA ASP A 66 -34.01 8.37 -21.30
C ASP A 66 -32.80 8.24 -20.37
N VAL A 67 -31.95 7.25 -20.67
CA VAL A 67 -30.78 6.99 -19.85
C VAL A 67 -29.56 7.73 -20.37
N ASP A 68 -29.36 7.77 -21.69
CA ASP A 68 -28.19 8.46 -22.25
C ASP A 68 -28.26 9.95 -21.95
N ASP A 69 -29.41 10.57 -22.20
CA ASP A 69 -29.56 12.00 -21.93
C ASP A 69 -29.46 12.29 -20.44
N LEU A 70 -30.02 11.41 -19.60
CA LEU A 70 -29.90 11.59 -18.16
C LEU A 70 -28.45 11.55 -17.72
N THR A 71 -27.68 10.60 -18.26
CA THR A 71 -26.26 10.51 -17.92
C THR A 71 -25.50 11.75 -18.36
N ALA A 72 -25.76 12.22 -19.59
CA ALA A 72 -25.07 13.41 -20.07
C ALA A 72 -25.41 14.63 -19.21
N ASN A 73 -26.70 14.78 -18.87
CA ASN A 73 -27.11 15.90 -18.03
C ASN A 73 -26.48 15.81 -16.65
N THR A 74 -26.40 14.61 -16.08
CA THR A 74 -25.77 14.45 -14.78
C THR A 74 -24.29 14.84 -14.83
N ILE A 75 -23.60 14.42 -15.88
CA ILE A 75 -22.18 14.76 -16.02
C ILE A 75 -22.02 16.28 -16.10
N THR A 76 -22.86 16.92 -16.93
CA THR A 76 -22.79 18.38 -17.04
C THR A 76 -23.09 19.05 -15.71
N MET A 77 -24.09 18.56 -14.99
CA MET A 77 -24.47 19.15 -13.71
C MET A 77 -23.36 19.04 -12.69
N LEU A 78 -22.66 17.90 -12.65
CA LEU A 78 -21.53 17.77 -11.72
C LEU A 78 -20.37 18.68 -12.14
N PHE A 79 -20.08 18.72 -13.44
CA PHE A 79 -19.03 19.59 -13.95
C PHE A 79 -19.26 21.03 -13.52
N PHE A 80 -20.51 21.50 -13.63
CA PHE A 80 -20.85 22.86 -13.26
C PHE A 80 -21.23 23.02 -11.80
N LEU A 81 -21.32 21.91 -11.05
CA LEU A 81 -21.40 21.97 -9.60
C LEU A 81 -20.06 22.28 -8.98
N HIS A 82 -18.98 21.80 -9.60
CA HIS A 82 -17.64 22.09 -9.08
C HIS A 82 -17.48 23.59 -8.76
N PRO A 83 -17.64 24.48 -9.75
CA PRO A 83 -17.41 25.91 -9.46
C PRO A 83 -18.36 26.49 -8.42
N ILE A 84 -19.63 26.07 -8.42
CA ILE A 84 -20.57 26.58 -7.43
C ILE A 84 -20.13 26.18 -6.03
N VAL A 85 -19.72 24.92 -5.86
CA VAL A 85 -19.26 24.45 -4.56
C VAL A 85 -18.04 25.25 -4.12
N LYS A 86 -17.08 25.48 -5.02
CA LYS A 86 -15.90 26.24 -4.65
C LYS A 86 -16.27 27.68 -4.26
N MET A 87 -17.15 28.30 -5.04
CA MET A 87 -17.52 29.69 -4.81
C MET A 87 -18.21 29.86 -3.46
N ILE A 88 -19.11 28.94 -3.12
CA ILE A 88 -19.74 29.00 -1.80
C ILE A 88 -18.74 28.63 -0.71
N TYR A 89 -17.81 27.72 -1.01
CA TYR A 89 -16.88 27.23 0.00
C TYR A 89 -15.95 28.33 0.48
N PHE A 90 -15.46 29.17 -0.43
CA PHE A 90 -14.49 30.18 0.00
C PHE A 90 -15.03 31.11 1.07
N PRO A 91 -16.17 31.79 0.90
CA PRO A 91 -16.59 32.78 1.91
C PRO A 91 -16.82 32.20 3.29
N VAL A 92 -17.35 30.98 3.40
CA VAL A 92 -17.59 30.41 4.72
C VAL A 92 -16.28 30.15 5.44
N ARG A 93 -15.24 29.76 4.69
CA ARG A 93 -13.92 29.49 5.24
C ARG A 93 -12.94 30.64 4.99
N SER A 94 -13.44 31.86 4.80
CA SER A 94 -12.56 32.97 4.49
C SER A 94 -11.55 33.23 5.60
N LYS A 95 -11.91 32.92 6.85
CA LYS A 95 -11.00 33.18 7.96
C LYS A 95 -9.70 32.41 7.81
N ILE A 96 -9.80 31.12 7.52
CA ILE A 96 -8.60 30.30 7.39
C ILE A 96 -7.80 30.70 6.16
N PHE A 97 -8.49 31.06 5.07
CA PHE A 97 -7.79 31.52 3.87
C PHE A 97 -6.98 32.78 4.17
N TYR A 98 -7.59 33.75 4.86
CA TYR A 98 -6.87 34.98 5.18
C TYR A 98 -5.75 34.74 6.17
N LYS A 99 -5.94 33.80 7.11
CA LYS A 99 -4.85 33.44 8.01
C LYS A 99 -3.69 32.85 7.24
N THR A 100 -3.98 31.99 6.26
CA THR A 100 -2.93 31.40 5.43
C THR A 100 -2.19 32.47 4.64
N LEU A 101 -2.93 33.37 4.00
CA LEU A 101 -2.29 34.38 3.16
C LEU A 101 -1.41 35.33 3.95
N ALA A 102 -1.60 35.42 5.26
CA ALA A 102 -0.80 36.29 6.11
C ALA A 102 0.26 35.53 6.90
N ILE A 103 0.52 34.27 6.55
CA ILE A 103 1.46 33.47 7.32
C ILE A 103 2.89 33.96 7.13
N TRP A 104 3.25 34.35 5.91
CA TRP A 104 4.62 34.73 5.59
C TRP A 104 4.84 36.24 5.62
N ASN A 105 4.12 36.95 6.50
CA ASN A 105 4.30 38.39 6.62
C ASN A 105 5.57 38.74 7.39
N ASN A 106 5.96 37.91 8.36
CA ASN A 106 7.13 38.14 9.22
C ASN A 106 8.03 36.91 9.14
N PRO A 107 8.84 36.79 8.09
CA PRO A 107 9.71 35.62 7.97
C PRO A 107 11.07 35.83 8.61
N ASN A 108 11.91 34.79 8.58
CA ASN A 108 13.21 34.82 9.20
C ASN A 108 14.25 35.44 8.26
N SER A 109 15.40 35.82 8.83
CA SER A 109 16.45 36.44 8.05
C SER A 109 17.79 36.21 8.71
N HIS A 110 18.80 35.87 7.90
CA HIS A 110 20.18 35.76 8.33
C HIS A 110 21.06 36.38 7.26
N PRO A 111 22.09 37.15 7.63
CA PRO A 111 22.89 37.83 6.60
C PRO A 111 23.51 36.90 5.58
N LEU A 112 24.00 35.73 6.00
CA LEU A 112 24.74 34.86 5.08
C LEU A 112 23.80 34.20 4.07
N PHE A 113 22.56 33.95 4.45
CA PHE A 113 21.61 33.24 3.60
C PHE A 113 20.59 34.17 2.95
N ALA A 114 20.83 35.48 2.99
CA ALA A 114 19.88 36.44 2.43
C ALA A 114 19.82 36.35 0.91
N GLU A 115 20.98 36.25 0.26
CA GLU A 115 21.02 36.24 -1.19
C GLU A 115 20.27 35.03 -1.77
N SER A 116 20.53 33.86 -1.20
CA SER A 116 19.83 32.65 -1.64
C SER A 116 18.33 32.78 -1.40
N ASN A 117 17.95 33.34 -0.26
CA ASN A 117 16.55 33.54 0.06
C ASN A 117 15.87 34.41 -1.00
N ALA A 118 16.50 35.53 -1.35
CA ALA A 118 15.93 36.43 -2.35
C ALA A 118 15.85 35.75 -3.71
N ARG A 119 16.90 35.03 -4.09
CA ARG A 119 16.90 34.35 -5.39
C ARG A 119 15.77 33.35 -5.47
N PHE A 120 15.59 32.55 -4.42
CA PHE A 120 14.56 31.52 -4.46
C PHE A 120 13.16 32.13 -4.35
N HIS A 121 13.03 33.25 -3.65
CA HIS A 121 11.76 33.96 -3.62
C HIS A 121 11.37 34.45 -5.02
N ALA A 122 12.34 35.04 -5.73
CA ALA A 122 12.08 35.49 -7.09
C ALA A 122 11.73 34.32 -8.00
N LEU A 123 12.43 33.21 -7.85
CA LEU A 123 12.13 32.03 -8.64
C LEU A 123 10.72 31.53 -8.36
N ALA A 124 10.31 31.55 -7.08
CA ALA A 124 8.96 31.15 -6.72
C ALA A 124 7.92 32.06 -7.37
N ILE A 125 8.17 33.36 -7.36
CA ILE A 125 7.23 34.30 -7.97
C ILE A 125 7.09 34.01 -9.46
N THR A 126 8.22 33.79 -10.13
CA THR A 126 8.17 33.52 -11.57
C THR A 126 7.41 32.23 -11.85
N LYS A 127 7.65 31.19 -11.05
CA LYS A 127 6.95 29.93 -11.25
C LYS A 127 5.45 30.09 -11.01
N MET A 128 5.08 30.87 -10.01
CA MET A 128 3.66 31.13 -9.75
C MET A 128 3.01 31.81 -10.94
N ARG A 129 3.67 32.83 -11.49
CA ARG A 129 3.12 33.53 -12.64
C ARG A 129 2.98 32.60 -13.83
N ARG A 130 3.99 31.75 -14.05
CA ARG A 130 3.93 30.79 -15.15
C ARG A 130 2.74 29.85 -14.99
N LEU A 131 2.54 29.34 -13.77
CA LEU A 131 1.42 28.44 -13.51
C LEU A 131 0.09 29.14 -13.77
N LEU A 132 -0.03 30.38 -13.28
CA LEU A 132 -1.27 31.14 -13.49
C LEU A 132 -1.56 31.30 -14.96
N PHE A 133 -0.56 31.71 -15.74
CA PHE A 133 -0.75 31.93 -17.17
C PHE A 133 -1.10 30.62 -17.87
N CYS A 134 -0.44 29.53 -17.50
CA CYS A 134 -0.73 28.24 -18.14
C CYS A 134 -2.16 27.82 -17.88
N VAL A 135 -2.62 27.95 -16.64
CA VAL A 135 -3.98 27.52 -16.31
C VAL A 135 -5.00 28.43 -17.00
N ALA A 136 -4.72 29.73 -17.05
CA ALA A 136 -5.62 30.65 -17.75
C ALA A 136 -5.72 30.30 -19.22
N GLY A 137 -4.57 29.99 -19.85
CA GLY A 137 -4.60 29.59 -21.25
C GLY A 137 -5.37 28.32 -21.48
N ALA A 138 -5.20 27.34 -20.59
CA ALA A 138 -5.95 26.10 -20.71
C ALA A 138 -7.45 26.36 -20.59
N THR A 139 -7.84 27.21 -19.65
CA THR A 139 -9.26 27.55 -19.49
C THR A 139 -9.81 28.23 -20.75
N ILE A 140 -9.05 29.16 -21.31
CA ILE A 140 -9.49 29.86 -22.52
C ILE A 140 -9.64 28.88 -23.66
N PHE A 141 -8.68 27.96 -23.81
CA PHE A 141 -8.74 26.96 -24.86
C PHE A 141 -9.98 26.08 -24.68
N SER A 142 -10.28 25.69 -23.45
CA SER A 142 -11.46 24.88 -23.19
C SER A 142 -12.73 25.63 -23.60
N VAL A 143 -12.82 26.90 -23.24
CA VAL A 143 -13.99 27.70 -23.59
C VAL A 143 -14.14 27.79 -25.11
N ILE A 144 -13.02 28.04 -25.81
CA ILE A 144 -13.07 28.19 -27.26
C ILE A 144 -13.47 26.87 -27.92
N SER A 145 -12.92 25.76 -27.41
CA SER A 145 -13.27 24.46 -27.98
C SER A 145 -14.75 24.16 -27.77
N TRP A 146 -15.28 24.49 -26.60
CA TRP A 146 -16.72 24.32 -26.36
C TRP A 146 -17.53 25.16 -27.35
N THR A 147 -17.15 26.43 -27.51
CA THR A 147 -17.89 27.34 -28.38
C THR A 147 -17.78 26.96 -29.85
N GLY A 148 -16.75 26.21 -30.23
CA GLY A 148 -16.63 25.72 -31.59
C GLY A 148 -17.41 24.44 -31.81
N ILE A 149 -17.28 23.50 -30.87
CA ILE A 149 -17.97 22.22 -31.00
C ILE A 149 -19.47 22.41 -30.96
N THR A 150 -19.96 23.43 -30.25
CA THR A 150 -21.40 23.68 -30.28
C THR A 150 -21.89 24.02 -31.67
N PHE A 151 -21.01 24.53 -32.54
CA PHE A 151 -21.41 25.03 -33.85
C PHE A 151 -21.11 24.04 -34.98
N ILE A 152 -19.97 23.33 -34.93
CA ILE A 152 -19.69 22.39 -36.01
C ILE A 152 -20.69 21.25 -36.00
N GLU A 153 -21.13 20.83 -34.81
CA GLU A 153 -22.08 19.74 -34.70
C GLU A 153 -23.47 20.19 -35.16
N ASP A 154 -24.35 19.20 -35.36
CA ASP A 154 -25.71 19.45 -35.82
C ASP A 154 -26.67 19.36 -34.64
N SER A 155 -27.45 20.42 -34.43
CA SER A 155 -28.41 20.47 -33.33
C SER A 155 -29.65 19.68 -33.73
N VAL A 156 -29.69 18.42 -33.33
CA VAL A 156 -30.79 17.51 -33.65
C VAL A 156 -31.04 16.60 -32.45
N LYS A 157 -32.33 16.30 -32.22
CA LYS A 157 -32.74 15.44 -31.13
C LYS A 157 -33.44 14.21 -31.69
N ARG A 158 -33.09 13.03 -31.19
CA ARG A 158 -33.68 11.78 -31.62
C ARG A 158 -34.82 11.41 -30.68
N ILE A 159 -36.00 11.17 -31.25
CA ILE A 159 -37.18 10.82 -30.46
C ILE A 159 -37.73 9.49 -30.94
N THR A 168 -37.77 9.78 -34.82
CA THR A 168 -38.06 11.09 -35.41
C THR A 168 -36.98 12.10 -35.05
N ILE A 169 -36.86 13.13 -35.87
CA ILE A 169 -35.84 14.18 -35.70
C ILE A 169 -36.55 15.45 -35.25
N ILE A 170 -36.14 15.98 -34.11
CA ILE A 170 -36.71 17.20 -33.53
C ILE A 170 -35.60 18.24 -33.50
N PRO A 171 -35.75 19.39 -34.18
CA PRO A 171 -34.67 20.38 -34.15
C PRO A 171 -34.54 21.08 -32.81
N ILE A 172 -33.48 20.74 -32.07
CA ILE A 172 -33.20 21.33 -30.77
C ILE A 172 -32.56 22.69 -30.96
N PRO A 173 -32.76 23.65 -30.05
CA PRO A 173 -31.99 24.90 -30.14
C PRO A 173 -30.50 24.64 -30.08
N ARG A 174 -29.74 25.44 -30.83
CA ARG A 174 -28.29 25.29 -30.93
C ARG A 174 -27.65 26.14 -29.85
N LEU A 175 -27.47 25.55 -28.67
CA LEU A 175 -26.87 26.22 -27.52
C LEU A 175 -25.68 25.42 -27.02
N MET A 176 -24.74 26.13 -26.39
CA MET A 176 -23.54 25.48 -25.88
C MET A 176 -23.88 24.49 -24.77
N ILE A 177 -24.82 24.86 -23.90
CA ILE A 177 -25.21 24.04 -22.76
C ILE A 177 -26.71 23.74 -22.87
N ARG A 178 -27.05 22.46 -22.73
CA ARG A 178 -28.46 22.07 -22.67
C ARG A 178 -29.15 22.81 -21.53
N THR A 179 -30.32 23.38 -21.82
CA THR A 179 -31.01 24.18 -20.82
C THR A 179 -32.41 24.49 -21.31
N PHE A 180 -33.33 24.64 -20.35
CA PHE A 180 -34.71 25.02 -20.61
C PHE A 180 -34.88 26.51 -20.34
N TYR A 181 -35.38 27.24 -21.32
CA TYR A 181 -35.54 28.68 -21.23
C TYR A 181 -37.01 29.06 -21.41
N PRO A 182 -37.58 29.90 -20.54
CA PRO A 182 -38.97 30.31 -20.75
C PRO A 182 -39.20 30.97 -22.09
N PHE A 183 -38.23 31.74 -22.56
CA PHE A 183 -38.32 32.40 -23.85
C PHE A 183 -37.88 31.45 -24.96
N ASN A 184 -38.24 31.81 -26.20
CA ASN A 184 -37.90 31.00 -27.37
C ASN A 184 -36.44 31.26 -27.70
N ALA A 185 -35.56 30.41 -27.17
CA ALA A 185 -34.12 30.56 -27.37
C ALA A 185 -33.64 29.71 -28.54
N MET A 186 -34.30 29.84 -29.68
CA MET A 186 -33.97 29.05 -30.87
C MET A 186 -33.51 29.89 -32.04
N SER A 187 -34.28 30.90 -32.44
CA SER A 187 -33.96 31.66 -33.65
C SER A 187 -34.01 33.16 -33.43
N GLY A 188 -34.82 33.62 -32.47
CA GLY A 188 -35.01 35.03 -32.23
C GLY A 188 -33.89 35.62 -31.40
N ALA A 189 -34.14 36.84 -30.90
CA ALA A 189 -33.18 37.48 -30.01
C ALA A 189 -32.91 36.65 -28.77
N GLY A 190 -33.86 35.79 -28.39
CA GLY A 190 -33.61 34.88 -27.28
C GLY A 190 -32.43 33.98 -27.55
N HIS A 191 -32.25 33.54 -28.81
CA HIS A 191 -31.12 32.69 -29.15
C HIS A 191 -29.80 33.38 -28.84
N VAL A 192 -29.63 34.61 -29.33
CA VAL A 192 -28.38 35.33 -29.12
C VAL A 192 -28.20 35.65 -27.64
N PHE A 193 -29.27 36.04 -26.95
CA PHE A 193 -29.14 36.32 -25.52
C PHE A 193 -28.69 35.08 -24.77
N ALA A 194 -29.26 33.93 -25.09
CA ALA A 194 -28.88 32.69 -24.43
C ALA A 194 -27.43 32.34 -24.75
N LEU A 195 -27.00 32.56 -25.99
CA LEU A 195 -25.62 32.26 -26.35
C LEU A 195 -24.65 33.11 -25.55
N ILE A 196 -24.91 34.42 -25.45
CA ILE A 196 -24.03 35.30 -24.68
C ILE A 196 -24.06 34.91 -23.20
N TYR A 197 -25.24 34.61 -22.67
CA TYR A 197 -25.34 34.24 -21.26
C TYR A 197 -24.58 32.96 -20.97
N GLN A 198 -24.66 31.98 -21.87
CA GLN A 198 -23.96 30.73 -21.67
C GLN A 198 -22.45 30.92 -21.78
N PHE A 199 -22.00 31.78 -22.71
CA PHE A 199 -20.59 32.10 -22.78
C PHE A 199 -20.10 32.71 -21.47
N TYR A 200 -20.87 33.65 -20.93
CA TYR A 200 -20.50 34.27 -19.66
C TYR A 200 -20.46 33.23 -18.55
N TYR A 201 -21.46 32.35 -18.49
CA TYR A 201 -21.50 31.33 -17.46
C TYR A 201 -20.28 30.42 -17.53
N LEU A 202 -19.96 29.95 -18.73
CA LEU A 202 -18.81 29.06 -18.91
C LEU A 202 -17.54 29.75 -18.45
N VAL A 203 -17.30 30.97 -18.94
CA VAL A 203 -16.07 31.67 -18.59
C VAL A 203 -15.97 31.84 -17.09
N ILE A 204 -17.05 32.30 -16.45
CA ILE A 204 -16.98 32.62 -15.03
C ILE A 204 -16.80 31.36 -14.19
N SER A 205 -17.53 30.29 -14.52
CA SER A 205 -17.42 29.06 -13.74
C SER A 205 -16.01 28.47 -13.84
N MET A 206 -15.51 28.32 -15.07
CA MET A 206 -14.16 27.79 -15.22
C MET A 206 -13.15 28.68 -14.52
N ALA A 207 -13.32 29.99 -14.63
CA ALA A 207 -12.37 30.92 -14.03
C ALA A 207 -12.34 30.77 -12.51
N VAL A 208 -13.51 30.75 -11.87
CA VAL A 208 -13.53 30.66 -10.41
C VAL A 208 -12.91 29.35 -9.94
N SER A 209 -13.32 28.23 -10.54
CA SER A 209 -12.80 26.94 -10.10
C SER A 209 -11.28 26.89 -10.28
N ASN A 210 -10.81 27.20 -11.49
CA ASN A 210 -9.38 27.09 -11.76
C ASN A 210 -8.57 28.10 -10.95
N SER A 211 -9.15 29.26 -10.65
CA SER A 211 -8.42 30.25 -9.85
C SER A 211 -8.22 29.77 -8.42
N LEU A 212 -9.25 29.17 -7.81
CA LEU A 212 -9.04 28.62 -6.48
C LEU A 212 -8.00 27.50 -6.51
N ASP A 213 -8.09 26.62 -7.52
CA ASP A 213 -7.11 25.54 -7.63
C ASP A 213 -5.69 26.10 -7.78
N VAL A 214 -5.53 27.14 -8.61
CA VAL A 214 -4.21 27.73 -8.82
C VAL A 214 -3.71 28.38 -7.55
N LEU A 215 -4.59 28.98 -6.74
CA LEU A 215 -4.14 29.52 -5.47
C LEU A 215 -3.55 28.42 -4.58
N PHE A 216 -4.25 27.28 -4.50
CA PHE A 216 -3.73 26.16 -3.73
C PHE A 216 -2.36 25.72 -4.25
N CYS A 217 -2.25 25.56 -5.57
CA CYS A 217 -0.99 25.10 -6.17
C CYS A 217 0.11 26.13 -5.99
N SER A 218 -0.23 27.42 -5.97
CA SER A 218 0.78 28.46 -5.74
C SER A 218 1.31 28.40 -4.32
N TRP A 219 0.43 28.15 -3.35
CA TRP A 219 0.90 27.91 -1.98
C TRP A 219 1.90 26.76 -1.97
N LEU A 220 1.56 25.66 -2.64
CA LEU A 220 2.46 24.51 -2.66
C LEU A 220 3.79 24.86 -3.33
N LEU A 221 3.75 25.62 -4.42
CA LEU A 221 4.98 26.04 -5.09
C LEU A 221 5.86 26.87 -4.17
N PHE A 222 5.26 27.79 -3.43
CA PHE A 222 6.05 28.59 -2.49
C PHE A 222 6.72 27.70 -1.46
N ALA A 223 5.98 26.72 -0.93
CA ALA A 223 6.58 25.81 0.05
C ALA A 223 7.76 25.05 -0.55
N CYS A 224 7.59 24.54 -1.78
CA CYS A 224 8.67 23.78 -2.41
C CYS A 224 9.90 24.64 -2.63
N GLU A 225 9.71 25.88 -3.10
CA GLU A 225 10.87 26.75 -3.32
C GLU A 225 11.56 27.09 -2.01
N GLN A 226 10.80 27.26 -0.92
CA GLN A 226 11.44 27.51 0.36
C GLN A 226 12.25 26.29 0.82
N LEU A 227 11.74 25.08 0.57
CA LEU A 227 12.51 23.89 0.90
C LEU A 227 13.80 23.83 0.07
N GLN A 228 13.72 24.19 -1.21
CA GLN A 228 14.92 24.22 -2.05
C GLN A 228 15.94 25.21 -1.50
N HIS A 229 15.48 26.38 -1.08
CA HIS A 229 16.38 27.35 -0.46
C HIS A 229 17.02 26.78 0.79
N LEU A 230 16.23 26.05 1.59
CA LEU A 230 16.76 25.45 2.82
C LEU A 230 17.90 24.49 2.50
N LYS A 231 17.71 23.62 1.50
CA LYS A 231 18.78 22.69 1.14
C LYS A 231 20.00 23.43 0.59
N ALA A 232 19.78 24.41 -0.28
CA ALA A 232 20.90 25.17 -0.84
C ALA A 232 21.74 25.79 0.25
N ILE A 233 21.10 26.37 1.27
CA ILE A 233 21.87 26.95 2.37
C ILE A 233 22.37 25.90 3.36
N MET A 234 21.77 24.71 3.39
CA MET A 234 22.34 23.62 4.16
C MET A 234 23.73 23.28 3.66
N LYS A 235 23.91 23.33 2.34
CA LYS A 235 25.22 22.99 1.78
C LYS A 235 26.37 23.79 2.39
N PRO A 236 26.33 25.13 2.46
CA PRO A 236 27.42 25.87 3.10
C PRO A 236 27.33 26.03 4.61
N LEU A 237 26.23 25.63 5.24
CA LEU A 237 26.11 25.74 6.69
C LEU A 237 27.20 24.93 7.38
N MET A 238 27.42 23.70 6.92
CA MET A 238 28.46 22.87 7.52
C MET A 238 29.84 23.44 7.25
N GLU A 239 30.08 23.91 6.02
CA GLU A 239 31.35 24.58 5.74
C GLU A 239 31.60 25.69 6.74
N LEU A 240 30.55 26.45 7.08
CA LEU A 240 30.67 27.45 8.14
C LEU A 240 31.01 26.78 9.47
N SER A 241 30.39 25.63 9.75
CA SER A 241 30.65 24.95 11.02
C SER A 241 32.05 24.35 11.05
N ALA A 242 32.44 23.66 9.99
CA ALA A 242 33.72 22.96 9.98
C ALA A 242 34.87 23.96 9.86
N THR A 243 35.84 23.83 10.77
CA THR A 243 37.02 24.69 10.75
C THR A 243 38.05 24.17 11.74
N GLY A 313 39.32 24.54 19.64
CA GLY A 313 39.29 24.77 18.21
C GLY A 313 38.51 26.01 17.83
N LEU A 314 37.20 25.85 17.65
CA LEU A 314 36.35 26.98 17.29
C LEU A 314 36.35 28.02 18.40
N THR A 315 36.48 29.29 18.01
CA THR A 315 36.37 30.37 18.96
C THR A 315 34.91 30.63 19.31
N LYS A 316 34.69 31.44 20.34
CA LYS A 316 33.33 31.71 20.80
C LYS A 316 32.51 32.35 19.70
N LYS A 317 33.09 33.29 18.95
CA LYS A 317 32.36 33.95 17.87
C LYS A 317 31.92 32.94 16.82
N GLN A 318 32.80 32.01 16.45
CA GLN A 318 32.43 31.02 15.45
C GLN A 318 31.31 30.12 15.97
N GLU A 319 31.39 29.72 17.24
CA GLU A 319 30.32 28.89 17.81
C GLU A 319 28.99 29.63 17.81
N MET A 320 29.01 30.92 18.16
CA MET A 320 27.78 31.70 18.13
C MET A 320 27.24 31.81 16.70
N LEU A 321 28.14 31.98 15.73
CA LEU A 321 27.71 32.05 14.34
C LEU A 321 27.04 30.75 13.89
N VAL A 322 27.63 29.62 14.27
CA VAL A 322 27.03 28.33 13.93
C VAL A 322 25.68 28.18 14.60
N ARG A 323 25.58 28.62 15.86
CA ARG A 323 24.30 28.54 16.56
C ARG A 323 23.24 29.37 15.85
N SER A 324 23.60 30.59 15.43
CA SER A 324 22.65 31.43 14.72
C SER A 324 22.23 30.80 13.40
N ALA A 325 23.18 30.21 12.66
CA ALA A 325 22.84 29.57 11.39
C ALA A 325 21.90 28.39 11.61
N ILE A 326 22.17 27.57 12.63
CA ILE A 326 21.30 26.43 12.91
C ILE A 326 19.92 26.91 13.32
N LYS A 327 19.85 27.96 14.14
CA LYS A 327 18.57 28.52 14.53
C LYS A 327 17.79 28.99 13.31
N TYR A 328 18.47 29.70 12.40
CA TYR A 328 17.80 30.15 11.18
C TYR A 328 17.25 28.97 10.38
N TRP A 329 18.08 27.94 10.17
CA TRP A 329 17.63 26.80 9.38
C TRP A 329 16.41 26.14 10.01
N VAL A 330 16.49 25.85 11.32
CA VAL A 330 15.40 25.15 11.99
C VAL A 330 14.13 25.98 11.99
N GLU A 331 14.24 27.28 12.28
CA GLU A 331 13.06 28.13 12.34
C GLU A 331 12.42 28.29 10.96
N ARG A 332 13.23 28.42 9.90
CA ARG A 332 12.65 28.50 8.57
C ARG A 332 11.96 27.20 8.18
N HIS A 333 12.55 26.06 8.55
CA HIS A 333 11.89 24.78 8.30
C HIS A 333 10.56 24.71 9.05
N LYS A 334 10.54 25.17 10.30
CA LYS A 334 9.30 25.18 11.06
C LYS A 334 8.26 26.10 10.44
N HIS A 335 8.71 27.24 9.90
CA HIS A 335 7.78 28.13 9.20
C HIS A 335 7.18 27.45 7.98
N VAL A 336 7.99 26.72 7.21
CA VAL A 336 7.47 25.97 6.07
C VAL A 336 6.46 24.94 6.56
N VAL A 337 6.74 24.29 7.69
CA VAL A 337 5.82 23.31 8.24
C VAL A 337 4.49 23.97 8.59
N ARG A 338 4.56 25.15 9.22
CA ARG A 338 3.35 25.88 9.57
C ARG A 338 2.55 26.25 8.33
N LEU A 339 3.24 26.69 7.27
CA LEU A 339 2.56 27.05 6.04
C LEU A 339 1.85 25.84 5.44
N VAL A 340 2.52 24.68 5.44
CA VAL A 340 1.89 23.48 4.89
C VAL A 340 0.68 23.09 5.72
N THR A 341 0.79 23.16 7.04
CA THR A 341 -0.34 22.82 7.90
C THR A 341 -1.52 23.76 7.65
N ALA A 342 -1.24 25.06 7.51
CA ALA A 342 -2.32 26.02 7.26
C ALA A 342 -2.97 25.76 5.91
N VAL A 343 -2.18 25.46 4.88
CA VAL A 343 -2.75 25.16 3.57
C VAL A 343 -3.63 23.92 3.64
N GLY A 344 -3.17 22.89 4.35
CA GLY A 344 -3.99 21.70 4.52
C GLY A 344 -5.29 22.01 5.23
N ASP A 345 -5.22 22.78 6.32
CA ASP A 345 -6.43 23.18 7.02
C ASP A 345 -7.40 23.90 6.08
N ALA A 346 -6.87 24.80 5.26
CA ALA A 346 -7.73 25.59 4.39
C ALA A 346 -8.40 24.73 3.32
N TYR A 347 -7.67 23.80 2.71
CA TYR A 347 -8.13 23.17 1.48
C TYR A 347 -8.42 21.67 1.59
N GLY A 348 -8.37 21.08 2.78
CA GLY A 348 -8.63 19.65 2.87
C GLY A 348 -10.05 19.30 2.50
N VAL A 349 -11.02 20.04 3.03
CA VAL A 349 -12.43 19.75 2.72
C VAL A 349 -12.71 20.05 1.26
N ALA A 350 -12.07 21.08 0.71
CA ALA A 350 -12.25 21.37 -0.71
C ALA A 350 -11.75 20.23 -1.57
N LEU A 351 -10.58 19.67 -1.23
CA LEU A 351 -10.08 18.51 -1.97
C LEU A 351 -11.02 17.32 -1.83
N LEU A 352 -11.54 17.11 -0.62
CA LEU A 352 -12.44 15.99 -0.39
C LEU A 352 -13.69 16.11 -1.26
N LEU A 353 -14.29 17.31 -1.29
CA LEU A 353 -15.49 17.51 -2.10
C LEU A 353 -15.18 17.40 -3.59
N HIS A 354 -14.03 17.93 -4.02
CA HIS A 354 -13.64 17.82 -5.42
C HIS A 354 -13.54 16.36 -5.84
N MET A 355 -12.87 15.54 -5.03
CA MET A 355 -12.74 14.13 -5.37
C MET A 355 -14.07 13.39 -5.27
N LEU A 356 -14.92 13.78 -4.32
CA LEU A 356 -16.25 13.18 -4.24
C LEU A 356 -17.03 13.40 -5.52
N THR A 357 -17.07 14.64 -6.00
CA THR A 357 -17.77 14.91 -7.26
C THR A 357 -17.09 14.21 -8.43
N THR A 358 -15.76 14.22 -8.45
CA THR A 358 -15.03 13.59 -9.53
C THR A 358 -15.41 12.12 -9.67
N THR A 359 -15.33 11.36 -8.57
CA THR A 359 -15.64 9.94 -8.63
C THR A 359 -16.90 9.65 -9.44
N ILE A 360 -18.00 10.33 -9.11
CA ILE A 360 -19.25 10.12 -9.84
C ILE A 360 -19.11 10.58 -11.29
N THR A 361 -18.45 11.72 -11.51
CA THR A 361 -18.28 12.21 -12.88
C THR A 361 -17.55 11.18 -13.73
N LEU A 362 -16.49 10.59 -13.18
CA LEU A 362 -15.68 9.61 -13.91
C LEU A 362 -16.44 8.31 -14.12
N THR A 363 -17.27 7.91 -13.15
CA THR A 363 -18.12 6.73 -13.37
C THR A 363 -19.04 6.95 -14.56
N LEU A 364 -19.76 8.08 -14.55
CA LEU A 364 -20.67 8.36 -15.66
C LEU A 364 -19.90 8.53 -16.97
N LEU A 365 -18.68 9.06 -16.91
CA LEU A 365 -17.88 9.23 -18.11
C LEU A 365 -17.38 7.90 -18.65
N ALA A 366 -17.07 6.94 -17.78
CA ALA A 366 -16.75 5.60 -18.24
C ALA A 366 -17.94 4.97 -18.95
N TYR A 367 -19.14 5.13 -18.38
CA TYR A 367 -20.32 4.62 -19.07
C TYR A 367 -20.49 5.30 -20.43
N GLN A 368 -20.26 6.61 -20.49
CA GLN A 368 -20.39 7.32 -21.75
C GLN A 368 -19.36 6.84 -22.77
N ALA A 369 -18.12 6.63 -22.34
CA ALA A 369 -17.08 6.16 -23.23
C ALA A 369 -17.36 4.75 -23.73
N THR A 370 -18.11 3.96 -22.95
CA THR A 370 -18.50 2.64 -23.43
C THR A 370 -19.24 2.69 -24.76
N LYS A 371 -19.89 3.81 -25.07
CA LYS A 371 -20.71 3.94 -26.28
C LYS A 371 -19.98 4.65 -27.42
N VAL A 372 -18.67 4.87 -27.30
CA VAL A 372 -17.92 5.58 -28.33
C VAL A 372 -17.64 4.64 -29.49
N ASN A 373 -18.06 5.02 -30.69
CA ASN A 373 -17.78 4.25 -31.91
C ASN A 373 -17.53 5.23 -33.05
N GLY A 374 -16.27 5.57 -33.27
CA GLY A 374 -15.86 6.47 -34.34
C GLY A 374 -15.06 7.63 -33.80
N VAL A 375 -14.91 8.65 -34.66
CA VAL A 375 -14.17 9.86 -34.32
C VAL A 375 -15.10 11.06 -34.47
N ASN A 376 -16.38 10.85 -34.20
CA ASN A 376 -17.38 11.89 -34.39
C ASN A 376 -17.35 12.87 -33.21
N VAL A 377 -18.34 13.76 -33.15
CA VAL A 377 -18.35 14.81 -32.13
C VAL A 377 -18.55 14.22 -30.74
N TYR A 378 -19.36 13.17 -30.62
CA TYR A 378 -19.60 12.58 -29.31
C TYR A 378 -18.29 12.11 -28.68
N ALA A 379 -17.43 11.47 -29.46
CA ALA A 379 -16.13 11.06 -28.95
C ALA A 379 -15.33 12.25 -28.49
N ALA A 380 -15.37 13.35 -29.25
CA ALA A 380 -14.62 14.54 -28.85
C ALA A 380 -15.12 15.09 -27.53
N THR A 381 -16.45 15.14 -27.35
CA THR A 381 -17.00 15.66 -26.10
C THR A 381 -16.63 14.78 -24.91
N VAL A 382 -16.73 13.45 -25.08
CA VAL A 382 -16.37 12.54 -24.00
C VAL A 382 -14.89 12.70 -23.65
N ILE A 383 -14.04 12.77 -24.67
CA ILE A 383 -12.60 12.93 -24.45
C ILE A 383 -12.32 14.25 -23.73
N GLY A 384 -13.03 15.31 -24.11
CA GLY A 384 -12.82 16.58 -23.45
C GLY A 384 -13.21 16.55 -21.98
N TYR A 385 -14.37 15.94 -21.67
CA TYR A 385 -14.78 15.83 -20.27
C TYR A 385 -13.75 15.04 -19.47
N LEU A 386 -13.33 13.89 -20.00
CA LEU A 386 -12.33 13.08 -19.30
C LEU A 386 -11.04 13.86 -19.11
N LEU A 387 -10.59 14.55 -20.15
CA LEU A 387 -9.33 15.29 -20.08
C LEU A 387 -9.41 16.38 -19.04
N TYR A 388 -10.51 17.12 -18.98
CA TYR A 388 -10.63 18.21 -18.01
C TYR A 388 -10.64 17.66 -16.58
N THR A 389 -11.45 16.63 -16.33
CA THR A 389 -11.52 16.10 -14.97
C THR A 389 -10.16 15.56 -14.53
N LEU A 390 -9.55 14.71 -15.37
CA LEU A 390 -8.26 14.14 -15.02
C LEU A 390 -7.18 15.21 -14.96
N GLY A 391 -7.34 16.32 -15.70
CA GLY A 391 -6.36 17.39 -15.62
C GLY A 391 -6.41 18.12 -14.30
N GLN A 392 -7.61 18.37 -13.77
CA GLN A 392 -7.72 18.95 -12.45
C GLN A 392 -7.09 18.03 -11.40
N VAL A 393 -7.47 16.75 -11.44
CA VAL A 393 -6.90 15.79 -10.50
C VAL A 393 -5.38 15.77 -10.62
N PHE A 394 -4.89 15.77 -11.86
CA PHE A 394 -3.46 15.65 -12.13
C PHE A 394 -2.70 16.87 -11.64
N LEU A 395 -3.28 18.07 -11.79
CA LEU A 395 -2.63 19.26 -11.27
C LEU A 395 -2.47 19.18 -9.75
N PHE A 396 -3.57 18.87 -9.05
CA PHE A 396 -3.48 18.73 -7.60
C PHE A 396 -2.42 17.71 -7.21
N CYS A 397 -2.44 16.54 -7.88
CA CYS A 397 -1.53 15.46 -7.51
C CYS A 397 -0.09 15.82 -7.84
N ILE A 398 0.14 16.49 -8.97
CA ILE A 398 1.50 16.91 -9.33
C ILE A 398 2.08 17.75 -8.22
N PHE A 399 1.34 18.76 -7.76
CA PHE A 399 1.95 19.66 -6.78
C PHE A 399 2.05 19.01 -5.40
N GLY A 400 1.11 18.15 -5.04
CA GLY A 400 1.28 17.38 -3.81
C GLY A 400 2.52 16.51 -3.85
N ASN A 401 2.72 15.80 -4.96
CA ASN A 401 3.89 14.95 -5.10
C ASN A 401 5.18 15.78 -5.06
N ARG A 402 5.17 16.97 -5.66
CA ARG A 402 6.34 17.84 -5.59
C ARG A 402 6.66 18.21 -4.16
N LEU A 403 5.65 18.57 -3.37
CA LEU A 403 5.89 18.89 -1.97
C LEU A 403 6.49 17.69 -1.23
N ILE A 404 5.92 16.51 -1.46
CA ILE A 404 6.41 15.30 -0.79
C ILE A 404 7.88 15.06 -1.14
N GLU A 405 8.20 15.15 -2.44
CA GLU A 405 9.55 14.84 -2.89
C GLU A 405 10.56 15.84 -2.35
N GLU A 406 10.22 17.13 -2.33
CA GLU A 406 11.15 18.12 -1.77
C GLU A 406 11.40 17.86 -0.29
N SER A 407 10.32 17.62 0.46
CA SER A 407 10.48 17.38 1.89
C SER A 407 11.33 16.14 2.14
N SER A 408 11.13 15.09 1.33
CA SER A 408 11.95 13.88 1.49
C SER A 408 13.41 14.17 1.15
N SER A 409 13.66 14.86 0.03
CA SER A 409 15.02 15.13 -0.43
C SER A 409 15.78 16.06 0.50
N VAL A 410 15.10 16.71 1.44
CA VAL A 410 15.83 17.50 2.43
C VAL A 410 16.91 16.65 3.10
N MET A 411 16.63 15.37 3.36
CA MET A 411 17.62 14.55 4.05
C MET A 411 18.80 14.23 3.14
N GLU A 412 18.54 13.93 1.86
CA GLU A 412 19.64 13.73 0.93
C GLU A 412 20.51 14.96 0.85
N ALA A 413 19.91 16.15 0.89
CA ALA A 413 20.69 17.37 0.93
C ALA A 413 21.52 17.47 2.20
N ALA A 414 20.93 17.07 3.33
CA ALA A 414 21.65 17.18 4.61
C ALA A 414 22.81 16.20 4.69
N TYR A 415 22.69 15.02 4.07
CA TYR A 415 23.74 14.02 4.13
C TYR A 415 24.91 14.34 3.22
N SER A 416 24.65 14.96 2.07
CA SER A 416 25.67 15.13 1.03
C SER A 416 26.73 16.15 1.40
N CYS A 417 26.55 16.94 2.45
CA CYS A 417 27.57 17.88 2.86
C CYS A 417 28.62 17.17 3.73
N HIS A 418 29.64 17.91 4.15
CA HIS A 418 30.71 17.36 4.97
C HIS A 418 30.33 17.40 6.44
N TRP A 419 29.27 16.67 6.78
CA TRP A 419 28.74 16.69 8.13
C TRP A 419 29.66 16.01 9.14
N TYR A 420 30.70 15.31 8.69
CA TYR A 420 31.60 14.61 9.61
C TYR A 420 32.77 15.49 10.06
N ASP A 421 33.06 16.57 9.35
CA ASP A 421 34.09 17.50 9.76
C ASP A 421 33.56 18.63 10.63
N GLY A 422 32.24 18.74 10.80
CA GLY A 422 31.68 19.81 11.58
C GLY A 422 31.83 19.58 13.08
N SER A 423 31.41 20.58 13.84
CA SER A 423 31.47 20.47 15.29
C SER A 423 30.37 19.53 15.79
N GLU A 424 30.44 19.20 17.08
CA GLU A 424 29.46 18.28 17.64
C GLU A 424 28.05 18.83 17.52
N GLU A 425 27.88 20.14 17.78
CA GLU A 425 26.56 20.74 17.70
C GLU A 425 25.98 20.63 16.30
N ALA A 426 26.81 20.90 15.28
CA ALA A 426 26.33 20.79 13.91
C ALA A 426 25.99 19.35 13.56
N LYS A 427 26.75 18.40 14.09
CA LYS A 427 26.45 16.99 13.81
C LYS A 427 25.14 16.57 14.44
N THR A 428 24.86 17.01 15.67
CA THR A 428 23.56 16.73 16.28
C THR A 428 22.45 17.41 15.52
N PHE A 429 22.70 18.62 15.01
CA PHE A 429 21.72 19.31 14.19
C PHE A 429 21.37 18.50 12.95
N VAL A 430 22.39 18.00 12.26
CA VAL A 430 22.16 17.17 11.08
C VAL A 430 21.41 15.90 11.45
N GLN A 431 21.79 15.28 12.57
CA GLN A 431 21.11 14.06 13.01
C GLN A 431 19.62 14.30 13.21
N ILE A 432 19.28 15.33 13.99
CA ILE A 432 17.88 15.59 14.30
C ILE A 432 17.12 16.00 13.04
N VAL A 433 17.77 16.73 12.13
CA VAL A 433 17.11 17.10 10.89
C VAL A 433 16.79 15.86 10.06
N CYS A 434 17.72 14.90 10.01
CA CYS A 434 17.46 13.66 9.28
C CYS A 434 16.33 12.89 9.92
N GLN A 435 16.33 12.80 11.25
CA GLN A 435 15.23 12.11 11.95
C GLN A 435 13.89 12.77 11.62
N GLN A 436 13.85 14.10 11.60
CA GLN A 436 12.63 14.80 11.24
C GLN A 436 12.24 14.53 9.79
N CYS A 437 13.21 14.49 8.89
CA CYS A 437 12.97 14.30 7.47
C CYS A 437 12.74 12.85 7.09
N GLN A 438 12.74 11.93 8.05
CA GLN A 438 12.34 10.56 7.75
C GLN A 438 10.98 10.51 7.11
N LYS A 439 10.10 11.47 7.42
CA LYS A 439 8.76 11.55 6.85
C LYS A 439 8.62 12.83 6.03
N ALA A 440 7.74 12.77 5.04
CA ALA A 440 7.56 13.83 4.07
C ALA A 440 6.25 14.57 4.32
N MET A 441 6.29 15.90 4.22
CA MET A 441 5.08 16.68 4.33
C MET A 441 4.16 16.39 3.14
N SER A 442 2.86 16.33 3.41
CA SER A 442 1.87 16.04 2.39
C SER A 442 0.56 16.71 2.76
N ILE A 443 -0.29 16.90 1.76
CA ILE A 443 -1.62 17.48 1.94
C ILE A 443 -2.62 16.34 1.79
N SER A 444 -3.56 16.25 2.73
CA SER A 444 -4.56 15.20 2.73
C SER A 444 -5.95 15.80 2.58
N GLY A 445 -6.81 15.05 1.92
CA GLY A 445 -8.19 15.47 1.75
C GLY A 445 -9.03 15.16 2.96
N ALA A 446 -8.86 15.95 4.02
CA ALA A 446 -9.56 15.72 5.29
C ALA A 446 -9.23 14.36 5.87
N LYS A 447 -7.98 13.95 5.73
CA LYS A 447 -7.42 12.74 6.33
C LYS A 447 -7.95 11.46 5.68
N PHE A 448 -8.60 11.55 4.52
CA PHE A 448 -9.09 10.37 3.82
C PHE A 448 -8.17 9.93 2.70
N PHE A 449 -7.30 10.81 2.21
CA PHE A 449 -6.32 10.46 1.18
C PHE A 449 -5.29 11.57 1.14
N THR A 450 -4.20 11.32 0.43
CA THR A 450 -3.15 12.31 0.22
C THR A 450 -3.03 12.61 -1.27
N VAL A 451 -2.70 13.86 -1.58
CA VAL A 451 -2.54 14.29 -2.97
C VAL A 451 -1.13 13.90 -3.41
N SER A 452 -1.04 12.97 -4.36
CA SER A 452 0.22 12.53 -4.92
C SER A 452 -0.07 11.87 -6.25
N LEU A 453 0.98 11.71 -7.07
CA LEU A 453 0.81 11.03 -8.34
C LEU A 453 0.28 9.61 -8.14
N ASP A 454 0.51 9.02 -6.96
CA ASP A 454 -0.09 7.73 -6.64
C ASP A 454 -1.61 7.84 -6.61
N LEU A 455 -2.14 8.92 -6.04
CA LEU A 455 -3.58 9.11 -6.02
C LEU A 455 -4.14 9.24 -7.44
N PHE A 456 -3.46 9.99 -8.30
CA PHE A 456 -3.90 10.11 -9.69
C PHE A 456 -3.86 8.75 -10.38
N ALA A 457 -2.79 7.98 -10.15
CA ALA A 457 -2.71 6.66 -10.75
C ALA A 457 -3.83 5.76 -10.28
N SER A 458 -4.15 5.82 -8.98
CA SER A 458 -5.24 5.01 -8.44
C SER A 458 -6.58 5.40 -9.05
N VAL A 459 -6.83 6.70 -9.17
CA VAL A 459 -8.09 7.16 -9.77
C VAL A 459 -8.19 6.70 -11.22
N LEU A 460 -7.09 6.86 -11.98
CA LEU A 460 -7.10 6.46 -13.38
C LEU A 460 -7.31 4.96 -13.52
N GLY A 461 -6.63 4.17 -12.68
CA GLY A 461 -6.84 2.73 -12.71
C GLY A 461 -8.26 2.34 -12.34
N ALA A 462 -8.85 3.06 -11.38
CA ALA A 462 -10.23 2.77 -10.99
C ALA A 462 -11.19 3.02 -12.14
N VAL A 463 -11.02 4.14 -12.84
CA VAL A 463 -11.92 4.43 -13.95
C VAL A 463 -11.71 3.43 -15.08
N VAL A 464 -10.45 3.07 -15.35
CA VAL A 464 -10.19 2.08 -16.40
C VAL A 464 -10.81 0.74 -16.03
N THR A 465 -10.68 0.33 -14.76
CA THR A 465 -11.26 -0.92 -14.31
C THR A 465 -12.78 -0.91 -14.44
N TYR A 466 -13.41 0.21 -14.09
CA TYR A 466 -14.85 0.30 -14.22
C TYR A 466 -15.27 0.20 -15.68
N PHE A 467 -14.51 0.83 -16.58
CA PHE A 467 -14.82 0.70 -18.00
C PHE A 467 -14.68 -0.75 -18.46
N MET A 468 -13.63 -1.43 -18.01
CA MET A 468 -13.44 -2.83 -18.37
C MET A 468 -14.61 -3.68 -17.87
N VAL A 469 -15.05 -3.44 -16.64
CA VAL A 469 -16.18 -4.19 -16.09
C VAL A 469 -17.44 -3.91 -16.90
N LEU A 470 -17.67 -2.65 -17.24
CA LEU A 470 -18.85 -2.29 -18.03
C LEU A 470 -18.86 -3.02 -19.36
N VAL A 471 -17.71 -3.05 -20.05
CA VAL A 471 -17.68 -3.68 -21.37
C VAL A 471 -17.78 -5.20 -21.24
N GLN A 472 -17.22 -5.77 -20.17
CA GLN A 472 -17.24 -7.22 -20.01
C GLN A 472 -18.63 -7.72 -19.64
N LEU A 473 -19.29 -7.07 -18.68
CA LEU A 473 -20.58 -7.56 -18.20
C LEU A 473 -21.64 -7.52 -19.29
N LYS A 474 -21.66 -6.45 -20.10
CA LYS A 474 -22.64 -6.32 -21.15
C LYS A 474 -22.52 -7.47 -22.15
N LYS B 4 -14.95 3.43 42.26
CA LYS B 4 -15.57 4.73 41.92
C LYS B 4 -14.88 5.87 42.66
N HIS B 5 -13.60 5.67 43.00
CA HIS B 5 -12.83 6.68 43.71
C HIS B 5 -11.51 6.98 43.02
N GLN B 6 -10.93 5.98 42.34
CA GLN B 6 -9.63 6.11 41.73
C GLN B 6 -9.76 6.58 40.28
N GLY B 7 -8.65 7.12 39.76
CA GLY B 7 -8.68 7.73 38.45
C GLY B 7 -9.00 6.73 37.35
N LEU B 8 -9.59 7.24 36.28
CA LEU B 8 -10.02 6.54 35.08
C LEU B 8 -11.28 5.71 35.32
N VAL B 9 -11.76 5.61 36.56
CA VAL B 9 -13.06 5.04 36.87
C VAL B 9 -14.00 6.09 37.43
N ALA B 10 -13.48 7.00 38.26
CA ALA B 10 -14.25 8.18 38.63
C ALA B 10 -14.55 9.05 37.41
N ASP B 11 -13.57 9.18 36.52
CA ASP B 11 -13.77 9.96 35.29
C ASP B 11 -14.84 9.31 34.42
N LEU B 12 -14.81 7.98 34.30
CA LEU B 12 -15.75 7.25 33.48
C LEU B 12 -16.99 6.80 34.24
N LEU B 13 -17.16 7.26 35.47
CA LEU B 13 -18.24 6.76 36.32
C LEU B 13 -19.62 6.86 35.67
N PRO B 14 -19.99 7.97 35.00
CA PRO B 14 -21.29 7.98 34.31
C PRO B 14 -21.42 6.84 33.30
N ASN B 15 -20.37 6.56 32.55
CA ASN B 15 -20.43 5.49 31.55
C ASN B 15 -20.62 4.13 32.24
N ILE B 16 -19.89 3.89 33.33
CA ILE B 16 -20.01 2.63 34.05
C ILE B 16 -21.42 2.48 34.61
N ARG B 17 -21.97 3.57 35.17
CA ARG B 17 -23.32 3.52 35.71
C ARG B 17 -24.34 3.23 34.62
N VAL B 18 -24.19 3.86 33.45
CA VAL B 18 -25.10 3.57 32.35
C VAL B 18 -25.01 2.11 31.95
N MET B 19 -23.78 1.61 31.80
CA MET B 19 -23.58 0.20 31.42
C MET B 19 -24.26 -0.73 32.41
N GLN B 20 -24.04 -0.49 33.71
CA GLN B 20 -24.67 -1.34 34.72
C GLN B 20 -26.18 -1.23 34.66
N GLY B 21 -26.70 -0.02 34.45
CA GLY B 21 -28.14 0.16 34.40
C GLY B 21 -28.78 -0.62 33.27
N VAL B 22 -28.14 -0.64 32.09
CA VAL B 22 -28.75 -1.37 30.97
C VAL B 22 -28.49 -2.86 31.04
N GLY B 23 -27.62 -3.30 31.93
CA GLY B 23 -27.37 -4.72 32.12
C GLY B 23 -26.01 -5.23 31.67
N HIS B 24 -25.00 -4.36 31.57
CA HIS B 24 -23.68 -4.82 31.17
C HIS B 24 -22.91 -5.35 32.37
N PHE B 25 -23.53 -6.27 33.12
CA PHE B 25 -22.91 -6.91 34.27
C PHE B 25 -22.13 -5.88 35.09
N MET B 26 -20.80 -5.99 35.12
CA MET B 26 -19.96 -5.02 35.84
C MET B 26 -20.30 -5.00 37.32
N PHE B 27 -20.08 -6.13 37.98
CA PHE B 27 -20.30 -6.25 39.42
C PHE B 27 -19.01 -5.92 40.18
N ASN B 28 -18.51 -4.70 39.99
CA ASN B 28 -17.23 -4.31 40.56
C ASN B 28 -17.20 -2.95 41.24
N TYR B 29 -18.09 -2.02 40.89
CA TYR B 29 -17.90 -0.64 41.32
C TYR B 29 -19.09 -0.08 42.10
N TYR B 30 -19.60 -0.85 43.05
CA TYR B 30 -20.62 -0.36 43.96
C TYR B 30 -20.51 -1.15 45.27
N SER B 31 -21.39 -0.81 46.22
CA SER B 31 -21.39 -1.51 47.49
C SER B 31 -21.73 -2.98 47.30
N GLU B 32 -21.11 -3.83 48.12
CA GLU B 32 -21.35 -5.26 48.01
C GLU B 32 -22.82 -5.61 48.18
N GLY B 33 -23.56 -4.80 48.93
CA GLY B 33 -24.97 -5.10 49.16
C GLY B 33 -25.76 -5.20 47.88
N LYS B 34 -25.43 -4.35 46.91
CA LYS B 34 -26.13 -4.35 45.62
C LYS B 34 -25.65 -5.44 44.68
N LYS B 35 -24.61 -6.20 45.06
CA LYS B 35 -24.10 -7.22 44.16
C LYS B 35 -25.15 -8.29 43.87
N PHE B 36 -25.91 -8.70 44.89
CA PHE B 36 -26.88 -9.76 44.69
C PHE B 36 -28.05 -9.32 43.80
N PRO B 37 -28.84 -8.32 44.18
CA PRO B 37 -30.01 -7.98 43.35
C PRO B 37 -29.64 -7.58 41.93
N HIS B 38 -28.69 -6.66 41.77
CA HIS B 38 -28.32 -6.19 40.44
C HIS B 38 -28.02 -7.36 39.51
N ARG B 39 -27.20 -8.30 39.98
CA ARG B 39 -26.86 -9.44 39.16
C ARG B 39 -28.11 -10.09 38.58
N ILE B 40 -29.09 -10.38 39.43
CA ILE B 40 -30.30 -11.04 38.95
C ILE B 40 -30.90 -10.23 37.82
N TYR B 41 -31.06 -8.91 38.04
CA TYR B 41 -31.61 -8.07 36.99
C TYR B 41 -30.87 -8.27 35.69
N CYS B 42 -29.54 -8.19 35.74
CA CYS B 42 -28.75 -8.37 34.53
C CYS B 42 -29.12 -9.67 33.84
N ILE B 43 -29.09 -10.77 34.59
CA ILE B 43 -29.41 -12.06 34.00
C ILE B 43 -30.76 -11.99 33.31
N VAL B 44 -31.76 -11.45 34.01
CA VAL B 44 -33.10 -11.40 33.44
C VAL B 44 -33.04 -10.68 32.11
N THR B 45 -32.42 -9.50 32.08
CA THR B 45 -32.34 -8.76 30.83
C THR B 45 -31.76 -9.64 29.74
N LEU B 46 -30.61 -10.26 30.01
CA LEU B 46 -30.01 -11.13 29.01
C LEU B 46 -31.02 -12.15 28.53
N LEU B 47 -31.64 -12.87 29.48
CA LEU B 47 -32.69 -13.82 29.12
C LEU B 47 -33.67 -13.18 28.16
N LEU B 48 -34.30 -12.08 28.61
CA LEU B 48 -35.30 -11.43 27.78
C LEU B 48 -34.73 -11.17 26.39
N LEU B 49 -33.55 -10.56 26.33
CA LEU B 49 -32.92 -10.32 25.04
C LEU B 49 -32.91 -11.60 24.22
N LEU B 50 -32.21 -12.62 24.72
CA LEU B 50 -32.16 -13.89 24.00
C LEU B 50 -33.56 -14.37 23.69
N LEU B 51 -34.45 -14.31 24.69
CA LEU B 51 -35.83 -14.73 24.49
C LEU B 51 -36.37 -14.08 23.21
N GLN B 52 -36.38 -12.74 23.19
CA GLN B 52 -36.89 -12.06 22.00
C GLN B 52 -36.11 -12.47 20.77
N TYR B 53 -34.78 -12.47 20.86
CA TYR B 53 -33.96 -12.86 19.72
C TYR B 53 -34.41 -14.20 19.18
N GLY B 54 -34.75 -15.13 20.07
CA GLY B 54 -35.19 -16.43 19.61
C GLY B 54 -36.35 -16.35 18.65
N MET B 55 -37.41 -15.63 19.05
CA MET B 55 -38.59 -15.58 18.19
C MET B 55 -38.28 -14.82 16.89
N MET B 56 -37.24 -14.00 16.88
CA MET B 56 -36.81 -13.40 15.63
C MET B 56 -36.22 -14.47 14.71
N ALA B 57 -35.31 -15.29 15.24
CA ALA B 57 -34.72 -16.34 14.43
C ALA B 57 -35.79 -17.27 13.87
N VAL B 58 -36.74 -17.68 14.73
CA VAL B 58 -37.83 -18.52 14.25
C VAL B 58 -38.57 -17.82 13.13
N ASN B 59 -38.81 -16.51 13.26
CA ASN B 59 -39.49 -15.78 12.20
C ASN B 59 -38.72 -15.87 10.88
N LEU B 60 -37.39 -15.89 10.97
CA LEU B 60 -36.58 -16.03 9.76
C LEU B 60 -36.77 -17.40 9.12
N MET B 61 -36.98 -18.44 9.92
CA MET B 61 -37.06 -19.79 9.39
C MET B 61 -38.25 -19.95 8.43
N MET B 62 -39.41 -19.43 8.81
CA MET B 62 -40.60 -19.54 7.99
C MET B 62 -40.77 -18.36 7.04
N GLU B 63 -39.90 -17.36 7.11
CA GLU B 63 -39.89 -16.26 6.16
C GLU B 63 -38.78 -16.41 5.12
N SER B 64 -38.15 -17.59 5.04
CA SER B 64 -37.03 -17.81 4.15
C SER B 64 -37.45 -18.28 2.76
N ASP B 65 -38.74 -18.42 2.50
CA ASP B 65 -39.18 -18.85 1.19
C ASP B 65 -38.78 -17.84 0.11
N ASP B 66 -38.95 -16.56 0.39
CA ASP B 66 -38.60 -15.50 -0.54
C ASP B 66 -37.21 -14.96 -0.23
N VAL B 67 -36.69 -14.15 -1.16
CA VAL B 67 -35.34 -13.61 -1.03
C VAL B 67 -35.35 -12.25 -0.35
N ASP B 68 -36.30 -11.38 -0.70
CA ASP B 68 -36.32 -10.04 -0.13
C ASP B 68 -36.58 -10.09 1.37
N ASP B 69 -37.61 -10.82 1.79
CA ASP B 69 -37.90 -10.93 3.21
C ASP B 69 -36.78 -11.64 3.95
N LEU B 70 -36.18 -12.66 3.33
CA LEU B 70 -35.04 -13.33 3.94
C LEU B 70 -33.88 -12.37 4.13
N THR B 71 -33.61 -11.53 3.13
CA THR B 71 -32.53 -10.56 3.25
C THR B 71 -32.81 -9.56 4.37
N ALA B 72 -34.04 -9.06 4.44
CA ALA B 72 -34.38 -8.11 5.50
C ALA B 72 -34.26 -8.75 6.88
N ASN B 73 -34.74 -9.99 7.02
CA ASN B 73 -34.64 -10.69 8.28
C ASN B 73 -33.18 -10.91 8.68
N THR B 74 -32.33 -11.27 7.71
CA THR B 74 -30.92 -11.46 8.02
C THR B 74 -30.26 -10.16 8.44
N ILE B 75 -30.61 -9.05 7.78
CA ILE B 75 -30.04 -7.77 8.16
C ILE B 75 -30.44 -7.41 9.59
N THR B 76 -31.73 -7.59 9.91
CA THR B 76 -32.19 -7.32 11.27
C THR B 76 -31.48 -8.24 12.27
N MET B 77 -31.29 -9.51 11.91
CA MET B 77 -30.67 -10.46 12.81
C MET B 77 -29.23 -10.09 13.11
N LEU B 78 -28.49 -9.65 12.09
CA LEU B 78 -27.11 -9.19 12.35
C LEU B 78 -27.11 -7.92 13.19
N PHE B 79 -28.00 -6.97 12.85
CA PHE B 79 -28.08 -5.74 13.60
C PHE B 79 -28.29 -6.01 15.09
N PHE B 80 -29.18 -6.94 15.42
CA PHE B 80 -29.47 -7.28 16.81
C PHE B 80 -28.56 -8.38 17.35
N LEU B 81 -27.71 -8.96 16.52
CA LEU B 81 -26.66 -9.85 16.99
C LEU B 81 -25.51 -9.04 17.58
N HIS B 82 -25.22 -7.89 16.99
CA HIS B 82 -24.18 -7.01 17.53
C HIS B 82 -24.25 -6.89 19.05
N PRO B 83 -25.36 -6.37 19.60
CA PRO B 83 -25.41 -6.16 21.05
C PRO B 83 -25.30 -7.46 21.86
N ILE B 84 -25.85 -8.56 21.35
CA ILE B 84 -25.74 -9.83 22.07
C ILE B 84 -24.27 -10.25 22.16
N VAL B 85 -23.55 -10.12 21.05
CA VAL B 85 -22.12 -10.46 21.05
C VAL B 85 -21.38 -9.59 22.04
N LYS B 86 -21.67 -8.28 22.06
CA LYS B 86 -20.98 -7.40 23.00
C LYS B 86 -21.29 -7.78 24.45
N MET B 87 -22.57 -8.08 24.73
CA MET B 87 -22.99 -8.39 26.09
C MET B 87 -22.34 -9.68 26.59
N ILE B 88 -22.26 -10.69 25.72
CA ILE B 88 -21.60 -11.93 26.12
C ILE B 88 -20.08 -11.74 26.15
N TYR B 89 -19.55 -10.83 25.34
CA TYR B 89 -18.10 -10.65 25.26
C TYR B 89 -17.55 -9.97 26.50
N PHE B 90 -18.29 -9.02 27.07
CA PHE B 90 -17.74 -8.31 28.23
C PHE B 90 -17.45 -9.23 29.41
N PRO B 91 -18.39 -10.04 29.91
CA PRO B 91 -18.10 -10.81 31.13
C PRO B 91 -16.99 -11.83 30.98
N VAL B 92 -16.84 -12.45 29.80
CA VAL B 92 -15.77 -13.43 29.64
C VAL B 92 -14.41 -12.75 29.71
N ARG B 93 -14.31 -11.52 29.19
CA ARG B 93 -13.08 -10.75 29.23
C ARG B 93 -13.10 -9.66 30.29
N SER B 94 -13.91 -9.84 31.35
CA SER B 94 -14.05 -8.79 32.35
C SER B 94 -12.72 -8.52 33.06
N LYS B 95 -11.84 -9.52 33.13
CA LYS B 95 -10.58 -9.34 33.83
C LYS B 95 -9.73 -8.26 33.17
N ILE B 96 -9.57 -8.33 31.85
CA ILE B 96 -8.77 -7.34 31.15
C ILE B 96 -9.44 -5.97 31.20
N PHE B 97 -10.77 -5.94 31.16
CA PHE B 97 -11.48 -4.67 31.26
C PHE B 97 -11.21 -4.00 32.61
N TYR B 98 -11.28 -4.78 33.69
CA TYR B 98 -11.02 -4.21 35.01
C TYR B 98 -9.56 -3.82 35.17
N LYS B 99 -8.64 -4.58 34.55
CA LYS B 99 -7.24 -4.18 34.57
C LYS B 99 -7.05 -2.85 33.85
N THR B 100 -7.70 -2.68 32.70
CA THR B 100 -7.60 -1.43 31.95
C THR B 100 -8.17 -0.27 32.75
N LEU B 101 -9.33 -0.46 33.37
CA LEU B 101 -9.95 0.63 34.12
C LEU B 101 -9.13 1.02 35.35
N ALA B 102 -8.22 0.16 35.80
CA ALA B 102 -7.36 0.45 36.94
C ALA B 102 -5.95 0.82 36.53
N ILE B 103 -5.72 1.08 35.25
CA ILE B 103 -4.36 1.35 34.78
C ILE B 103 -3.87 2.70 35.29
N TRP B 104 -4.74 3.70 35.31
CA TRP B 104 -4.36 5.07 35.66
C TRP B 104 -4.66 5.40 37.13
N ASN B 105 -4.57 4.41 38.01
CA ASN B 105 -4.79 4.68 39.42
C ASN B 105 -3.61 5.39 40.08
N ASN B 106 -2.40 5.17 39.56
CA ASN B 106 -1.18 5.75 40.14
C ASN B 106 -0.36 6.39 39.03
N PRO B 107 -0.68 7.65 38.66
CA PRO B 107 0.13 8.34 37.65
C PRO B 107 1.29 9.10 38.26
N ASN B 108 2.09 9.77 37.44
CA ASN B 108 3.26 10.50 37.91
C ASN B 108 2.86 11.89 38.37
N SER B 109 3.87 12.69 38.74
CA SER B 109 3.62 14.06 39.14
C SER B 109 4.95 14.81 39.20
N HIS B 110 4.97 16.01 38.63
CA HIS B 110 6.09 16.92 38.74
C HIS B 110 5.54 18.29 39.08
N PRO B 111 6.18 19.03 40.00
CA PRO B 111 5.60 20.32 40.41
C PRO B 111 5.39 21.29 39.27
N LEU B 112 6.31 21.32 38.30
CA LEU B 112 6.23 22.33 37.26
C LEU B 112 5.10 22.06 36.26
N PHE B 113 4.79 20.79 36.03
CA PHE B 113 3.82 20.41 35.00
C PHE B 113 2.46 20.01 35.59
N ALA B 114 2.24 20.25 36.88
CA ALA B 114 0.99 19.82 37.50
C ALA B 114 -0.21 20.56 36.93
N GLU B 115 -0.06 21.88 36.71
CA GLU B 115 -1.19 22.69 36.27
C GLU B 115 -1.68 22.24 34.88
N SER B 116 -0.74 22.00 33.96
CA SER B 116 -1.12 21.52 32.63
C SER B 116 -1.80 20.17 32.71
N ASN B 117 -1.29 19.30 33.59
CA ASN B 117 -1.89 17.98 33.77
C ASN B 117 -3.34 18.10 34.23
N ALA B 118 -3.58 18.96 35.21
CA ALA B 118 -4.94 19.16 35.72
C ALA B 118 -5.85 19.73 34.62
N ARG B 119 -5.35 20.71 33.89
CA ARG B 119 -6.15 21.33 32.83
C ARG B 119 -6.55 20.30 31.77
N PHE B 120 -5.59 19.48 31.34
CA PHE B 120 -5.88 18.52 30.29
C PHE B 120 -6.73 17.37 30.81
N HIS B 121 -6.60 17.02 32.09
CA HIS B 121 -7.49 16.03 32.68
C HIS B 121 -8.93 16.53 32.69
N ALA B 122 -9.13 17.79 33.07
CA ALA B 122 -10.46 18.36 33.04
C ALA B 122 -11.02 18.39 31.62
N LEU B 123 -10.17 18.77 30.66
CA LEU B 123 -10.60 18.80 29.26
C LEU B 123 -11.02 17.40 28.81
N ALA B 124 -10.25 16.38 29.19
CA ALA B 124 -10.58 15.02 28.83
C ALA B 124 -11.93 14.60 29.43
N ILE B 125 -12.15 14.96 30.69
CA ILE B 125 -13.43 14.63 31.33
C ILE B 125 -14.59 15.27 30.57
N THR B 126 -14.44 16.55 30.23
CA THR B 126 -15.50 17.25 29.51
C THR B 126 -15.77 16.59 28.15
N LYS B 127 -14.70 16.23 27.44
CA LYS B 127 -14.88 15.59 26.14
C LYS B 127 -15.56 14.23 26.28
N MET B 128 -15.20 13.49 27.32
CA MET B 128 -15.84 12.20 27.58
C MET B 128 -17.33 12.37 27.80
N ARG B 129 -17.71 13.33 28.64
CA ARG B 129 -19.12 13.56 28.92
C ARG B 129 -19.86 13.99 27.67
N ARG B 130 -19.23 14.86 26.87
CA ARG B 130 -19.85 15.30 25.62
C ARG B 130 -20.09 14.13 24.68
N LEU B 131 -19.10 13.24 24.54
CA LEU B 131 -19.27 12.07 23.68
C LEU B 131 -20.37 11.17 24.19
N LEU B 132 -20.42 10.95 25.51
CA LEU B 132 -21.47 10.12 26.09
C LEU B 132 -22.85 10.68 25.78
N PHE B 133 -23.02 11.99 26.00
CA PHE B 133 -24.32 12.61 25.76
C PHE B 133 -24.69 12.56 24.28
N CYS B 134 -23.73 12.80 23.39
CA CYS B 134 -24.02 12.77 21.97
C CYS B 134 -24.45 11.39 21.52
N VAL B 135 -23.75 10.35 21.98
CA VAL B 135 -24.09 8.99 21.57
C VAL B 135 -25.44 8.58 22.16
N ALA B 136 -25.71 8.99 23.40
CA ALA B 136 -27.02 8.69 24.00
C ALA B 136 -28.13 9.37 23.22
N GLY B 137 -27.92 10.63 22.82
CA GLY B 137 -28.91 11.32 22.02
C GLY B 137 -29.13 10.65 20.67
N ALA B 138 -28.05 10.18 20.05
CA ALA B 138 -28.18 9.47 18.78
C ALA B 138 -28.99 8.19 18.96
N THR B 139 -28.73 7.45 20.03
CA THR B 139 -29.48 6.22 20.29
C THR B 139 -30.95 6.53 20.52
N ILE B 140 -31.25 7.56 21.31
CA ILE B 140 -32.63 7.93 21.58
C ILE B 140 -33.34 8.33 20.29
N PHE B 141 -32.65 9.11 19.45
CA PHE B 141 -33.24 9.51 18.17
C PHE B 141 -33.52 8.30 17.30
N SER B 142 -32.59 7.34 17.27
CA SER B 142 -32.79 6.14 16.47
C SER B 142 -34.01 5.35 16.95
N VAL B 143 -34.14 5.21 18.27
CA VAL B 143 -35.28 4.48 18.82
C VAL B 143 -36.59 5.19 18.47
N ILE B 144 -36.61 6.52 18.63
CA ILE B 144 -37.82 7.29 18.34
C ILE B 144 -38.17 7.16 16.86
N SER B 145 -37.15 7.24 16.00
CA SER B 145 -37.40 7.12 14.56
C SER B 145 -37.95 5.75 14.21
N TRP B 146 -37.41 4.70 14.82
CA TRP B 146 -37.92 3.35 14.58
C TRP B 146 -39.39 3.26 14.99
N THR B 147 -39.72 3.77 16.19
CA THR B 147 -41.09 3.68 16.68
C THR B 147 -42.04 4.49 15.80
N GLY B 148 -41.61 5.66 15.34
CA GLY B 148 -42.47 6.45 14.46
C GLY B 148 -42.66 5.78 13.10
N ILE B 149 -41.58 5.28 12.51
CA ILE B 149 -41.65 4.73 11.16
C ILE B 149 -42.52 3.47 11.15
N THR B 150 -42.46 2.66 12.21
CA THR B 150 -43.32 1.49 12.23
C THR B 150 -44.80 1.86 12.23
N PHE B 151 -45.14 3.10 12.57
CA PHE B 151 -46.53 3.56 12.64
C PHE B 151 -46.96 4.32 11.40
N ILE B 152 -46.10 5.18 10.84
CA ILE B 152 -46.51 5.92 9.64
C ILE B 152 -46.68 4.96 8.47
N GLU B 153 -45.84 3.92 8.40
CA GLU B 153 -45.93 2.97 7.31
C GLU B 153 -47.17 2.08 7.46
N ASP B 154 -47.52 1.39 6.38
CA ASP B 154 -48.67 0.51 6.34
C ASP B 154 -48.22 -0.92 6.55
N SER B 155 -48.81 -1.59 7.53
CA SER B 155 -48.48 -2.98 7.85
C SER B 155 -49.24 -3.89 6.91
N VAL B 156 -48.60 -4.25 5.80
CA VAL B 156 -49.21 -5.06 4.75
C VAL B 156 -48.18 -6.04 4.23
N LYS B 157 -48.62 -7.25 3.93
CA LYS B 157 -47.76 -8.31 3.40
C LYS B 157 -48.27 -8.74 2.04
N ARG B 158 -47.36 -8.86 1.08
CA ARG B 158 -47.68 -9.25 -0.28
C ARG B 158 -47.41 -10.74 -0.44
N ILE B 159 -48.38 -11.46 -1.00
CA ILE B 159 -48.26 -12.90 -1.18
C ILE B 159 -48.43 -13.25 -2.66
N THR B 168 -51.78 -11.22 -3.40
CA THR B 168 -52.76 -11.09 -2.34
C THR B 168 -52.21 -10.26 -1.19
N ILE B 169 -53.12 -9.58 -0.48
CA ILE B 169 -52.76 -8.67 0.60
C ILE B 169 -53.16 -9.33 1.91
N ILE B 170 -52.20 -9.46 2.82
CA ILE B 170 -52.42 -10.07 4.13
C ILE B 170 -52.07 -9.02 5.19
N PRO B 171 -52.96 -8.72 6.14
CA PRO B 171 -52.61 -7.79 7.23
C PRO B 171 -51.59 -8.41 8.18
N ILE B 172 -50.37 -7.89 8.14
CA ILE B 172 -49.32 -8.31 9.07
C ILE B 172 -49.47 -7.50 10.35
N PRO B 173 -49.10 -8.04 11.51
CA PRO B 173 -49.16 -7.23 12.73
C PRO B 173 -48.30 -5.98 12.61
N ARG B 174 -48.79 -4.88 13.17
CA ARG B 174 -48.07 -3.61 13.15
C ARG B 174 -47.10 -3.61 14.33
N LEU B 175 -45.90 -4.15 14.09
CA LEU B 175 -44.88 -4.28 15.11
C LEU B 175 -43.59 -3.63 14.63
N MET B 176 -42.82 -3.12 15.59
CA MET B 176 -41.56 -2.45 15.24
C MET B 176 -40.58 -3.43 14.63
N ILE B 177 -40.51 -4.65 15.17
CA ILE B 177 -39.59 -5.68 14.69
C ILE B 177 -40.41 -6.88 14.25
N ARG B 178 -40.12 -7.39 13.05
CA ARG B 178 -40.75 -8.62 12.60
C ARG B 178 -40.43 -9.75 13.57
N THR B 179 -41.44 -10.54 13.92
CA THR B 179 -41.26 -11.57 14.92
C THR B 179 -42.50 -12.45 14.96
N PHE B 180 -42.29 -13.72 15.30
CA PHE B 180 -43.37 -14.68 15.48
C PHE B 180 -43.64 -14.84 16.97
N TYR B 181 -44.91 -14.67 17.36
CA TYR B 181 -45.31 -14.74 18.75
C TYR B 181 -46.31 -15.87 18.94
N PRO B 182 -46.21 -16.69 19.99
CA PRO B 182 -47.23 -17.73 20.20
C PRO B 182 -48.63 -17.18 20.31
N PHE B 183 -48.78 -16.01 20.94
CA PHE B 183 -50.09 -15.41 21.14
C PHE B 183 -50.47 -14.54 19.93
N ASN B 184 -51.70 -14.03 19.97
CA ASN B 184 -52.22 -13.19 18.90
C ASN B 184 -51.80 -11.74 19.17
N ALA B 185 -50.66 -11.35 18.60
CA ALA B 185 -50.13 -10.00 18.77
C ALA B 185 -50.58 -9.07 17.64
N MET B 186 -51.89 -9.01 17.43
CA MET B 186 -52.45 -8.18 16.35
C MET B 186 -53.31 -7.04 16.90
N SER B 187 -54.35 -7.34 17.69
CA SER B 187 -55.29 -6.31 18.10
C SER B 187 -55.57 -6.35 19.59
N GLY B 188 -55.42 -7.51 20.22
CA GLY B 188 -55.71 -7.66 21.63
C GLY B 188 -54.61 -7.12 22.51
N ALA B 189 -54.68 -7.48 23.79
CA ALA B 189 -53.62 -7.11 24.71
C ALA B 189 -52.27 -7.63 24.28
N GLY B 190 -52.24 -8.69 23.49
CA GLY B 190 -50.98 -9.17 22.95
C GLY B 190 -50.28 -8.12 22.11
N HIS B 191 -51.05 -7.33 21.36
CA HIS B 191 -50.45 -6.29 20.53
C HIS B 191 -49.71 -5.27 21.38
N VAL B 192 -50.37 -4.74 22.42
CA VAL B 192 -49.73 -3.73 23.26
C VAL B 192 -48.55 -4.34 24.01
N PHE B 193 -48.71 -5.59 24.49
CA PHE B 193 -47.60 -6.24 25.18
C PHE B 193 -46.40 -6.37 24.27
N ALA B 194 -46.61 -6.78 23.02
CA ALA B 194 -45.53 -6.89 22.06
C ALA B 194 -44.90 -5.53 21.79
N LEU B 195 -45.72 -4.48 21.68
CA LEU B 195 -45.18 -3.14 21.47
C LEU B 195 -44.23 -2.75 22.61
N ILE B 196 -44.67 -2.92 23.86
CA ILE B 196 -43.83 -2.53 24.99
C ILE B 196 -42.57 -3.40 25.04
N TYR B 197 -42.73 -4.71 24.81
CA TYR B 197 -41.56 -5.59 24.87
C TYR B 197 -40.54 -5.23 23.80
N GLN B 198 -41.00 -4.93 22.59
CA GLN B 198 -40.07 -4.60 21.51
C GLN B 198 -39.42 -3.25 21.75
N PHE B 199 -40.16 -2.29 22.31
CA PHE B 199 -39.55 -1.01 22.67
C PHE B 199 -38.43 -1.23 23.69
N TYR B 200 -38.70 -2.02 24.72
CA TYR B 200 -37.68 -2.32 25.72
C TYR B 200 -36.48 -3.01 25.09
N TYR B 201 -36.73 -3.99 24.23
CA TYR B 201 -35.64 -4.72 23.57
C TYR B 201 -34.77 -3.77 22.76
N LEU B 202 -35.40 -2.92 21.95
CA LEU B 202 -34.66 -1.98 21.13
C LEU B 202 -33.80 -1.08 21.99
N VAL B 203 -34.40 -0.46 23.01
CA VAL B 203 -33.66 0.47 23.85
C VAL B 203 -32.47 -0.24 24.49
N ILE B 204 -32.70 -1.42 25.07
CA ILE B 204 -31.66 -2.09 25.83
C ILE B 204 -30.51 -2.51 24.91
N SER B 205 -30.83 -3.10 23.76
CA SER B 205 -29.80 -3.57 22.85
C SER B 205 -28.95 -2.40 22.34
N MET B 206 -29.61 -1.36 21.82
CA MET B 206 -28.86 -0.22 21.32
C MET B 206 -28.01 0.39 22.41
N ALA B 207 -28.56 0.51 23.62
CA ALA B 207 -27.83 1.15 24.70
C ALA B 207 -26.61 0.34 25.12
N VAL B 208 -26.73 -0.98 25.23
CA VAL B 208 -25.58 -1.78 25.63
C VAL B 208 -24.48 -1.69 24.59
N SER B 209 -24.83 -1.84 23.31
CA SER B 209 -23.82 -1.75 22.26
C SER B 209 -23.12 -0.40 22.29
N ASN B 210 -23.91 0.67 22.27
CA ASN B 210 -23.32 2.00 22.20
C ASN B 210 -22.53 2.33 23.47
N SER B 211 -22.94 1.80 24.61
CA SER B 211 -22.20 2.08 25.85
C SER B 211 -20.83 1.43 25.83
N LEU B 212 -20.73 0.18 25.36
CA LEU B 212 -19.41 -0.43 25.24
C LEU B 212 -18.55 0.35 24.25
N ASP B 213 -19.12 0.73 23.10
CA ASP B 213 -18.37 1.50 22.12
C ASP B 213 -17.87 2.82 22.71
N VAL B 214 -18.73 3.49 23.48
CA VAL B 214 -18.35 4.78 24.06
C VAL B 214 -17.27 4.59 25.11
N LEU B 215 -17.30 3.49 25.87
CA LEU B 215 -16.21 3.24 26.81
C LEU B 215 -14.88 3.13 26.08
N PHE B 216 -14.86 2.38 24.98
CA PHE B 216 -13.64 2.28 24.17
C PHE B 216 -13.18 3.66 23.70
N CYS B 217 -14.10 4.42 23.11
CA CYS B 217 -13.75 5.73 22.57
C CYS B 217 -13.31 6.69 23.66
N SER B 218 -13.84 6.54 24.88
CA SER B 218 -13.44 7.41 25.98
C SER B 218 -12.03 7.07 26.46
N TRP B 219 -11.68 5.78 26.47
CA TRP B 219 -10.29 5.42 26.70
C TRP B 219 -9.38 6.12 25.70
N LEU B 220 -9.77 6.07 24.43
CA LEU B 220 -8.94 6.71 23.40
C LEU B 220 -8.86 8.22 23.62
N LEU B 221 -9.98 8.85 24.00
CA LEU B 221 -9.96 10.27 24.28
C LEU B 221 -9.00 10.61 25.42
N PHE B 222 -9.02 9.81 26.48
CA PHE B 222 -8.08 10.04 27.59
C PHE B 222 -6.65 9.96 27.10
N ALA B 223 -6.33 8.94 26.30
CA ALA B 223 -4.97 8.80 25.80
C ALA B 223 -4.57 10.01 24.96
N CYS B 224 -5.47 10.47 24.09
CA CYS B 224 -5.15 11.59 23.22
C CYS B 224 -4.93 12.87 24.02
N GLU B 225 -5.76 13.12 25.03
CA GLU B 225 -5.56 14.30 25.86
C GLU B 225 -4.25 14.21 26.63
N GLN B 226 -3.87 13.01 27.08
CA GLN B 226 -2.58 12.86 27.75
C GLN B 226 -1.43 13.17 26.81
N LEU B 227 -1.55 12.74 25.55
CA LEU B 227 -0.53 13.08 24.55
C LEU B 227 -0.45 14.59 24.34
N GLN B 228 -1.61 15.25 24.28
CA GLN B 228 -1.62 16.71 24.15
C GLN B 228 -0.90 17.37 25.32
N HIS B 229 -1.15 16.88 26.53
CA HIS B 229 -0.45 17.40 27.70
C HIS B 229 1.05 17.19 27.57
N LEU B 230 1.45 16.01 27.08
CA LEU B 230 2.87 15.72 26.92
C LEU B 230 3.53 16.73 25.98
N LYS B 231 2.89 17.03 24.85
CA LYS B 231 3.46 18.00 23.92
C LYS B 231 3.50 19.40 24.54
N ALA B 232 2.41 19.81 25.17
CA ALA B 232 2.36 21.14 25.77
C ALA B 232 3.48 21.32 26.78
N ILE B 233 3.74 20.30 27.60
CA ILE B 233 4.83 20.42 28.57
C ILE B 233 6.20 20.18 27.96
N MET B 234 6.27 19.50 26.81
CA MET B 234 7.51 19.45 26.06
C MET B 234 7.96 20.83 25.67
N LYS B 235 7.02 21.70 25.31
CA LYS B 235 7.40 23.05 24.90
C LYS B 235 8.26 23.79 25.93
N PRO B 236 7.90 23.87 27.21
CA PRO B 236 8.78 24.54 28.18
C PRO B 236 9.88 23.69 28.79
N LEU B 237 9.88 22.38 28.58
CA LEU B 237 10.94 21.54 29.14
C LEU B 237 12.31 21.95 28.58
N MET B 238 12.40 22.17 27.28
CA MET B 238 13.67 22.58 26.68
C MET B 238 14.11 23.93 27.22
N GLU B 239 13.18 24.89 27.30
CA GLU B 239 13.52 26.19 27.89
C GLU B 239 14.06 26.01 29.30
N LEU B 240 13.48 25.08 30.05
CA LEU B 240 14.01 24.76 31.37
C LEU B 240 15.45 24.26 31.27
N SER B 241 15.73 23.41 30.28
CA SER B 241 17.08 22.88 30.14
C SER B 241 18.06 23.93 29.64
N ALA B 242 17.64 24.72 28.65
CA ALA B 242 18.53 25.71 28.06
C ALA B 242 18.77 26.86 29.03
N THR B 243 20.04 27.25 29.17
CA THR B 243 20.40 28.38 30.02
C THR B 243 21.90 28.65 29.91
N GLY B 313 28.51 25.88 32.99
CA GLY B 313 27.17 26.23 32.57
C GLY B 313 26.12 25.88 33.60
N LEU B 314 25.28 24.89 33.29
CA LEU B 314 24.25 24.47 34.22
C LEU B 314 24.86 23.97 35.52
N THR B 315 24.31 24.42 36.63
CA THR B 315 24.76 23.97 37.94
C THR B 315 24.16 22.59 38.23
N LYS B 316 24.65 21.97 39.31
CA LYS B 316 24.19 20.64 39.67
C LYS B 316 22.68 20.62 39.90
N LYS B 317 22.16 21.64 40.59
CA LYS B 317 20.72 21.69 40.83
C LYS B 317 19.95 21.78 39.53
N GLN B 318 20.42 22.60 38.59
CA GLN B 318 19.72 22.73 37.32
C GLN B 318 19.78 21.43 36.52
N GLU B 319 20.93 20.76 36.52
CA GLU B 319 21.04 19.48 35.83
C GLU B 319 20.09 18.45 36.44
N MET B 320 20.00 18.43 37.78
CA MET B 320 19.07 17.52 38.43
C MET B 320 17.63 17.84 38.05
N LEU B 321 17.29 19.12 37.97
CA LEU B 321 15.93 19.50 37.58
C LEU B 321 15.63 19.06 36.16
N VAL B 322 16.59 19.24 35.25
CA VAL B 322 16.39 18.78 33.88
C VAL B 322 16.20 17.27 33.84
N ARG B 323 17.02 16.54 34.61
CA ARG B 323 16.88 15.09 34.67
C ARG B 323 15.52 14.68 35.17
N SER B 324 15.02 15.35 36.21
CA SER B 324 13.70 15.03 36.74
C SER B 324 12.61 15.32 35.71
N ALA B 325 12.71 16.44 35.00
CA ALA B 325 11.72 16.74 33.98
C ALA B 325 11.73 15.71 32.86
N ILE B 326 12.93 15.31 32.42
CA ILE B 326 13.02 14.29 31.37
C ILE B 326 12.44 12.97 31.85
N LYS B 327 12.74 12.60 33.09
CA LYS B 327 12.19 11.38 33.66
C LYS B 327 10.67 11.43 33.69
N TYR B 328 10.11 12.55 34.12
CA TYR B 328 8.65 12.69 34.16
C TYR B 328 8.06 12.53 32.75
N TRP B 329 8.65 13.21 31.77
CA TRP B 329 8.14 13.12 30.41
C TRP B 329 8.18 11.67 29.90
N VAL B 330 9.32 11.01 30.08
CA VAL B 330 9.48 9.66 29.55
C VAL B 330 8.53 8.69 30.25
N GLU B 331 8.42 8.79 31.58
CA GLU B 331 7.56 7.87 32.30
C GLU B 331 6.09 8.09 31.96
N ARG B 332 5.67 9.34 31.77
CA ARG B 332 4.29 9.58 31.37
C ARG B 332 4.03 9.05 29.97
N HIS B 333 5.00 9.18 29.07
CA HIS B 333 4.84 8.62 27.73
C HIS B 333 4.70 7.09 27.81
N LYS B 334 5.53 6.46 28.65
CA LYS B 334 5.42 5.01 28.84
C LYS B 334 4.06 4.63 29.43
N HIS B 335 3.55 5.44 30.35
CA HIS B 335 2.23 5.16 30.92
C HIS B 335 1.15 5.24 29.85
N VAL B 336 1.23 6.24 28.98
CA VAL B 336 0.25 6.35 27.89
C VAL B 336 0.35 5.14 26.97
N VAL B 337 1.58 4.69 26.70
CA VAL B 337 1.77 3.51 25.86
C VAL B 337 1.13 2.29 26.52
N ARG B 338 1.32 2.15 27.83
CA ARG B 338 0.72 1.03 28.56
C ARG B 338 -0.80 1.07 28.46
N LEU B 339 -1.38 2.27 28.63
CA LEU B 339 -2.83 2.39 28.55
C LEU B 339 -3.33 2.01 27.15
N VAL B 340 -2.62 2.47 26.11
CA VAL B 340 -3.03 2.14 24.74
C VAL B 340 -2.97 0.64 24.52
N THR B 341 -1.88 0.00 24.99
CA THR B 341 -1.76 -1.44 24.82
C THR B 341 -2.87 -2.19 25.57
N ALA B 342 -3.20 -1.74 26.78
CA ALA B 342 -4.27 -2.38 27.53
C ALA B 342 -5.60 -2.26 26.80
N VAL B 343 -5.89 -1.07 26.26
CA VAL B 343 -7.14 -0.88 25.52
C VAL B 343 -7.17 -1.79 24.30
N GLY B 344 -6.05 -1.87 23.58
CA GLY B 344 -6.00 -2.74 22.41
C GLY B 344 -6.24 -4.19 22.76
N ASP B 345 -5.58 -4.67 23.81
CA ASP B 345 -5.80 -6.05 24.25
C ASP B 345 -7.25 -6.27 24.63
N ALA B 346 -7.86 -5.30 25.33
CA ALA B 346 -9.25 -5.46 25.76
C ALA B 346 -10.20 -5.56 24.58
N TYR B 347 -10.00 -4.72 23.55
CA TYR B 347 -11.03 -4.52 22.54
C TYR B 347 -10.68 -5.03 21.14
N GLY B 348 -9.54 -5.71 20.95
CA GLY B 348 -9.20 -6.16 19.61
C GLY B 348 -10.19 -7.16 19.05
N VAL B 349 -10.53 -8.19 19.84
CA VAL B 349 -11.46 -9.21 19.36
C VAL B 349 -12.85 -8.62 19.16
N ALA B 350 -13.24 -7.68 20.02
CA ALA B 350 -14.52 -7.02 19.84
C ALA B 350 -14.56 -6.26 18.52
N LEU B 351 -13.49 -5.54 18.19
CA LEU B 351 -13.44 -4.83 16.91
C LEU B 351 -13.49 -5.82 15.75
N LEU B 352 -12.75 -6.92 15.85
CA LEU B 352 -12.75 -7.89 14.77
C LEU B 352 -14.15 -8.47 14.54
N LEU B 353 -14.84 -8.84 15.62
CA LEU B 353 -16.19 -9.38 15.50
C LEU B 353 -17.14 -8.33 14.94
N HIS B 354 -17.03 -7.09 15.41
CA HIS B 354 -17.89 -6.03 14.90
C HIS B 354 -17.74 -5.87 13.40
N MET B 355 -16.49 -5.82 12.92
CA MET B 355 -16.28 -5.64 11.49
C MET B 355 -16.70 -6.88 10.69
N LEU B 356 -16.52 -8.08 11.27
CA LEU B 356 -16.98 -9.29 10.60
C LEU B 356 -18.49 -9.25 10.39
N THR B 357 -19.24 -8.86 11.42
CA THR B 357 -20.68 -8.73 11.26
C THR B 357 -21.03 -7.62 10.28
N THR B 358 -20.33 -6.49 10.37
CA THR B 358 -20.62 -5.36 9.51
C THR B 358 -20.50 -5.75 8.04
N THR B 359 -19.36 -6.31 7.65
CA THR B 359 -19.16 -6.67 6.24
C THR B 359 -20.40 -7.33 5.63
N ILE B 360 -20.92 -8.36 6.28
CA ILE B 360 -22.11 -9.04 5.77
C ILE B 360 -23.32 -8.11 5.79
N THR B 361 -23.47 -7.33 6.87
CA THR B 361 -24.60 -6.41 6.94
C THR B 361 -24.59 -5.43 5.77
N LEU B 362 -23.41 -4.89 5.47
CA LEU B 362 -23.26 -3.91 4.38
C LEU B 362 -23.48 -4.56 3.03
N THR B 363 -23.04 -5.81 2.86
CA THR B 363 -23.32 -6.52 1.59
C THR B 363 -24.83 -6.64 1.38
N LEU B 364 -25.54 -7.15 2.39
CA LEU B 364 -26.99 -7.29 2.27
C LEU B 364 -27.66 -5.93 2.10
N LEU B 365 -27.11 -4.90 2.73
CA LEU B 365 -27.70 -3.57 2.61
C LEU B 365 -27.48 -2.97 1.22
N ALA B 366 -26.34 -3.25 0.60
CA ALA B 366 -26.15 -2.84 -0.79
C ALA B 366 -27.18 -3.53 -1.68
N TYR B 367 -27.39 -4.84 -1.46
CA TYR B 367 -28.41 -5.52 -2.25
C TYR B 367 -29.79 -4.89 -2.02
N GLN B 368 -30.09 -4.54 -0.77
CA GLN B 368 -31.39 -3.91 -0.48
C GLN B 368 -31.51 -2.55 -1.18
N ALA B 369 -30.46 -1.74 -1.10
CA ALA B 369 -30.49 -0.41 -1.71
C ALA B 369 -30.61 -0.50 -3.22
N THR B 370 -30.16 -1.61 -3.81
CA THR B 370 -30.34 -1.78 -5.25
C THR B 370 -31.81 -1.69 -5.66
N LYS B 371 -32.74 -1.99 -4.75
CA LYS B 371 -34.16 -2.02 -5.06
C LYS B 371 -34.89 -0.74 -4.68
N VAL B 372 -34.18 0.31 -4.28
CA VAL B 372 -34.81 1.56 -3.87
C VAL B 372 -35.28 2.31 -5.11
N ASN B 373 -36.57 2.68 -5.14
CA ASN B 373 -37.15 3.45 -6.23
C ASN B 373 -38.16 4.43 -5.62
N GLY B 374 -37.70 5.64 -5.33
CA GLY B 374 -38.55 6.67 -4.76
C GLY B 374 -38.08 7.16 -3.42
N VAL B 375 -38.97 7.83 -2.69
CA VAL B 375 -38.67 8.33 -1.35
C VAL B 375 -39.65 7.72 -0.36
N ASN B 376 -40.07 6.48 -0.64
CA ASN B 376 -41.09 5.81 0.16
C ASN B 376 -40.46 5.23 1.43
N VAL B 377 -41.22 4.37 2.12
CA VAL B 377 -40.78 3.85 3.41
C VAL B 377 -39.53 3.00 3.27
N TYR B 378 -39.47 2.16 2.23
CA TYR B 378 -38.36 1.23 2.07
C TYR B 378 -37.03 1.98 1.96
N ALA B 379 -37.01 3.06 1.19
CA ALA B 379 -35.79 3.86 1.07
C ALA B 379 -35.37 4.42 2.42
N ALA B 380 -36.34 4.90 3.20
CA ALA B 380 -36.01 5.44 4.52
C ALA B 380 -35.41 4.37 5.42
N THR B 381 -35.99 3.18 5.43
CA THR B 381 -35.45 2.11 6.26
C THR B 381 -34.04 1.71 5.84
N VAL B 382 -33.81 1.58 4.54
CA VAL B 382 -32.48 1.21 4.05
C VAL B 382 -31.48 2.29 4.41
N ILE B 383 -31.83 3.55 4.22
CA ILE B 383 -30.92 4.64 4.53
C ILE B 383 -30.61 4.67 6.01
N GLY B 384 -31.61 4.39 6.85
CA GLY B 384 -31.36 4.37 8.29
C GLY B 384 -30.42 3.26 8.70
N TYR B 385 -30.61 2.06 8.14
CA TYR B 385 -29.70 0.96 8.45
C TYR B 385 -28.28 1.30 8.03
N LEU B 386 -28.11 1.82 6.81
CA LEU B 386 -26.78 2.19 6.34
C LEU B 386 -26.17 3.26 7.24
N LEU B 387 -26.96 4.26 7.62
CA LEU B 387 -26.44 5.33 8.45
C LEU B 387 -25.97 4.79 9.80
N TYR B 388 -26.76 3.91 10.43
CA TYR B 388 -26.36 3.41 11.74
C TYR B 388 -25.09 2.57 11.65
N THR B 389 -25.02 1.65 10.68
CA THR B 389 -23.84 0.81 10.55
C THR B 389 -22.59 1.65 10.28
N LEU B 390 -22.67 2.53 9.28
CA LEU B 390 -21.52 3.36 8.95
C LEU B 390 -21.19 4.31 10.08
N GLY B 391 -22.18 4.72 10.89
CA GLY B 391 -21.88 5.56 12.03
C GLY B 391 -21.08 4.85 13.09
N GLN B 392 -21.43 3.59 13.38
CA GLN B 392 -20.63 2.81 14.32
C GLN B 392 -19.19 2.68 13.82
N VAL B 393 -19.04 2.26 12.56
CA VAL B 393 -17.70 2.07 12.01
C VAL B 393 -16.94 3.39 12.02
N PHE B 394 -17.62 4.49 11.68
CA PHE B 394 -16.98 5.79 11.59
C PHE B 394 -16.56 6.28 12.96
N LEU B 395 -17.35 6.01 14.00
CA LEU B 395 -16.97 6.41 15.34
C LEU B 395 -15.68 5.71 15.77
N PHE B 396 -15.63 4.39 15.59
CA PHE B 396 -14.41 3.67 15.91
C PHE B 396 -13.22 4.26 15.15
N CYS B 397 -13.41 4.50 13.85
CA CYS B 397 -12.32 4.94 13.01
C CYS B 397 -11.86 6.36 13.36
N ILE B 398 -12.80 7.26 13.65
CA ILE B 398 -12.41 8.64 13.96
C ILE B 398 -11.55 8.65 15.21
N PHE B 399 -11.96 7.91 16.25
CA PHE B 399 -11.16 7.96 17.47
C PHE B 399 -9.82 7.25 17.30
N GLY B 400 -9.78 6.15 16.56
CA GLY B 400 -8.49 5.53 16.26
C GLY B 400 -7.56 6.47 15.53
N ASN B 401 -8.10 7.18 14.53
CA ASN B 401 -7.29 8.11 13.75
C ASN B 401 -6.80 9.27 14.61
N ARG B 402 -7.65 9.73 15.54
CA ARG B 402 -7.22 10.79 16.44
C ARG B 402 -6.03 10.32 17.28
N LEU B 403 -6.09 9.10 17.80
CA LEU B 403 -4.95 8.57 18.55
C LEU B 403 -3.69 8.53 17.67
N ILE B 404 -3.85 8.02 16.44
CA ILE B 404 -2.70 7.94 15.53
C ILE B 404 -2.09 9.32 15.31
N GLU B 405 -2.94 10.31 15.04
CA GLU B 405 -2.45 11.65 14.73
C GLU B 405 -1.74 12.26 15.92
N GLU B 406 -2.28 12.09 17.13
CA GLU B 406 -1.63 12.66 18.31
C GLU B 406 -0.26 12.00 18.53
N SER B 407 -0.21 10.68 18.43
CA SER B 407 1.05 9.97 18.64
C SER B 407 2.09 10.42 17.63
N SER B 408 1.70 10.57 16.36
CA SER B 408 2.63 11.06 15.34
C SER B 408 3.07 12.48 15.65
N SER B 409 2.13 13.37 15.97
CA SER B 409 2.44 14.78 16.17
C SER B 409 3.31 15.02 17.39
N VAL B 410 3.45 14.02 18.27
CA VAL B 410 4.42 14.17 19.35
C VAL B 410 5.80 14.50 18.77
N MET B 411 6.14 13.91 17.62
CA MET B 411 7.43 14.17 17.01
C MET B 411 7.57 15.63 16.60
N GLU B 412 6.55 16.18 15.94
CA GLU B 412 6.60 17.59 15.56
C GLU B 412 6.67 18.49 16.78
N ALA B 413 5.97 18.14 17.85
CA ALA B 413 6.08 18.91 19.09
C ALA B 413 7.49 18.84 19.66
N ALA B 414 8.17 17.70 19.48
CA ALA B 414 9.54 17.58 19.97
C ALA B 414 10.53 18.36 19.11
N TYR B 415 10.25 18.48 17.81
CA TYR B 415 11.12 19.24 16.92
C TYR B 415 10.95 20.74 17.08
N SER B 416 9.76 21.19 17.48
CA SER B 416 9.42 22.61 17.46
C SER B 416 9.91 23.37 18.68
N CYS B 417 10.51 22.70 19.65
CA CYS B 417 11.10 23.42 20.77
C CYS B 417 12.50 23.91 20.41
N HIS B 418 13.07 24.74 21.27
CA HIS B 418 14.41 25.29 21.05
C HIS B 418 15.47 24.30 21.52
N TRP B 419 15.48 23.13 20.88
CA TRP B 419 16.42 22.09 21.26
C TRP B 419 17.86 22.45 20.90
N TYR B 420 18.07 23.35 19.93
CA TYR B 420 19.42 23.75 19.58
C TYR B 420 20.09 24.58 20.68
N ASP B 421 19.31 25.22 21.53
CA ASP B 421 19.83 25.98 22.65
C ASP B 421 19.91 25.18 23.94
N GLY B 422 19.46 23.91 23.92
CA GLY B 422 19.47 23.09 25.09
C GLY B 422 20.83 22.45 25.35
N SER B 423 20.88 21.65 26.41
CA SER B 423 22.08 20.92 26.77
C SER B 423 22.18 19.64 25.95
N GLU B 424 23.26 18.90 26.19
CA GLU B 424 23.48 17.66 25.46
C GLU B 424 22.49 16.59 25.89
N GLU B 425 22.22 16.49 27.20
CA GLU B 425 21.28 15.49 27.70
C GLU B 425 19.89 15.73 27.14
N ALA B 426 19.44 16.99 27.13
CA ALA B 426 18.13 17.30 26.57
C ALA B 426 18.07 16.98 25.09
N LYS B 427 19.15 17.25 24.36
CA LYS B 427 19.16 16.97 22.92
C LYS B 427 19.11 15.47 22.66
N THR B 428 19.82 14.68 23.46
CA THR B 428 19.73 13.22 23.31
C THR B 428 18.33 12.73 23.64
N PHE B 429 17.71 13.31 24.67
CA PHE B 429 16.34 12.95 25.01
C PHE B 429 15.39 13.26 23.86
N VAL B 430 15.55 14.42 23.23
CA VAL B 430 14.72 14.78 22.08
C VAL B 430 14.95 13.80 20.94
N GLN B 431 16.22 13.44 20.68
CA GLN B 431 16.52 12.51 19.61
C GLN B 431 15.84 11.16 19.84
N ILE B 432 15.93 10.64 21.06
CA ILE B 432 15.33 9.34 21.35
C ILE B 432 13.81 9.42 21.28
N VAL B 433 13.24 10.54 21.74
CA VAL B 433 11.78 10.69 21.67
C VAL B 433 11.32 10.70 20.22
N CYS B 434 12.03 11.42 19.35
CA CYS B 434 11.67 11.42 17.94
C CYS B 434 11.82 10.01 17.34
N GLN B 435 12.90 9.32 17.69
CA GLN B 435 13.09 7.94 17.26
C GLN B 435 11.87 7.10 17.61
N GLN B 436 11.42 7.21 18.86
CA GLN B 436 10.27 6.42 19.31
C GLN B 436 8.99 6.83 18.58
N CYS B 437 8.80 8.14 18.38
CA CYS B 437 7.59 8.63 17.73
C CYS B 437 7.59 8.39 16.23
N GLN B 438 8.69 7.89 15.65
CA GLN B 438 8.69 7.56 14.23
C GLN B 438 7.52 6.68 13.83
N LYS B 439 6.94 5.94 14.77
CA LYS B 439 5.77 5.10 14.51
C LYS B 439 4.65 5.49 15.47
N ALA B 440 3.44 5.56 14.95
CA ALA B 440 2.29 6.07 15.68
C ALA B 440 1.55 4.95 16.38
N MET B 441 1.07 5.22 17.59
CA MET B 441 0.22 4.27 18.29
C MET B 441 -1.10 4.10 17.55
N SER B 442 -1.57 2.87 17.48
CA SER B 442 -2.84 2.58 16.83
C SER B 442 -3.45 1.35 17.47
N ILE B 443 -4.77 1.22 17.32
CA ILE B 443 -5.52 0.07 17.80
C ILE B 443 -5.83 -0.83 16.61
N SER B 444 -5.52 -2.11 16.74
CA SER B 444 -5.72 -3.08 15.66
C SER B 444 -6.79 -4.09 16.07
N GLY B 445 -7.54 -4.54 15.07
CA GLY B 445 -8.55 -5.55 15.30
C GLY B 445 -7.96 -6.94 15.34
N ALA B 446 -7.27 -7.26 16.45
CA ALA B 446 -6.62 -8.56 16.62
C ALA B 446 -5.56 -8.78 15.54
N LYS B 447 -4.83 -7.73 15.20
CA LYS B 447 -3.69 -7.77 14.28
C LYS B 447 -4.11 -7.98 12.83
N PHE B 448 -5.39 -7.87 12.51
CA PHE B 448 -5.85 -8.02 11.13
C PHE B 448 -6.03 -6.69 10.41
N PHE B 449 -6.26 -5.60 11.13
CA PHE B 449 -6.39 -4.28 10.54
C PHE B 449 -6.13 -3.26 11.63
N THR B 450 -6.29 -1.98 11.27
CA THR B 450 -6.20 -0.88 12.22
C THR B 450 -7.41 0.02 12.07
N VAL B 451 -7.80 0.66 13.17
CA VAL B 451 -8.95 1.56 13.16
C VAL B 451 -8.46 2.95 12.81
N SER B 452 -8.83 3.43 11.63
CA SER B 452 -8.45 4.75 11.16
C SER B 452 -9.46 5.18 10.10
N LEU B 453 -9.43 6.46 9.77
CA LEU B 453 -10.28 6.95 8.70
C LEU B 453 -9.99 6.26 7.39
N ASP B 454 -8.79 5.70 7.23
CA ASP B 454 -8.48 4.89 6.06
C ASP B 454 -9.33 3.62 6.04
N LEU B 455 -9.53 2.99 7.20
CA LEU B 455 -10.38 1.82 7.26
C LEU B 455 -11.82 2.15 6.89
N PHE B 456 -12.33 3.27 7.39
CA PHE B 456 -13.69 3.67 7.04
C PHE B 456 -13.80 3.99 5.56
N ALA B 457 -12.79 4.66 5.00
CA ALA B 457 -12.81 4.94 3.57
C ALA B 457 -12.81 3.66 2.76
N SER B 458 -12.00 2.68 3.17
CA SER B 458 -11.97 1.40 2.47
C SER B 458 -13.32 0.70 2.55
N VAL B 459 -13.95 0.71 3.73
CA VAL B 459 -15.26 0.07 3.88
C VAL B 459 -16.29 0.73 2.98
N LEU B 460 -16.32 2.07 2.99
CA LEU B 460 -17.28 2.80 2.17
C LEU B 460 -17.05 2.55 0.70
N GLY B 461 -15.78 2.55 0.26
CA GLY B 461 -15.49 2.26 -1.12
C GLY B 461 -15.89 0.85 -1.51
N ALA B 462 -15.67 -0.12 -0.62
CA ALA B 462 -16.05 -1.49 -0.90
C ALA B 462 -17.56 -1.61 -1.08
N VAL B 463 -18.33 -1.00 -0.18
CA VAL B 463 -19.78 -1.12 -0.28
C VAL B 463 -20.29 -0.40 -1.54
N VAL B 464 -19.72 0.76 -1.86
CA VAL B 464 -20.14 1.49 -3.05
C VAL B 464 -19.80 0.71 -4.31
N THR B 465 -18.60 0.12 -4.36
CA THR B 465 -18.22 -0.68 -5.52
C THR B 465 -19.11 -1.90 -5.68
N TYR B 466 -19.45 -2.56 -4.56
CA TYR B 466 -20.36 -3.70 -4.64
C TYR B 466 -21.72 -3.27 -5.13
N PHE B 467 -22.20 -2.11 -4.68
CA PHE B 467 -23.48 -1.59 -5.18
C PHE B 467 -23.42 -1.35 -6.68
N MET B 468 -22.34 -0.73 -7.16
CA MET B 468 -22.21 -0.48 -8.60
C MET B 468 -22.20 -1.77 -9.39
N VAL B 469 -21.45 -2.77 -8.91
CA VAL B 469 -21.42 -4.07 -9.59
C VAL B 469 -22.80 -4.69 -9.60
N LEU B 470 -23.52 -4.61 -8.47
CA LEU B 470 -24.86 -5.19 -8.41
C LEU B 470 -25.80 -4.51 -9.40
N VAL B 471 -25.71 -3.18 -9.51
CA VAL B 471 -26.54 -2.46 -10.48
C VAL B 471 -26.20 -2.92 -11.89
N GLN B 472 -24.90 -3.02 -12.20
CA GLN B 472 -24.50 -3.39 -13.57
C GLN B 472 -24.96 -4.78 -13.93
N LEU B 473 -24.78 -5.74 -13.02
CA LEU B 473 -25.03 -7.15 -13.35
C LEU B 473 -26.48 -7.38 -13.74
N LYS B 474 -27.41 -6.79 -13.00
CA LYS B 474 -28.83 -6.99 -13.25
C LYS B 474 -29.26 -6.29 -14.53
N LYS C 4 23.13 -34.00 16.68
CA LYS C 4 22.16 -34.46 17.72
C LYS C 4 22.45 -33.81 19.07
N HIS C 5 23.74 -33.57 19.33
CA HIS C 5 24.19 -33.02 20.61
C HIS C 5 24.55 -31.54 20.51
N GLN C 6 23.91 -30.81 19.60
CA GLN C 6 24.18 -29.39 19.42
C GLN C 6 22.85 -28.66 19.29
N GLY C 7 22.88 -27.37 19.58
CA GLY C 7 21.64 -26.60 19.63
C GLY C 7 20.93 -26.56 18.29
N LEU C 8 19.61 -26.37 18.35
CA LEU C 8 18.75 -26.20 17.19
C LEU C 8 18.53 -27.51 16.44
N VAL C 9 19.24 -28.57 16.82
CA VAL C 9 18.98 -29.90 16.28
C VAL C 9 18.65 -30.83 17.43
N ALA C 10 19.18 -30.52 18.62
CA ALA C 10 18.75 -31.21 19.82
C ALA C 10 17.38 -30.71 20.28
N ASP C 11 17.07 -29.44 20.02
CA ASP C 11 15.75 -28.90 20.34
C ASP C 11 14.70 -29.40 19.37
N LEU C 12 15.03 -29.48 18.08
CA LEU C 12 14.09 -29.87 17.04
C LEU C 12 14.20 -31.35 16.68
N LEU C 13 14.90 -32.14 17.50
CA LEU C 13 15.13 -33.54 17.15
C LEU C 13 13.84 -34.32 16.90
N PRO C 14 12.79 -34.19 17.72
CA PRO C 14 11.55 -34.94 17.42
C PRO C 14 10.98 -34.63 16.05
N ASN C 15 11.01 -33.36 15.63
CA ASN C 15 10.51 -33.01 14.31
C ASN C 15 11.39 -33.60 13.22
N ILE C 16 12.71 -33.62 13.43
CA ILE C 16 13.60 -34.23 12.45
C ILE C 16 13.30 -35.72 12.31
N ARG C 17 13.08 -36.40 13.44
CA ARG C 17 12.75 -37.82 13.38
C ARG C 17 11.42 -38.05 12.69
N VAL C 18 10.43 -37.21 12.96
CA VAL C 18 9.15 -37.34 12.28
C VAL C 18 9.31 -37.15 10.78
N MET C 19 10.12 -36.17 10.39
CA MET C 19 10.38 -35.94 8.97
C MET C 19 11.04 -37.16 8.34
N GLN C 20 12.06 -37.71 8.99
CA GLN C 20 12.76 -38.85 8.43
C GLN C 20 11.85 -40.07 8.33
N GLY C 21 11.00 -40.29 9.33
CA GLY C 21 10.15 -41.47 9.33
C GLY C 21 9.21 -41.51 8.14
N VAL C 22 8.62 -40.36 7.79
CA VAL C 22 7.68 -40.31 6.66
C VAL C 22 8.38 -40.38 5.31
N GLY C 23 9.71 -40.50 5.29
CA GLY C 23 10.44 -40.56 4.04
C GLY C 23 10.76 -39.19 3.48
N HIS C 24 11.46 -38.38 4.28
CA HIS C 24 11.81 -37.01 3.92
C HIS C 24 13.31 -36.82 3.80
N PHE C 25 14.01 -37.84 3.30
CA PHE C 25 15.46 -37.79 3.09
C PHE C 25 16.12 -37.46 4.41
N MET C 26 16.94 -36.42 4.52
CA MET C 26 17.61 -36.07 5.77
C MET C 26 18.51 -37.21 6.24
N PHE C 27 19.53 -37.52 5.43
CA PHE C 27 20.51 -38.54 5.78
C PHE C 27 21.71 -37.92 6.48
N ASN C 28 21.46 -37.25 7.60
CA ASN C 28 22.51 -36.50 8.29
C ASN C 28 22.57 -36.71 9.80
N TYR C 29 21.49 -37.10 10.46
CA TYR C 29 21.46 -37.05 11.93
C TYR C 29 21.19 -38.40 12.55
N TYR C 30 21.89 -39.43 12.09
CA TYR C 30 21.84 -40.76 12.70
C TYR C 30 23.14 -41.49 12.37
N SER C 31 23.28 -42.69 12.91
CA SER C 31 24.48 -43.48 12.67
C SER C 31 24.57 -43.89 11.20
N GLU C 32 25.81 -44.05 10.73
CA GLU C 32 26.01 -44.39 9.33
C GLU C 32 25.38 -45.72 8.97
N GLY C 33 25.20 -46.61 9.94
CA GLY C 33 24.60 -47.90 9.65
C GLY C 33 23.21 -47.77 9.04
N LYS C 34 22.41 -46.84 9.56
CA LYS C 34 21.08 -46.58 9.01
C LYS C 34 21.11 -45.70 7.78
N LYS C 35 22.27 -45.15 7.42
CA LYS C 35 22.35 -44.26 6.27
C LYS C 35 21.95 -44.97 4.98
N PHE C 36 22.41 -46.21 4.80
CA PHE C 36 22.09 -46.92 3.56
C PHE C 36 20.63 -47.37 3.56
N PRO C 37 20.17 -48.17 4.52
CA PRO C 37 18.78 -48.66 4.44
C PRO C 37 17.76 -47.56 4.28
N HIS C 38 17.78 -46.55 5.17
CA HIS C 38 16.76 -45.50 5.15
C HIS C 38 16.61 -44.94 3.75
N ARG C 39 17.73 -44.74 3.05
CA ARG C 39 17.67 -44.13 1.73
C ARG C 39 16.69 -44.87 0.83
N ILE C 40 16.82 -46.19 0.71
CA ILE C 40 15.91 -46.93 -0.16
C ILE C 40 14.47 -46.64 0.24
N TYR C 41 14.17 -46.73 1.54
CA TYR C 41 12.82 -46.46 1.99
C TYR C 41 12.34 -45.14 1.43
N CYS C 42 13.14 -44.08 1.62
CA CYS C 42 12.74 -42.77 1.12
C CYS C 42 12.40 -42.86 -0.36
N ILE C 43 13.32 -43.41 -1.15
CA ILE C 43 13.08 -43.51 -2.59
C ILE C 43 11.76 -44.21 -2.84
N VAL C 44 11.58 -45.36 -2.18
CA VAL C 44 10.35 -46.12 -2.41
C VAL C 44 9.14 -45.24 -2.14
N THR C 45 9.15 -44.55 -1.00
CA THR C 45 8.02 -43.68 -0.68
C THR C 45 7.76 -42.72 -1.83
N LEU C 46 8.80 -42.00 -2.25
CA LEU C 46 8.63 -41.07 -3.36
C LEU C 46 8.01 -41.78 -4.55
N LEU C 47 8.60 -42.91 -4.94
CA LEU C 47 8.04 -43.69 -6.03
C LEU C 47 6.54 -43.86 -5.83
N LEU C 48 6.15 -44.48 -4.71
CA LEU C 48 4.74 -44.71 -4.46
C LEU C 48 3.97 -43.40 -4.60
N LEU C 49 4.43 -42.35 -3.91
CA LEU C 49 3.79 -41.06 -4.04
C LEU C 49 3.60 -40.72 -5.52
N LEU C 50 4.71 -40.61 -6.25
CA LEU C 50 4.62 -40.26 -7.67
C LEU C 50 3.64 -41.18 -8.37
N LEU C 51 3.76 -42.48 -8.13
CA LEU C 51 2.85 -43.43 -8.75
C LEU C 51 1.41 -42.96 -8.54
N GLN C 52 0.99 -42.88 -7.28
CA GLN C 52 -0.39 -42.46 -7.01
C GLN C 52 -0.67 -41.12 -7.66
N TYR C 53 0.27 -40.18 -7.54
CA TYR C 53 0.09 -38.87 -8.15
C TYR C 53 -0.20 -39.04 -9.64
N GLY C 54 0.67 -39.75 -10.35
CA GLY C 54 0.41 -40.01 -11.74
C GLY C 54 -0.91 -40.72 -11.95
N MET C 55 -1.20 -41.70 -11.09
CA MET C 55 -2.45 -42.44 -11.21
C MET C 55 -3.64 -41.51 -11.11
N MET C 56 -3.52 -40.43 -10.32
CA MET C 56 -4.59 -39.44 -10.26
C MET C 56 -4.62 -38.61 -11.54
N ALA C 57 -3.46 -38.16 -12.00
CA ALA C 57 -3.43 -37.25 -13.15
C ALA C 57 -4.07 -37.89 -14.37
N VAL C 58 -3.78 -39.17 -14.60
CA VAL C 58 -4.38 -39.86 -15.74
C VAL C 58 -5.89 -39.77 -15.67
N ASN C 59 -6.47 -39.98 -14.49
CA ASN C 59 -7.92 -39.91 -14.35
C ASN C 59 -8.43 -38.55 -14.79
N LEU C 60 -7.70 -37.47 -14.44
CA LEU C 60 -8.15 -36.13 -14.80
C LEU C 60 -8.40 -36.02 -16.30
N MET C 61 -7.67 -36.80 -17.11
CA MET C 61 -7.89 -36.76 -18.55
C MET C 61 -9.30 -37.27 -18.89
N MET C 62 -9.67 -38.46 -18.39
CA MET C 62 -10.96 -39.02 -18.78
C MET C 62 -12.10 -38.10 -18.39
N GLU C 63 -12.04 -37.51 -17.20
CA GLU C 63 -13.09 -36.62 -16.71
C GLU C 63 -12.88 -35.19 -17.17
N SER C 64 -12.11 -34.97 -18.24
CA SER C 64 -11.89 -33.61 -18.73
C SER C 64 -13.07 -33.07 -19.53
N ASP C 65 -13.97 -33.94 -19.98
CA ASP C 65 -15.10 -33.46 -20.80
C ASP C 65 -15.98 -32.49 -20.01
N ASP C 66 -16.29 -32.83 -18.77
CA ASP C 66 -17.14 -31.98 -17.93
C ASP C 66 -16.29 -30.92 -17.23
N VAL C 67 -16.97 -29.95 -16.63
CA VAL C 67 -16.30 -28.81 -16.02
C VAL C 67 -16.29 -28.89 -14.51
N ASP C 68 -17.36 -29.41 -13.90
CA ASP C 68 -17.39 -29.53 -12.44
C ASP C 68 -16.36 -30.54 -11.94
N ASP C 69 -16.36 -31.74 -12.52
CA ASP C 69 -15.39 -32.74 -12.12
C ASP C 69 -13.98 -32.31 -12.48
N LEU C 70 -13.82 -31.55 -13.56
CA LEU C 70 -12.51 -30.99 -13.88
C LEU C 70 -12.02 -30.09 -12.77
N THR C 71 -12.89 -29.22 -12.25
CA THR C 71 -12.51 -28.33 -11.16
C THR C 71 -12.17 -29.11 -9.90
N ALA C 72 -12.99 -30.12 -9.57
CA ALA C 72 -12.72 -30.92 -8.38
C ALA C 72 -11.39 -31.66 -8.49
N ASN C 73 -11.13 -32.26 -9.65
CA ASN C 73 -9.89 -32.99 -9.85
C ASN C 73 -8.70 -32.06 -9.84
N THR C 74 -8.84 -30.85 -10.40
CA THR C 74 -7.75 -29.88 -10.34
C THR C 74 -7.46 -29.46 -8.90
N ILE C 75 -8.50 -29.28 -8.10
CA ILE C 75 -8.30 -28.92 -6.70
C ILE C 75 -7.55 -30.03 -5.97
N THR C 76 -7.97 -31.28 -6.19
CA THR C 76 -7.27 -32.40 -5.57
C THR C 76 -5.82 -32.47 -6.05
N MET C 77 -5.61 -32.24 -7.35
CA MET C 77 -4.26 -32.32 -7.90
C MET C 77 -3.35 -31.27 -7.29
N LEU C 78 -3.85 -30.04 -7.09
CA LEU C 78 -3.02 -29.02 -6.45
C LEU C 78 -2.77 -29.36 -4.98
N PHE C 79 -3.81 -29.82 -4.28
CA PHE C 79 -3.67 -30.21 -2.88
C PHE C 79 -2.56 -31.23 -2.73
N PHE C 80 -2.53 -32.24 -3.60
CA PHE C 80 -1.50 -33.27 -3.53
C PHE C 80 -0.24 -32.89 -4.31
N LEU C 81 -0.24 -31.77 -5.00
CA LEU C 81 0.99 -31.22 -5.56
C LEU C 81 1.84 -30.60 -4.48
N HIS C 82 1.19 -29.95 -3.51
CA HIS C 82 1.94 -29.33 -2.41
C HIS C 82 2.99 -30.28 -1.83
N PRO C 83 2.58 -31.43 -1.28
CA PRO C 83 3.56 -32.30 -0.61
C PRO C 83 4.69 -32.78 -1.52
N ILE C 84 4.39 -33.11 -2.77
CA ILE C 84 5.44 -33.58 -3.68
C ILE C 84 6.43 -32.46 -3.95
N VAL C 85 5.94 -31.23 -4.14
CA VAL C 85 6.83 -30.11 -4.34
C VAL C 85 7.75 -29.93 -3.14
N LYS C 86 7.19 -30.01 -1.93
CA LYS C 86 8.03 -29.86 -0.74
C LYS C 86 9.06 -30.98 -0.64
N MET C 87 8.64 -32.22 -0.91
CA MET C 87 9.53 -33.37 -0.80
C MET C 87 10.68 -33.27 -1.79
N ILE C 88 10.41 -32.85 -3.03
CA ILE C 88 11.48 -32.69 -4.00
C ILE C 88 12.32 -31.46 -3.68
N TYR C 89 11.70 -30.42 -3.12
CA TYR C 89 12.40 -29.18 -2.85
C TYR C 89 13.46 -29.34 -1.77
N PHE C 90 13.17 -30.14 -0.73
CA PHE C 90 14.14 -30.26 0.35
C PHE C 90 15.49 -30.79 -0.11
N PRO C 91 15.57 -31.93 -0.81
CA PRO C 91 16.90 -32.48 -1.13
C PRO C 91 17.77 -31.56 -1.96
N VAL C 92 17.19 -30.82 -2.91
CA VAL C 92 18.01 -29.98 -3.78
C VAL C 92 18.62 -28.84 -2.97
N ARG C 93 17.87 -28.31 -1.99
CA ARG C 93 18.34 -27.24 -1.12
C ARG C 93 18.78 -27.77 0.25
N SER C 94 19.22 -29.02 0.31
CA SER C 94 19.56 -29.63 1.60
C SER C 94 20.72 -28.91 2.27
N LYS C 95 21.66 -28.38 1.49
CA LYS C 95 22.85 -27.77 2.09
C LYS C 95 22.47 -26.54 2.92
N ILE C 96 21.56 -25.70 2.40
CA ILE C 96 21.15 -24.52 3.17
C ILE C 96 20.34 -24.94 4.39
N PHE C 97 19.54 -26.00 4.28
CA PHE C 97 18.80 -26.49 5.45
C PHE C 97 19.76 -26.94 6.54
N TYR C 98 20.80 -27.69 6.17
CA TYR C 98 21.76 -28.15 7.16
C TYR C 98 22.56 -26.99 7.74
N LYS C 99 22.86 -25.99 6.92
CA LYS C 99 23.52 -24.78 7.44
C LYS C 99 22.63 -24.08 8.46
N THR C 100 21.33 -23.97 8.17
CA THR C 100 20.41 -23.34 9.10
C THR C 100 20.33 -24.11 10.41
N LEU C 101 20.26 -25.44 10.33
CA LEU C 101 20.14 -26.24 11.54
C LEU C 101 21.40 -26.23 12.38
N ALA C 102 22.52 -25.73 11.84
CA ALA C 102 23.78 -25.64 12.56
C ALA C 102 24.13 -24.23 12.98
N ILE C 103 23.18 -23.29 12.89
CA ILE C 103 23.48 -21.90 13.19
C ILE C 103 23.80 -21.73 14.68
N TRP C 104 23.01 -22.35 15.55
CA TRP C 104 23.06 -22.08 16.98
C TRP C 104 23.91 -23.09 17.75
N ASN C 105 24.94 -23.63 17.11
CA ASN C 105 25.81 -24.57 17.81
C ASN C 105 26.66 -23.87 18.88
N ASN C 106 27.11 -22.65 18.59
CA ASN C 106 28.00 -21.91 19.49
C ASN C 106 27.44 -20.52 19.72
N PRO C 107 26.53 -20.36 20.69
CA PRO C 107 26.00 -19.03 21.00
C PRO C 107 26.81 -18.34 22.09
N ASN C 108 26.60 -17.03 22.18
CA ASN C 108 27.30 -16.23 23.18
C ASN C 108 26.74 -16.55 24.57
N SER C 109 27.48 -16.11 25.59
CA SER C 109 27.09 -16.35 26.97
C SER C 109 27.65 -15.26 27.86
N HIS C 110 26.87 -14.86 28.86
CA HIS C 110 27.28 -13.89 29.87
C HIS C 110 26.83 -14.41 31.23
N PRO C 111 27.65 -14.24 32.27
CA PRO C 111 27.24 -14.76 33.60
C PRO C 111 25.94 -14.17 34.11
N LEU C 112 25.69 -12.89 33.85
CA LEU C 112 24.51 -12.23 34.41
C LEU C 112 23.23 -12.63 33.71
N PHE C 113 23.29 -12.94 32.41
CA PHE C 113 22.10 -13.22 31.61
C PHE C 113 21.93 -14.70 31.31
N ALA C 114 22.58 -15.57 32.09
CA ALA C 114 22.49 -17.00 31.82
C ALA C 114 21.14 -17.57 32.25
N GLU C 115 20.62 -17.12 33.40
CA GLU C 115 19.36 -17.66 33.89
C GLU C 115 18.22 -17.37 32.93
N SER C 116 18.10 -16.12 32.49
CA SER C 116 17.05 -15.76 31.54
C SER C 116 17.22 -16.51 30.23
N ASN C 117 18.47 -16.66 29.78
CA ASN C 117 18.73 -17.39 28.54
C ASN C 117 18.23 -18.83 28.64
N ALA C 118 18.56 -19.50 29.75
CA ALA C 118 18.10 -20.88 29.93
C ALA C 118 16.59 -20.95 30.02
N ARG C 119 15.97 -20.02 30.75
CA ARG C 119 14.52 -20.02 30.89
C ARG C 119 13.85 -19.88 29.53
N PHE C 120 14.33 -18.95 28.71
CA PHE C 120 13.68 -18.73 27.42
C PHE C 120 14.00 -19.84 26.43
N HIS C 121 15.17 -20.48 26.56
CA HIS C 121 15.45 -21.65 25.74
C HIS C 121 14.47 -22.79 26.06
N ALA C 122 14.24 -23.03 27.35
CA ALA C 122 13.28 -24.05 27.74
C ALA C 122 11.87 -23.69 27.25
N LEU C 123 11.50 -22.41 27.37
CA LEU C 123 10.20 -21.99 26.89
C LEU C 123 10.06 -22.24 25.38
N ALA C 124 11.11 -21.93 24.62
CA ALA C 124 11.08 -22.17 23.18
C ALA C 124 10.93 -23.65 22.87
N ILE C 125 11.66 -24.50 23.59
CA ILE C 125 11.54 -25.94 23.35
C ILE C 125 10.12 -26.40 23.64
N THR C 126 9.54 -25.94 24.74
CA THR C 126 8.17 -26.32 25.07
C THR C 126 7.19 -25.88 23.99
N LYS C 127 7.33 -24.65 23.50
CA LYS C 127 6.42 -24.16 22.48
C LYS C 127 6.59 -24.92 21.16
N MET C 128 7.83 -25.30 20.82
CA MET C 128 8.06 -26.11 19.64
C MET C 128 7.36 -27.46 19.77
N ARG C 129 7.48 -28.09 20.94
CA ARG C 129 6.81 -29.38 21.13
C ARG C 129 5.31 -29.23 21.03
N ARG C 130 4.76 -28.17 21.62
CA ARG C 130 3.32 -27.94 21.54
C ARG C 130 2.87 -27.76 20.10
N LEU C 131 3.62 -26.98 19.32
CA LEU C 131 3.26 -26.78 17.92
C LEU C 131 3.30 -28.08 17.14
N LEU C 132 4.35 -28.89 17.37
CA LEU C 132 4.45 -30.17 16.67
C LEU C 132 3.26 -31.06 17.01
N PHE C 133 2.93 -31.18 18.29
CA PHE C 133 1.81 -32.02 18.69
C PHE C 133 0.49 -31.50 18.11
N CYS C 134 0.28 -30.19 18.13
CA CYS C 134 -0.96 -29.63 17.60
C CYS C 134 -1.10 -29.91 16.12
N VAL C 135 -0.03 -29.72 15.35
CA VAL C 135 -0.10 -29.94 13.91
C VAL C 135 -0.27 -31.43 13.61
N ALA C 136 0.37 -32.29 14.39
CA ALA C 136 0.18 -33.74 14.19
C ALA C 136 -1.26 -34.13 14.46
N GLY C 137 -1.86 -33.60 15.53
CA GLY C 137 -3.25 -33.88 15.80
C GLY C 137 -4.16 -33.37 14.71
N ALA C 138 -3.88 -32.18 14.19
CA ALA C 138 -4.69 -31.64 13.11
C ALA C 138 -4.59 -32.52 11.87
N THR C 139 -3.39 -32.99 11.54
CA THR C 139 -3.22 -33.86 10.37
C THR C 139 -3.96 -35.19 10.55
N ILE C 140 -3.87 -35.79 11.74
CA ILE C 140 -4.56 -37.04 11.99
C ILE C 140 -6.07 -36.84 11.90
N PHE C 141 -6.57 -35.73 12.47
CA PHE C 141 -7.99 -35.43 12.37
C PHE C 141 -8.41 -35.25 10.91
N SER C 142 -7.58 -34.58 10.11
CA SER C 142 -7.90 -34.38 8.71
C SER C 142 -8.02 -35.73 7.99
N VAL C 143 -7.06 -36.62 8.24
CA VAL C 143 -7.09 -37.93 7.59
C VAL C 143 -8.34 -38.71 7.99
N ILE C 144 -8.64 -38.71 9.30
CA ILE C 144 -9.80 -39.47 9.79
C ILE C 144 -11.09 -38.90 9.22
N SER C 145 -11.21 -37.57 9.19
CA SER C 145 -12.42 -36.95 8.64
C SER C 145 -12.55 -37.24 7.16
N TRP C 146 -11.43 -37.22 6.43
CA TRP C 146 -11.46 -37.57 5.02
C TRP C 146 -12.02 -38.97 4.83
N THR C 147 -11.48 -39.95 5.56
CA THR C 147 -11.93 -41.32 5.42
C THR C 147 -13.40 -41.47 5.80
N GLY C 148 -13.81 -40.84 6.89
CA GLY C 148 -15.21 -40.91 7.29
C GLY C 148 -16.15 -40.31 6.26
N ILE C 149 -15.75 -39.17 5.69
CA ILE C 149 -16.55 -38.54 4.64
C ILE C 149 -16.69 -39.48 3.46
N THR C 150 -15.60 -40.13 3.06
CA THR C 150 -15.68 -41.05 1.93
C THR C 150 -16.63 -42.20 2.24
N PHE C 151 -16.60 -42.71 3.47
CA PHE C 151 -17.40 -43.89 3.78
C PHE C 151 -18.88 -43.57 3.97
N ILE C 152 -19.21 -42.44 4.61
CA ILE C 152 -20.63 -42.10 4.78
C ILE C 152 -21.24 -41.66 3.46
N GLU C 153 -20.52 -40.86 2.68
CA GLU C 153 -21.07 -40.32 1.44
C GLU C 153 -21.31 -41.44 0.42
N ASP C 154 -22.31 -41.24 -0.43
CA ASP C 154 -22.64 -42.22 -1.44
C ASP C 154 -21.73 -42.06 -2.66
N SER C 155 -21.17 -43.17 -3.12
CA SER C 155 -20.27 -43.18 -4.28
C SER C 155 -21.13 -43.44 -5.51
N VAL C 156 -21.51 -42.37 -6.21
CA VAL C 156 -22.36 -42.48 -7.39
C VAL C 156 -21.96 -41.39 -8.37
N LYS C 157 -22.00 -41.72 -9.65
CA LYS C 157 -21.63 -40.81 -10.73
C LYS C 157 -22.85 -40.49 -11.57
N ARG C 158 -23.03 -39.20 -11.87
CA ARG C 158 -24.15 -38.74 -12.69
C ARG C 158 -23.68 -38.57 -14.12
N ILE C 159 -24.35 -39.24 -15.05
CA ILE C 159 -24.01 -39.17 -16.47
C ILE C 159 -25.20 -38.65 -17.26
N THR C 168 -28.33 -40.52 -15.70
CA THR C 168 -28.20 -41.88 -15.20
C THR C 168 -27.19 -41.96 -14.08
N ILE C 169 -27.35 -42.98 -13.22
CA ILE C 169 -26.47 -43.19 -12.07
C ILE C 169 -25.58 -44.39 -12.38
N ILE C 170 -24.28 -44.15 -12.44
CA ILE C 170 -23.28 -45.18 -12.65
C ILE C 170 -22.46 -45.30 -11.36
N PRO C 171 -22.43 -46.46 -10.70
CA PRO C 171 -21.73 -46.55 -9.41
C PRO C 171 -20.23 -46.45 -9.55
N ILE C 172 -19.66 -45.31 -9.15
CA ILE C 172 -18.22 -45.10 -9.15
C ILE C 172 -17.62 -45.89 -7.98
N PRO C 173 -16.41 -46.43 -8.10
CA PRO C 173 -15.80 -47.11 -6.96
C PRO C 173 -15.75 -46.22 -5.73
N ARG C 174 -16.05 -46.83 -4.58
CA ARG C 174 -16.08 -46.09 -3.30
C ARG C 174 -14.66 -46.02 -2.74
N LEU C 175 -13.85 -45.19 -3.36
CA LEU C 175 -12.46 -45.02 -2.97
C LEU C 175 -12.24 -43.58 -2.48
N MET C 176 -11.29 -43.43 -1.56
CA MET C 176 -11.13 -42.17 -0.86
C MET C 176 -10.67 -41.05 -1.79
N ILE C 177 -9.93 -41.38 -2.84
CA ILE C 177 -9.49 -40.42 -3.85
C ILE C 177 -9.86 -40.97 -5.22
N ARG C 178 -10.46 -40.14 -6.05
CA ARG C 178 -10.78 -40.54 -7.41
C ARG C 178 -9.51 -40.89 -8.17
N THR C 179 -9.52 -42.01 -8.87
CA THR C 179 -8.34 -42.48 -9.58
C THR C 179 -8.73 -43.63 -10.49
N PHE C 180 -8.06 -43.71 -11.63
CA PHE C 180 -8.24 -44.80 -12.58
C PHE C 180 -7.19 -45.88 -12.29
N TYR C 181 -7.65 -47.09 -11.96
CA TYR C 181 -6.77 -48.17 -11.54
C TYR C 181 -6.87 -49.32 -12.52
N PRO C 182 -5.74 -49.91 -12.95
CA PRO C 182 -5.83 -51.14 -13.74
C PRO C 182 -6.55 -52.26 -13.01
N PHE C 183 -6.41 -52.33 -11.69
CA PHE C 183 -7.14 -53.32 -10.91
C PHE C 183 -8.64 -53.14 -11.09
N ASN C 184 -9.40 -54.13 -10.63
CA ASN C 184 -10.85 -54.03 -10.69
C ASN C 184 -11.37 -52.86 -9.87
N ALA C 185 -10.82 -52.68 -8.66
CA ALA C 185 -11.17 -51.60 -7.75
C ALA C 185 -12.60 -51.71 -7.24
N MET C 186 -13.29 -52.82 -7.52
CA MET C 186 -14.63 -53.07 -7.04
C MET C 186 -14.75 -54.35 -6.23
N SER C 187 -14.06 -55.41 -6.64
CA SER C 187 -14.04 -56.64 -5.86
C SER C 187 -13.26 -56.43 -4.57
N GLY C 188 -13.34 -57.42 -3.69
CA GLY C 188 -12.78 -57.24 -2.35
C GLY C 188 -11.29 -56.95 -2.37
N ALA C 189 -10.52 -57.75 -3.12
CA ALA C 189 -9.07 -57.62 -3.08
C ALA C 189 -8.61 -56.26 -3.60
N GLY C 190 -9.06 -55.88 -4.80
CA GLY C 190 -8.67 -54.60 -5.35
C GLY C 190 -9.16 -53.44 -4.52
N HIS C 191 -10.40 -53.53 -4.04
CA HIS C 191 -10.97 -52.45 -3.24
C HIS C 191 -10.16 -52.22 -1.96
N VAL C 192 -9.85 -53.30 -1.25
CA VAL C 192 -9.12 -53.15 0.02
C VAL C 192 -7.69 -52.69 -0.24
N PHE C 193 -7.05 -53.20 -1.30
CA PHE C 193 -5.71 -52.74 -1.61
C PHE C 193 -5.71 -51.25 -1.91
N ALA C 194 -6.68 -50.79 -2.72
CA ALA C 194 -6.75 -49.38 -3.05
C ALA C 194 -7.02 -48.53 -1.81
N LEU C 195 -7.92 -48.98 -0.94
CA LEU C 195 -8.19 -48.23 0.28
C LEU C 195 -6.93 -48.09 1.13
N ILE C 196 -6.21 -49.18 1.32
CA ILE C 196 -5.01 -49.14 2.15
C ILE C 196 -3.96 -48.23 1.51
N TYR C 197 -3.77 -48.35 0.19
CA TYR C 197 -2.77 -47.53 -0.48
C TYR C 197 -3.12 -46.05 -0.40
N GLN C 198 -4.40 -45.70 -0.57
CA GLN C 198 -4.78 -44.29 -0.49
C GLN C 198 -4.66 -43.77 0.94
N PHE C 199 -4.99 -44.59 1.94
CA PHE C 199 -4.78 -44.16 3.32
C PHE C 199 -3.31 -43.87 3.59
N TYR C 200 -2.43 -44.77 3.15
CA TYR C 200 -1.00 -44.54 3.31
C TYR C 200 -0.55 -43.29 2.58
N TYR C 201 -1.03 -43.09 1.36
CA TYR C 201 -0.66 -41.93 0.57
C TYR C 201 -1.08 -40.64 1.26
N LEU C 202 -2.32 -40.59 1.75
CA LEU C 202 -2.79 -39.39 2.43
C LEU C 202 -1.95 -39.11 3.67
N VAL C 203 -1.73 -40.13 4.50
CA VAL C 203 -0.96 -39.93 5.71
C VAL C 203 0.42 -39.39 5.37
N ILE C 204 1.09 -40.00 4.39
CA ILE C 204 2.46 -39.64 4.06
C ILE C 204 2.53 -38.21 3.52
N SER C 205 1.63 -37.88 2.59
CA SER C 205 1.66 -36.54 2.01
C SER C 205 1.39 -35.46 3.05
N MET C 206 0.34 -35.65 3.85
CA MET C 206 0.03 -34.68 4.89
C MET C 206 1.20 -34.53 5.85
N ALA C 207 1.78 -35.66 6.28
CA ALA C 207 2.88 -35.60 7.24
C ALA C 207 4.07 -34.86 6.66
N VAL C 208 4.42 -35.15 5.40
CA VAL C 208 5.57 -34.51 4.78
C VAL C 208 5.37 -33.00 4.74
N SER C 209 4.25 -32.56 4.17
CA SER C 209 4.02 -31.13 4.03
C SER C 209 3.99 -30.43 5.38
N ASN C 210 3.20 -30.97 6.32
CA ASN C 210 3.04 -30.32 7.60
C ASN C 210 4.33 -30.34 8.41
N SER C 211 5.15 -31.38 8.26
CA SER C 211 6.40 -31.43 9.01
C SER C 211 7.39 -30.40 8.50
N LEU C 212 7.49 -30.22 7.18
CA LEU C 212 8.36 -29.16 6.68
C LEU C 212 7.86 -27.79 7.15
N ASP C 213 6.55 -27.57 7.08
CA ASP C 213 6.00 -26.30 7.56
C ASP C 213 6.29 -26.09 9.04
N VAL C 214 6.17 -27.16 9.84
CA VAL C 214 6.41 -27.05 11.28
C VAL C 214 7.87 -26.77 11.56
N LEU C 215 8.79 -27.32 10.75
CA LEU C 215 10.19 -26.99 10.93
C LEU C 215 10.43 -25.50 10.70
N PHE C 216 9.84 -24.95 9.63
CA PHE C 216 9.94 -23.52 9.39
C PHE C 216 9.41 -22.71 10.57
N CYS C 217 8.19 -23.06 11.02
CA CYS C 217 7.58 -22.33 12.12
C CYS C 217 8.34 -22.49 13.42
N SER C 218 9.02 -23.61 13.61
CA SER C 218 9.83 -23.80 14.82
C SER C 218 11.08 -22.93 14.79
N TRP C 219 11.70 -22.80 13.61
CA TRP C 219 12.77 -21.81 13.48
C TRP C 219 12.27 -20.43 13.88
N LEU C 220 11.10 -20.05 13.38
CA LEU C 220 10.54 -18.74 13.72
C LEU C 220 10.27 -18.61 15.21
N LEU C 221 9.76 -19.67 15.83
CA LEU C 221 9.50 -19.65 17.27
C LEU C 221 10.79 -19.44 18.05
N PHE C 222 11.87 -20.13 17.65
CA PHE C 222 13.15 -19.94 18.32
C PHE C 222 13.62 -18.50 18.20
N ALA C 223 13.50 -17.92 17.00
CA ALA C 223 13.92 -16.53 16.83
C ALA C 223 13.11 -15.60 17.72
N CYS C 224 11.79 -15.80 17.78
CA CYS C 224 10.93 -14.94 18.59
C CYS C 224 11.26 -15.06 20.08
N GLU C 225 11.50 -16.28 20.55
CA GLU C 225 11.84 -16.46 21.95
C GLU C 225 13.19 -15.83 22.28
N GLN C 226 14.15 -15.91 21.35
CA GLN C 226 15.42 -15.24 21.57
C GLN C 226 15.25 -13.73 21.65
N LEU C 227 14.37 -13.17 20.81
CA LEU C 227 14.08 -11.74 20.89
C LEU C 227 13.46 -11.38 22.24
N GLN C 228 12.53 -12.22 22.72
CA GLN C 228 11.95 -12.00 24.04
C GLN C 228 13.03 -11.99 25.12
N HIS C 229 13.97 -12.94 25.04
CA HIS C 229 15.08 -12.97 25.99
C HIS C 229 15.90 -11.69 25.89
N LEU C 230 16.14 -11.21 24.68
CA LEU C 230 16.91 -9.99 24.50
C LEU C 230 16.24 -8.81 25.19
N LYS C 231 14.92 -8.66 25.02
CA LYS C 231 14.22 -7.57 25.68
C LYS C 231 14.29 -7.72 27.20
N ALA C 232 14.03 -8.92 27.70
CA ALA C 232 13.99 -9.15 29.14
C ALA C 232 15.33 -8.81 29.78
N ILE C 233 16.44 -9.20 29.14
CA ILE C 233 17.74 -8.90 29.71
C ILE C 233 18.20 -7.49 29.36
N MET C 234 17.57 -6.84 28.37
CA MET C 234 17.83 -5.43 28.12
C MET C 234 17.36 -4.59 29.29
N LYS C 235 16.22 -4.95 29.87
CA LYS C 235 15.72 -4.18 31.00
C LYS C 235 16.75 -4.01 32.12
N PRO C 236 17.42 -5.05 32.62
CA PRO C 236 18.43 -4.86 33.67
C PRO C 236 19.78 -4.36 33.18
N LEU C 237 20.04 -4.41 31.87
CA LEU C 237 21.33 -3.99 31.35
C LEU C 237 21.60 -2.52 31.67
N MET C 238 20.60 -1.66 31.45
CA MET C 238 20.79 -0.24 31.72
C MET C 238 20.95 0.02 33.22
N GLU C 239 20.13 -0.64 34.05
CA GLU C 239 20.31 -0.48 35.49
C GLU C 239 21.71 -0.89 35.92
N LEU C 240 22.29 -1.88 35.24
CA LEU C 240 23.70 -2.18 35.44
C LEU C 240 24.56 -1.01 35.01
N SER C 241 24.20 -0.35 33.90
CA SER C 241 24.96 0.79 33.43
C SER C 241 24.70 2.03 34.30
N ALA C 242 23.45 2.23 34.71
CA ALA C 242 23.09 3.44 35.44
C ALA C 242 23.67 3.43 36.84
N THR C 243 24.32 4.53 37.21
CA THR C 243 24.88 4.68 38.55
C THR C 243 25.43 6.09 38.74
N GLY C 313 30.71 8.71 35.75
CA GLY C 313 30.85 8.51 37.18
C GLY C 313 30.95 7.05 37.56
N LEU C 314 31.58 6.26 36.69
CA LEU C 314 31.74 4.82 36.88
C LEU C 314 33.22 4.49 37.04
N THR C 315 33.50 3.54 37.93
CA THR C 315 34.85 3.01 38.03
C THR C 315 35.14 2.10 36.83
N LYS C 316 36.43 1.97 36.52
CA LYS C 316 36.83 1.24 35.31
C LYS C 316 36.22 -0.16 35.28
N LYS C 317 36.08 -0.80 36.44
CA LYS C 317 35.45 -2.12 36.49
C LYS C 317 34.02 -2.06 35.99
N GLN C 318 33.26 -1.05 36.44
CA GLN C 318 31.88 -0.93 36.00
C GLN C 318 31.80 -0.62 34.50
N GLU C 319 32.72 0.21 34.00
CA GLU C 319 32.74 0.50 32.57
C GLU C 319 32.98 -0.77 31.77
N MET C 320 33.95 -1.59 32.20
CA MET C 320 34.22 -2.84 31.50
C MET C 320 33.03 -3.79 31.57
N LEU C 321 32.37 -3.86 32.74
CA LEU C 321 31.21 -4.73 32.86
C LEU C 321 30.08 -4.29 31.94
N VAL C 322 29.83 -2.99 31.87
CA VAL C 322 28.80 -2.47 30.98
C VAL C 322 29.15 -2.75 29.53
N ARG C 323 30.42 -2.59 29.17
CA ARG C 323 30.84 -2.88 27.80
C ARG C 323 30.62 -4.36 27.47
N SER C 324 30.95 -5.24 28.41
CA SER C 324 30.74 -6.67 28.17
C SER C 324 29.26 -6.99 28.00
N ALA C 325 28.40 -6.38 28.83
CA ALA C 325 26.97 -6.62 28.69
C ALA C 325 26.44 -6.12 27.34
N ILE C 326 26.87 -4.93 26.93
CA ILE C 326 26.44 -4.39 25.64
C ILE C 326 26.91 -5.27 24.51
N LYS C 327 28.16 -5.75 24.59
CA LYS C 327 28.68 -6.65 23.58
C LYS C 327 27.87 -7.93 23.50
N TYR C 328 27.53 -8.50 24.65
CA TYR C 328 26.71 -9.71 24.66
C TYR C 328 25.37 -9.47 23.98
N TRP C 329 24.71 -8.36 24.34
CA TRP C 329 23.41 -8.05 23.74
C TRP C 329 23.53 -7.93 22.23
N VAL C 330 24.50 -7.15 21.76
CA VAL C 330 24.62 -6.89 20.32
C VAL C 330 24.95 -8.17 19.57
N GLU C 331 25.87 -8.98 20.11
CA GLU C 331 26.25 -10.21 19.43
C GLU C 331 25.08 -11.19 19.36
N ARG C 332 24.31 -11.31 20.44
CA ARG C 332 23.15 -12.20 20.40
C ARG C 332 22.13 -11.71 19.38
N HIS C 333 21.90 -10.39 19.32
CA HIS C 333 20.96 -9.86 18.35
C HIS C 333 21.42 -10.16 16.92
N LYS C 334 22.72 -9.98 16.65
CA LYS C 334 23.25 -10.29 15.33
C LYS C 334 23.10 -11.77 15.00
N HIS C 335 23.31 -12.63 15.99
CA HIS C 335 23.12 -14.07 15.79
C HIS C 335 21.68 -14.37 15.38
N VAL C 336 20.71 -13.75 16.08
CA VAL C 336 19.32 -13.94 15.72
C VAL C 336 19.06 -13.46 14.30
N VAL C 337 19.69 -12.34 13.91
CA VAL C 337 19.52 -11.82 12.56
C VAL C 337 20.03 -12.81 11.54
N ARG C 338 21.19 -13.42 11.79
CA ARG C 338 21.74 -14.41 10.87
C ARG C 338 20.80 -15.60 10.72
N LEU C 339 20.29 -16.09 11.85
CA LEU C 339 19.34 -17.21 11.79
C LEU C 339 18.13 -16.86 10.95
N VAL C 340 17.58 -15.66 11.16
CA VAL C 340 16.41 -15.22 10.40
C VAL C 340 16.74 -15.15 8.92
N THR C 341 17.94 -14.67 8.57
CA THR C 341 18.30 -14.56 7.16
C THR C 341 18.38 -15.94 6.49
N ALA C 342 18.99 -16.91 7.17
CA ALA C 342 19.08 -18.25 6.57
C ALA C 342 17.70 -18.86 6.38
N VAL C 343 16.87 -18.82 7.43
CA VAL C 343 15.52 -19.32 7.32
C VAL C 343 14.78 -18.61 6.20
N GLY C 344 14.99 -17.30 6.08
CA GLY C 344 14.34 -16.53 5.03
C GLY C 344 14.71 -17.04 3.66
N ASP C 345 16.01 -17.21 3.39
CA ASP C 345 16.41 -17.75 2.10
C ASP C 345 15.63 -19.02 1.79
N ALA C 346 15.85 -20.04 2.62
CA ALA C 346 15.32 -21.37 2.30
C ALA C 346 13.80 -21.34 2.17
N TYR C 347 13.11 -21.05 3.25
CA TYR C 347 11.67 -21.17 3.13
C TYR C 347 11.03 -19.95 2.50
N GLY C 348 11.81 -18.99 2.01
CA GLY C 348 11.23 -17.93 1.21
C GLY C 348 11.04 -18.42 -0.20
N VAL C 349 12.04 -19.12 -0.73
CA VAL C 349 11.78 -19.80 -2.00
C VAL C 349 10.63 -20.80 -1.83
N ALA C 350 10.67 -21.56 -0.72
CA ALA C 350 9.59 -22.52 -0.49
C ALA C 350 8.22 -21.84 -0.43
N LEU C 351 8.14 -20.69 0.26
CA LEU C 351 6.87 -20.00 0.42
C LEU C 351 6.38 -19.42 -0.89
N LEU C 352 7.30 -18.91 -1.73
CA LEU C 352 6.89 -18.47 -3.05
C LEU C 352 6.16 -19.59 -3.77
N LEU C 353 6.76 -20.79 -3.79
CA LEU C 353 6.11 -21.91 -4.47
C LEU C 353 4.75 -22.23 -3.82
N HIS C 354 4.73 -22.27 -2.49
CA HIS C 354 3.51 -22.66 -1.76
C HIS C 354 2.36 -21.71 -2.10
N MET C 355 2.59 -20.41 -2.03
CA MET C 355 1.51 -19.46 -2.27
C MET C 355 1.14 -19.39 -3.74
N LEU C 356 2.11 -19.61 -4.64
CA LEU C 356 1.75 -19.71 -6.05
C LEU C 356 0.73 -20.82 -6.28
N THR C 357 0.92 -21.96 -5.61
CA THR C 357 -0.09 -23.03 -5.74
C THR C 357 -1.40 -22.65 -5.04
N THR C 358 -1.29 -22.08 -3.83
CA THR C 358 -2.47 -21.81 -3.03
C THR C 358 -3.41 -20.82 -3.71
N THR C 359 -2.88 -19.88 -4.49
CA THR C 359 -3.75 -18.91 -5.15
C THR C 359 -4.73 -19.59 -6.09
N ILE C 360 -4.22 -20.45 -6.98
CA ILE C 360 -5.10 -21.18 -7.90
C ILE C 360 -6.03 -22.08 -7.12
N THR C 361 -5.51 -22.74 -6.07
CA THR C 361 -6.37 -23.61 -5.28
C THR C 361 -7.57 -22.83 -4.73
N LEU C 362 -7.31 -21.64 -4.19
CA LEU C 362 -8.38 -20.84 -3.59
C LEU C 362 -9.35 -20.33 -4.64
N THR C 363 -8.86 -19.95 -5.82
CA THR C 363 -9.77 -19.52 -6.89
C THR C 363 -10.73 -20.64 -7.25
N LEU C 364 -10.20 -21.84 -7.50
CA LEU C 364 -11.06 -22.97 -7.85
C LEU C 364 -12.00 -23.32 -6.70
N LEU C 365 -11.53 -23.16 -5.46
CA LEU C 365 -12.37 -23.48 -4.31
C LEU C 365 -13.52 -22.48 -4.18
N ALA C 366 -13.27 -21.21 -4.48
CA ALA C 366 -14.34 -20.23 -4.50
C ALA C 366 -15.38 -20.58 -5.54
N TYR C 367 -14.94 -20.96 -6.74
CA TYR C 367 -15.89 -21.39 -7.75
C TYR C 367 -16.69 -22.59 -7.26
N GLN C 368 -16.04 -23.54 -6.59
CA GLN C 368 -16.75 -24.70 -6.07
C GLN C 368 -17.77 -24.30 -5.00
N ALA C 369 -17.39 -23.40 -4.11
CA ALA C 369 -18.29 -22.96 -3.05
C ALA C 369 -19.49 -22.22 -3.61
N THR C 370 -19.34 -21.63 -4.80
CA THR C 370 -20.49 -21.00 -5.44
C THR C 370 -21.65 -21.97 -5.64
N LYS C 371 -21.37 -23.27 -5.73
CA LYS C 371 -22.38 -24.28 -6.04
C LYS C 371 -22.96 -24.97 -4.81
N VAL C 372 -22.56 -24.56 -3.60
CA VAL C 372 -23.05 -25.21 -2.39
C VAL C 372 -24.50 -24.83 -2.15
N ASN C 373 -25.34 -25.82 -1.82
CA ASN C 373 -26.75 -25.57 -1.55
C ASN C 373 -27.23 -26.33 -0.31
N GLY C 374 -26.35 -26.49 0.68
CA GLY C 374 -26.72 -27.11 1.94
C GLY C 374 -26.50 -28.61 2.00
N VAL C 375 -26.12 -29.26 0.89
CA VAL C 375 -25.88 -30.70 0.91
C VAL C 375 -24.73 -31.00 1.86
N ASN C 376 -24.91 -32.02 2.69
CA ASN C 376 -23.94 -32.30 3.74
C ASN C 376 -22.57 -32.65 3.17
N VAL C 377 -22.52 -33.62 2.25
CA VAL C 377 -21.23 -34.14 1.79
C VAL C 377 -20.48 -33.08 0.98
N TYR C 378 -21.17 -32.46 0.01
CA TYR C 378 -20.50 -31.49 -0.85
C TYR C 378 -20.04 -30.28 -0.05
N ALA C 379 -20.93 -29.73 0.78
CA ALA C 379 -20.56 -28.57 1.58
C ALA C 379 -19.44 -28.91 2.54
N ALA C 380 -19.48 -30.10 3.14
CA ALA C 380 -18.44 -30.50 4.07
C ALA C 380 -17.09 -30.60 3.37
N THR C 381 -17.07 -31.19 2.17
CA THR C 381 -15.81 -31.32 1.43
C THR C 381 -15.26 -29.95 1.06
N VAL C 382 -16.12 -29.05 0.56
CA VAL C 382 -15.65 -27.72 0.17
C VAL C 382 -15.13 -26.97 1.39
N ILE C 383 -15.86 -27.05 2.51
CA ILE C 383 -15.44 -26.37 3.73
C ILE C 383 -14.11 -26.94 4.22
N GLY C 384 -13.93 -28.25 4.13
CA GLY C 384 -12.67 -28.84 4.56
C GLY C 384 -11.50 -28.39 3.71
N TYR C 385 -11.68 -28.35 2.38
CA TYR C 385 -10.61 -27.89 1.51
C TYR C 385 -10.25 -26.44 1.82
N LEU C 386 -11.26 -25.58 1.95
CA LEU C 386 -11.00 -24.18 2.26
C LEU C 386 -10.29 -24.05 3.60
N LEU C 387 -10.75 -24.81 4.61
CA LEU C 387 -10.16 -24.73 5.93
C LEU C 387 -8.70 -25.15 5.90
N TYR C 388 -8.38 -26.23 5.18
CA TYR C 388 -7.00 -26.70 5.14
C TYR C 388 -6.10 -25.69 4.46
N THR C 389 -6.52 -25.19 3.29
CA THR C 389 -5.70 -24.22 2.57
C THR C 389 -5.46 -22.97 3.41
N LEU C 390 -6.55 -22.38 3.91
CA LEU C 390 -6.43 -21.18 4.70
C LEU C 390 -5.66 -21.43 5.99
N GLY C 391 -5.72 -22.65 6.52
CA GLY C 391 -4.97 -22.95 7.73
C GLY C 391 -3.48 -22.99 7.49
N GLN C 392 -3.04 -23.58 6.38
CA GLN C 392 -1.62 -23.54 6.04
C GLN C 392 -1.15 -22.10 5.87
N VAL C 393 -1.89 -21.32 5.09
CA VAL C 393 -1.52 -19.92 4.88
C VAL C 393 -1.49 -19.18 6.22
N PHE C 394 -2.49 -19.43 7.07
CA PHE C 394 -2.60 -18.72 8.33
C PHE C 394 -1.47 -19.09 9.28
N LEU C 395 -1.03 -20.35 9.26
CA LEU C 395 0.10 -20.75 10.10
C LEU C 395 1.36 -19.99 9.70
N PHE C 396 1.70 -20.01 8.40
CA PHE C 396 2.86 -19.26 7.95
C PHE C 396 2.73 -17.80 8.36
N CYS C 397 1.56 -17.22 8.16
CA CYS C 397 1.38 -15.79 8.38
C CYS C 397 1.44 -15.43 9.86
N ILE C 398 0.85 -16.26 10.73
CA ILE C 398 0.88 -15.94 12.15
C ILE C 398 2.32 -15.95 12.65
N PHE C 399 3.11 -16.93 12.21
CA PHE C 399 4.47 -16.97 12.74
C PHE C 399 5.34 -15.83 12.18
N GLY C 400 5.15 -15.50 10.89
CA GLY C 400 5.84 -14.33 10.36
C GLY C 400 5.47 -13.04 11.08
N ASN C 401 4.18 -12.86 11.34
CA ASN C 401 3.72 -11.67 12.04
C ASN C 401 4.28 -11.62 13.46
N ARG C 402 4.37 -12.78 14.11
CA ARG C 402 4.98 -12.82 15.44
C ARG C 402 6.43 -12.34 15.38
N LEU C 403 7.18 -12.78 14.36
CA LEU C 403 8.57 -12.33 14.24
C LEU C 403 8.64 -10.81 14.06
N ILE C 404 7.80 -10.28 13.16
CA ILE C 404 7.82 -8.84 12.91
C ILE C 404 7.51 -8.07 14.19
N GLU C 405 6.43 -8.46 14.87
CA GLU C 405 6.03 -7.76 16.08
C GLU C 405 7.08 -7.90 17.17
N GLU C 406 7.80 -9.03 17.20
CA GLU C 406 8.85 -9.19 18.20
C GLU C 406 10.00 -8.22 17.95
N SER C 407 10.38 -8.01 16.70
CA SER C 407 11.43 -7.03 16.41
C SER C 407 10.98 -5.62 16.81
N SER C 408 9.78 -5.24 16.39
CA SER C 408 9.27 -3.92 16.79
C SER C 408 9.22 -3.79 18.31
N SER C 409 8.86 -4.86 18.99
CA SER C 409 8.83 -4.85 20.44
C SER C 409 10.24 -4.76 21.02
N VAL C 410 11.26 -5.27 20.32
CA VAL C 410 12.63 -5.03 20.76
C VAL C 410 12.89 -3.53 20.77
N MET C 411 12.47 -2.84 19.72
CA MET C 411 12.60 -1.38 19.70
C MET C 411 11.90 -0.76 20.92
N GLU C 412 10.63 -1.13 21.12
CA GLU C 412 9.86 -0.53 22.21
C GLU C 412 10.48 -0.79 23.57
N ALA C 413 10.97 -2.01 23.79
CA ALA C 413 11.61 -2.35 25.06
C ALA C 413 12.93 -1.62 25.24
N ALA C 414 13.63 -1.34 24.13
CA ALA C 414 14.80 -0.49 24.23
C ALA C 414 14.42 0.90 24.72
N TYR C 415 13.32 1.44 24.21
CA TYR C 415 12.88 2.75 24.68
C TYR C 415 12.50 2.73 26.15
N SER C 416 11.79 1.68 26.59
CA SER C 416 11.15 1.68 27.90
C SER C 416 12.06 1.11 28.99
N CYS C 417 13.22 1.75 29.14
CA CYS C 417 14.13 1.47 30.25
C CYS C 417 14.69 2.79 30.76
N HIS C 418 15.51 2.71 31.81
CA HIS C 418 16.01 3.90 32.49
C HIS C 418 17.29 4.40 31.83
N TRP C 419 17.18 4.72 30.54
CA TRP C 419 18.34 5.20 29.80
C TRP C 419 18.69 6.64 30.19
N TYR C 420 17.72 7.43 30.63
CA TYR C 420 18.01 8.79 31.05
C TYR C 420 18.96 8.81 32.24
N ASP C 421 19.01 7.74 33.02
CA ASP C 421 19.92 7.64 34.15
C ASP C 421 21.25 6.98 33.80
N GLY C 422 21.39 6.49 32.57
CA GLY C 422 22.60 5.80 32.18
C GLY C 422 23.70 6.75 31.74
N SER C 423 24.77 6.15 31.22
CA SER C 423 25.92 6.90 30.74
C SER C 423 25.82 7.10 29.23
N GLU C 424 26.63 8.04 28.73
CA GLU C 424 26.58 8.36 27.30
C GLU C 424 26.75 7.11 26.45
N GLU C 425 27.60 6.18 26.87
CA GLU C 425 27.81 4.95 26.12
C GLU C 425 26.52 4.15 26.04
N ALA C 426 25.82 4.00 27.16
CA ALA C 426 24.58 3.23 27.17
C ALA C 426 23.49 3.95 26.38
N LYS C 427 23.43 5.28 26.47
CA LYS C 427 22.45 6.02 25.70
C LYS C 427 22.70 5.88 24.20
N THR C 428 23.96 5.93 23.79
CA THR C 428 24.29 5.74 22.38
C THR C 428 23.96 4.32 21.93
N PHE C 429 24.21 3.34 22.80
CA PHE C 429 23.84 1.96 22.48
C PHE C 429 22.34 1.83 22.28
N VAL C 430 21.56 2.47 23.15
CA VAL C 430 20.10 2.46 22.99
C VAL C 430 19.69 3.13 21.69
N GLN C 431 20.31 4.28 21.37
CA GLN C 431 19.97 5.00 20.15
C GLN C 431 20.22 4.14 18.92
N ILE C 432 21.40 3.50 18.86
CA ILE C 432 21.73 2.68 17.70
C ILE C 432 20.84 1.46 17.63
N VAL C 433 20.52 0.86 18.78
CA VAL C 433 19.66 -0.32 18.79
C VAL C 433 18.28 0.04 18.27
N CYS C 434 17.72 1.17 18.73
CA CYS C 434 16.41 1.60 18.25
C CYS C 434 16.44 1.91 16.77
N GLN C 435 17.50 2.58 16.31
CA GLN C 435 17.61 2.90 14.88
C GLN C 435 17.66 1.62 14.06
N GLN C 436 18.42 0.62 14.51
CA GLN C 436 18.46 -0.65 13.79
C GLN C 436 17.10 -1.33 13.80
N CYS C 437 16.40 -1.28 14.93
CA CYS C 437 15.10 -1.93 15.05
C CYS C 437 13.98 -1.16 14.38
N GLN C 438 14.25 0.04 13.84
CA GLN C 438 13.22 0.74 13.07
C GLN C 438 12.65 -0.15 11.99
N LYS C 439 13.49 -0.93 11.32
CA LYS C 439 13.05 -1.89 10.31
C LYS C 439 12.95 -3.27 10.94
N ALA C 440 11.75 -3.83 10.93
CA ALA C 440 11.50 -5.09 11.62
C ALA C 440 11.91 -6.27 10.74
N MET C 441 12.35 -7.34 11.40
CA MET C 441 12.68 -8.57 10.68
C MET C 441 11.44 -9.15 10.03
N SER C 442 11.63 -9.77 8.87
CA SER C 442 10.52 -10.39 8.16
C SER C 442 11.06 -11.47 7.24
N ILE C 443 10.16 -12.36 6.83
CA ILE C 443 10.46 -13.42 5.88
C ILE C 443 9.66 -13.16 4.63
N SER C 444 10.33 -13.08 3.49
CA SER C 444 9.70 -12.77 2.22
C SER C 444 9.76 -13.99 1.30
N GLY C 445 8.68 -14.19 0.55
CA GLY C 445 8.63 -15.28 -0.40
C GLY C 445 9.45 -14.98 -1.64
N ALA C 446 10.77 -14.91 -1.47
CA ALA C 446 11.69 -14.59 -2.57
C ALA C 446 11.51 -13.15 -3.04
N LYS C 447 11.32 -12.23 -2.10
CA LYS C 447 11.20 -10.80 -2.33
C LYS C 447 9.94 -10.44 -3.10
N PHE C 448 8.98 -11.36 -3.25
CA PHE C 448 7.73 -11.08 -3.92
C PHE C 448 6.61 -10.70 -2.96
N PHE C 449 6.78 -10.96 -1.67
CA PHE C 449 5.82 -10.55 -0.65
C PHE C 449 6.47 -10.81 0.71
N THR C 450 5.74 -10.49 1.77
CA THR C 450 6.18 -10.74 3.13
C THR C 450 5.09 -11.53 3.85
N VAL C 451 5.50 -12.57 4.57
CA VAL C 451 4.54 -13.41 5.29
C VAL C 451 4.17 -12.71 6.59
N SER C 452 2.90 -12.32 6.70
CA SER C 452 2.36 -11.70 7.89
C SER C 452 0.85 -11.87 7.85
N LEU C 453 0.18 -11.43 8.92
CA LEU C 453 -1.28 -11.48 8.92
C LEU C 453 -1.88 -10.53 7.90
N ASP C 454 -1.11 -9.55 7.42
CA ASP C 454 -1.57 -8.73 6.31
C ASP C 454 -1.69 -9.54 5.04
N LEU C 455 -0.75 -10.45 4.79
CA LEU C 455 -0.85 -11.33 3.63
C LEU C 455 -2.08 -12.23 3.73
N PHE C 456 -2.34 -12.79 4.92
CA PHE C 456 -3.52 -13.62 5.10
C PHE C 456 -4.79 -12.79 4.89
N ALA C 457 -4.81 -11.56 5.40
CA ALA C 457 -5.95 -10.69 5.19
C ALA C 457 -6.17 -10.41 3.71
N SER C 458 -5.09 -10.16 2.96
CA SER C 458 -5.22 -9.94 1.53
C SER C 458 -5.77 -11.17 0.82
N VAL C 459 -5.27 -12.36 1.19
CA VAL C 459 -5.74 -13.58 0.55
C VAL C 459 -7.22 -13.79 0.83
N LEU C 460 -7.63 -13.61 2.10
CA LEU C 460 -9.02 -13.80 2.47
C LEU C 460 -9.91 -12.79 1.76
N GLY C 461 -9.49 -11.53 1.73
CA GLY C 461 -10.29 -10.52 1.05
C GLY C 461 -10.44 -10.80 -0.43
N ALA C 462 -9.34 -11.19 -1.09
CA ALA C 462 -9.41 -11.49 -2.51
C ALA C 462 -10.38 -12.64 -2.78
N VAL C 463 -10.25 -13.73 -2.01
CA VAL C 463 -11.10 -14.89 -2.27
C VAL C 463 -12.55 -14.56 -1.96
N VAL C 464 -12.81 -13.81 -0.89
CA VAL C 464 -14.19 -13.50 -0.52
C VAL C 464 -14.83 -12.58 -1.55
N THR C 465 -14.10 -11.55 -2.00
CA THR C 465 -14.63 -10.66 -3.03
C THR C 465 -14.88 -11.42 -4.32
N TYR C 466 -13.95 -12.30 -4.71
CA TYR C 466 -14.15 -13.09 -5.92
C TYR C 466 -15.39 -13.96 -5.81
N PHE C 467 -15.59 -14.58 -4.64
CA PHE C 467 -16.78 -15.41 -4.45
C PHE C 467 -18.05 -14.58 -4.53
N MET C 468 -18.04 -13.39 -3.93
CA MET C 468 -19.22 -12.53 -3.97
C MET C 468 -19.57 -12.17 -5.41
N VAL C 469 -18.56 -11.76 -6.18
CA VAL C 469 -18.81 -11.41 -7.57
C VAL C 469 -19.32 -12.62 -8.34
N LEU C 470 -18.68 -13.78 -8.12
CA LEU C 470 -19.09 -14.99 -8.83
C LEU C 470 -20.54 -15.34 -8.54
N VAL C 471 -20.93 -15.34 -7.26
CA VAL C 471 -22.27 -15.74 -6.91
C VAL C 471 -23.28 -14.74 -7.46
N GLN C 472 -22.93 -13.45 -7.52
CA GLN C 472 -23.82 -12.49 -8.15
C GLN C 472 -23.96 -12.77 -9.65
N LEU C 473 -22.86 -13.10 -10.32
CA LEU C 473 -22.93 -13.41 -11.75
C LEU C 473 -23.85 -14.58 -12.06
N LYS C 474 -24.07 -15.47 -11.10
CA LYS C 474 -24.89 -16.65 -11.35
C LYS C 474 -26.37 -16.28 -11.45
N ALA D 2 41.38 -1.67 -20.28
CA ALA D 2 41.17 -0.70 -19.17
C ALA D 2 39.77 -0.09 -19.24
N ARG D 3 39.40 0.38 -20.43
CA ARG D 3 38.08 0.97 -20.66
C ARG D 3 37.01 -0.07 -20.92
N LEU D 4 37.24 -1.33 -20.55
CA LEU D 4 36.31 -2.41 -20.83
C LEU D 4 34.97 -2.21 -20.13
N VAL D 5 34.84 -1.14 -19.33
CA VAL D 5 33.57 -0.85 -18.68
C VAL D 5 32.51 -0.71 -19.76
N LEU D 6 31.53 -1.62 -19.76
CA LEU D 6 30.47 -1.63 -20.76
C LEU D 6 31.04 -1.70 -22.17
N HIS D 7 32.09 -2.52 -22.35
CA HIS D 7 32.76 -2.60 -23.64
C HIS D 7 31.80 -3.03 -24.74
N GLU D 8 31.08 -4.12 -24.53
CA GLU D 8 30.13 -4.59 -25.54
C GLU D 8 29.01 -3.58 -25.74
N VAL D 9 28.55 -2.96 -24.66
CA VAL D 9 27.53 -1.92 -24.79
C VAL D 9 28.09 -0.73 -25.56
N ARG D 10 29.37 -0.40 -25.35
CA ARG D 10 29.99 0.66 -26.13
C ARG D 10 30.00 0.31 -27.61
N TYR D 11 30.31 -0.94 -27.93
CA TYR D 11 30.29 -1.38 -29.33
C TYR D 11 28.90 -1.26 -29.92
N VAL D 12 27.88 -1.69 -29.18
CA VAL D 12 26.51 -1.62 -29.68
C VAL D 12 26.09 -0.16 -29.89
N LEU D 13 26.45 0.72 -28.95
CA LEU D 13 26.14 2.13 -29.11
C LEU D 13 26.82 2.72 -30.34
N MET D 14 28.10 2.39 -30.54
CA MET D 14 28.80 2.90 -31.72
C MET D 14 28.15 2.41 -33.00
N ALA D 15 27.76 1.13 -33.05
CA ALA D 15 27.09 0.62 -34.23
C ALA D 15 25.79 1.36 -34.52
N MET D 16 25.24 2.02 -33.50
CA MET D 16 24.03 2.82 -33.66
C MET D 16 24.31 4.23 -34.16
N LEU D 17 25.56 4.66 -34.14
CA LEU D 17 25.96 6.05 -34.33
C LEU D 17 25.46 6.94 -33.20
N TYR D 18 24.96 6.36 -32.11
CA TYR D 18 24.60 7.13 -30.94
C TYR D 18 25.80 7.87 -30.37
N ILE D 19 26.94 7.19 -30.29
CA ILE D 19 28.20 7.79 -29.86
C ILE D 19 29.25 7.44 -30.90
N SER D 20 30.02 8.44 -31.31
CA SER D 20 31.04 8.22 -32.34
C SER D 20 32.30 7.61 -31.74
N ARG D 21 32.92 8.32 -30.78
CA ARG D 21 34.15 7.83 -30.14
C ARG D 21 33.80 7.15 -28.82
N GLY D 22 33.12 6.01 -28.95
CA GLY D 22 32.67 5.29 -27.77
C GLY D 22 33.79 4.73 -26.94
N MET D 23 34.86 4.27 -27.59
CA MET D 23 35.92 3.54 -26.91
C MET D 23 36.89 4.45 -26.17
N ALA D 24 36.56 5.72 -25.98
CA ALA D 24 37.38 6.60 -25.16
C ALA D 24 37.11 6.37 -23.69
N LYS D 25 38.06 6.78 -22.86
CA LYS D 25 37.88 6.71 -21.42
C LYS D 25 37.04 7.85 -20.87
N GLN D 26 36.81 8.89 -21.66
CA GLN D 26 36.09 10.09 -21.24
C GLN D 26 35.10 10.49 -22.34
N ILE D 27 34.24 9.54 -22.74
CA ILE D 27 33.32 9.74 -23.86
C ILE D 27 32.78 11.16 -23.84
N GLN D 28 32.89 11.86 -24.97
CA GLN D 28 32.52 13.27 -25.08
C GLN D 28 31.19 13.41 -25.79
N ASN D 29 30.35 14.30 -25.26
CA ASN D 29 29.09 14.64 -25.91
C ASN D 29 29.36 15.70 -26.98
N SER D 30 28.92 15.41 -28.20
CA SER D 30 29.14 16.31 -29.34
C SER D 30 27.83 16.51 -30.08
N THR D 31 27.67 17.71 -30.65
CA THR D 31 26.45 18.04 -31.36
C THR D 31 26.31 17.25 -32.65
N ILE D 32 27.42 16.88 -33.28
CA ILE D 32 27.36 16.11 -34.52
C ILE D 32 26.66 14.79 -34.28
N ASP D 33 27.05 14.10 -33.20
CA ASP D 33 26.35 12.86 -32.84
C ASP D 33 24.88 13.13 -32.55
N LEU D 34 24.60 14.25 -31.87
CA LEU D 34 23.22 14.59 -31.54
C LEU D 34 22.36 14.66 -32.80
N TYR D 35 22.82 15.40 -33.80
CA TYR D 35 21.99 15.61 -35.00
C TYR D 35 21.95 14.37 -35.88
N VAL D 36 23.08 13.66 -36.00
CA VAL D 36 23.07 12.42 -36.77
C VAL D 36 22.11 11.43 -36.15
N TYR D 37 22.09 11.35 -34.82
CA TYR D 37 21.19 10.42 -34.15
C TYR D 37 19.74 10.89 -34.26
N TRP D 38 19.49 12.20 -34.31
CA TRP D 38 18.12 12.65 -34.56
C TRP D 38 17.64 12.24 -35.95
N PHE D 39 18.51 12.38 -36.96
CA PHE D 39 18.13 11.93 -38.30
C PHE D 39 17.87 10.43 -38.32
N LEU D 40 18.75 9.66 -37.68
CA LEU D 40 18.56 8.22 -37.61
C LEU D 40 17.33 7.85 -36.78
N THR D 41 16.93 8.71 -35.86
CA THR D 41 15.69 8.50 -35.11
C THR D 41 14.48 8.74 -35.99
N PHE D 42 14.56 9.71 -36.88
CA PHE D 42 13.45 9.99 -37.77
C PHE D 42 13.33 8.96 -38.89
N ILE D 43 14.41 8.24 -39.22
CA ILE D 43 14.32 7.21 -40.25
C ILE D 43 13.30 6.12 -39.88
N PRO D 44 13.38 5.48 -38.70
CA PRO D 44 12.36 4.47 -38.37
C PRO D 44 10.95 5.00 -38.37
N ILE D 45 10.74 6.24 -37.91
CA ILE D 45 9.39 6.79 -37.87
C ILE D 45 8.77 6.77 -39.26
N ALA D 46 9.52 7.22 -40.26
CA ALA D 46 9.02 7.18 -41.63
C ALA D 46 8.87 5.75 -42.12
N SER D 47 9.86 4.89 -41.83
CA SER D 47 9.85 3.55 -42.41
C SER D 47 8.86 2.62 -41.71
N LEU D 48 8.75 2.70 -40.38
CA LEU D 48 7.99 1.73 -39.60
C LEU D 48 6.75 2.33 -38.94
N CYS D 49 6.91 3.36 -38.11
CA CYS D 49 5.80 3.80 -37.28
C CYS D 49 4.65 4.36 -38.11
N VAL D 50 4.95 5.30 -39.01
CA VAL D 50 3.89 5.98 -39.74
C VAL D 50 3.10 5.01 -40.62
N PRO D 51 3.72 4.18 -41.46
CA PRO D 51 2.93 3.27 -42.29
C PRO D 51 2.09 2.30 -41.49
N GLN D 52 2.65 1.74 -40.41
CA GLN D 52 1.92 0.76 -39.61
C GLN D 52 0.75 1.42 -38.88
N PHE D 53 0.96 2.63 -38.36
CA PHE D 53 -0.14 3.33 -37.69
C PHE D 53 -1.23 3.71 -38.69
N THR D 54 -0.84 4.13 -39.90
CA THR D 54 -1.84 4.42 -40.92
C THR D 54 -2.66 3.17 -41.24
N TYR D 55 -2.00 2.03 -41.38
CA TYR D 55 -2.73 0.78 -41.61
C TYR D 55 -3.66 0.49 -40.43
N LEU D 56 -3.18 0.71 -39.21
CA LEU D 56 -3.99 0.42 -38.03
C LEU D 56 -5.25 1.27 -38.00
N VAL D 57 -5.13 2.55 -38.34
CA VAL D 57 -6.26 3.48 -38.25
C VAL D 57 -7.00 3.61 -39.57
N VAL D 58 -6.65 2.82 -40.59
CA VAL D 58 -7.34 2.89 -41.87
C VAL D 58 -7.87 1.53 -42.28
N ASP D 59 -6.98 0.53 -42.38
CA ASP D 59 -7.33 -0.73 -43.00
C ASP D 59 -7.76 -1.80 -42.00
N THR D 60 -7.62 -1.57 -40.70
CA THR D 60 -8.08 -2.54 -39.73
C THR D 60 -9.58 -2.75 -39.87
N LYS D 61 -10.01 -4.01 -39.89
CA LYS D 61 -11.39 -4.36 -40.18
C LYS D 61 -11.99 -5.36 -39.19
N SER D 62 -11.31 -5.64 -38.09
CA SER D 62 -11.82 -6.57 -37.08
C SER D 62 -10.90 -6.50 -35.87
N LEU D 63 -11.26 -7.27 -34.83
CA LEU D 63 -10.43 -7.31 -33.63
C LEU D 63 -9.18 -8.16 -33.84
N ILE D 64 -9.29 -9.25 -34.60
CA ILE D 64 -8.13 -10.10 -34.84
C ILE D 64 -7.08 -9.33 -35.64
N ASP D 65 -7.50 -8.60 -36.68
CA ASP D 65 -6.56 -7.80 -37.44
C ASP D 65 -5.97 -6.69 -36.58
N PHE D 66 -6.79 -6.10 -35.72
CA PHE D 66 -6.29 -5.06 -34.82
C PHE D 66 -5.20 -5.61 -33.92
N ILE D 67 -5.41 -6.80 -33.34
CA ILE D 67 -4.41 -7.37 -32.44
C ILE D 67 -3.16 -7.76 -33.22
N SER D 68 -3.33 -8.30 -34.44
CA SER D 68 -2.18 -8.67 -35.24
C SER D 68 -1.33 -7.44 -35.57
N VAL D 69 -1.97 -6.33 -35.92
CA VAL D 69 -1.21 -5.11 -36.22
C VAL D 69 -0.62 -4.51 -34.94
N LEU D 70 -1.28 -4.69 -33.81
CA LEU D 70 -0.82 -4.09 -32.57
C LEU D 70 0.31 -4.89 -31.93
N VAL D 71 0.51 -6.14 -32.32
CA VAL D 71 1.60 -6.93 -31.74
C VAL D 71 2.97 -6.30 -32.02
N PRO D 72 3.34 -6.00 -33.28
CA PRO D 72 4.67 -5.42 -33.53
C PRO D 72 4.76 -3.92 -33.29
N ILE D 73 3.68 -3.20 -33.61
CA ILE D 73 3.72 -1.75 -33.56
C ILE D 73 3.92 -1.26 -32.13
N THR D 74 3.41 -1.99 -31.14
CA THR D 74 3.61 -1.60 -29.76
C THR D 74 5.09 -1.49 -29.44
N GLU D 75 5.85 -2.55 -29.73
CA GLU D 75 7.28 -2.54 -29.44
C GLU D 75 8.02 -1.55 -30.34
N ILE D 76 7.58 -1.40 -31.59
CA ILE D 76 8.25 -0.46 -32.48
C ILE D 76 8.10 0.97 -31.95
N LEU D 77 6.89 1.34 -31.53
CA LEU D 77 6.68 2.67 -30.97
C LEU D 77 7.45 2.86 -29.67
N LEU D 78 7.48 1.84 -28.81
CA LEU D 78 8.25 1.97 -27.58
C LEU D 78 9.73 2.16 -27.88
N THR D 79 10.25 1.45 -28.88
CA THR D 79 11.66 1.58 -29.22
C THR D 79 11.96 2.96 -29.80
N ASN D 80 11.06 3.50 -30.61
CA ASN D 80 11.23 4.88 -31.08
C ASN D 80 11.21 5.86 -29.91
N GLY D 81 10.30 5.65 -28.96
CA GLY D 81 10.31 6.47 -27.76
C GLY D 81 11.63 6.39 -27.01
N LYS D 82 12.20 5.19 -26.94
CA LYS D 82 13.50 5.02 -26.29
C LYS D 82 14.59 5.75 -27.04
N MET D 83 14.59 5.64 -28.38
CA MET D 83 15.45 6.48 -29.22
C MET D 83 15.40 7.93 -28.77
N ILE D 84 14.20 8.50 -28.75
CA ILE D 84 14.06 9.93 -28.48
C ILE D 84 14.50 10.25 -27.05
N ILE D 85 14.06 9.44 -26.07
CA ILE D 85 14.36 9.72 -24.68
C ILE D 85 15.87 9.70 -24.44
N CYS D 86 16.54 8.69 -24.99
CA CYS D 86 17.97 8.56 -24.75
C CYS D 86 18.77 9.59 -25.54
N ASN D 87 18.28 10.00 -26.72
CA ASN D 87 18.92 11.12 -27.39
C ASN D 87 18.82 12.39 -26.56
N VAL D 88 17.65 12.61 -25.94
CA VAL D 88 17.48 13.80 -25.11
C VAL D 88 18.37 13.74 -23.88
N LYS D 89 18.54 12.55 -23.29
CA LYS D 89 19.27 12.40 -22.05
C LYS D 89 20.74 11.99 -22.26
N ARG D 90 21.22 11.99 -23.50
CA ARG D 90 22.59 11.61 -23.81
C ARG D 90 23.61 12.22 -22.87
N GLY D 91 23.43 13.48 -22.47
CA GLY D 91 24.39 14.10 -21.57
C GLY D 91 24.47 13.37 -20.23
N LYS D 92 23.31 13.10 -19.63
CA LYS D 92 23.29 12.38 -18.36
C LYS D 92 23.79 10.97 -18.52
N ILE D 93 23.42 10.29 -19.60
CA ILE D 93 23.84 8.91 -19.81
C ILE D 93 25.35 8.84 -19.95
N ILE D 94 25.94 9.75 -20.74
CA ILE D 94 27.38 9.75 -20.94
C ILE D 94 28.11 10.10 -19.64
N ASN D 95 27.56 11.05 -18.88
CA ASN D 95 28.18 11.37 -17.59
C ASN D 95 28.16 10.18 -16.65
N LEU D 96 27.04 9.44 -16.65
CA LEU D 96 26.95 8.25 -15.80
C LEU D 96 27.98 7.20 -16.23
N ILE D 97 28.11 6.97 -17.53
CA ILE D 97 29.10 6.00 -18.00
C ILE D 97 30.50 6.43 -17.61
N ASN D 98 30.81 7.72 -17.76
CA ASN D 98 32.14 8.21 -17.41
C ASN D 98 32.42 8.05 -15.93
N GLN D 99 31.43 8.33 -15.08
CA GLN D 99 31.64 8.18 -13.64
C GLN D 99 31.83 6.71 -13.27
N VAL D 100 31.08 5.81 -13.92
CA VAL D 100 31.27 4.39 -13.66
C VAL D 100 32.68 3.98 -14.08
N GLN D 101 33.17 4.51 -15.21
CA GLN D 101 34.53 4.22 -15.63
C GLN D 101 35.54 4.71 -14.62
N VAL D 102 35.33 5.91 -14.08
CA VAL D 102 36.25 6.46 -13.08
C VAL D 102 36.27 5.57 -11.83
N ALA D 103 35.09 5.14 -11.38
CA ALA D 103 35.02 4.28 -10.22
C ALA D 103 35.73 2.94 -10.48
N TRP D 104 35.53 2.38 -11.67
CA TRP D 104 36.19 1.13 -12.02
C TRP D 104 37.70 1.30 -12.03
N ASP D 105 38.19 2.42 -12.58
CA ASP D 105 39.63 2.68 -12.57
C ASP D 105 40.15 2.80 -11.14
N GLU D 106 39.38 3.46 -10.27
CA GLU D 106 39.79 3.58 -8.86
C GLU D 106 39.89 2.19 -8.22
N CYS D 107 38.89 1.34 -8.47
CA CYS D 107 38.89 0.01 -7.87
C CYS D 107 40.03 -0.86 -8.41
N ALA D 108 40.31 -0.75 -9.71
CA ALA D 108 41.32 -1.62 -10.31
C ALA D 108 42.71 -1.38 -9.73
N LYS D 109 42.93 -0.27 -9.04
CA LYS D 109 44.22 0.00 -8.42
C LYS D 109 44.38 -0.70 -7.07
N SER D 110 43.34 -1.36 -6.57
CA SER D 110 43.40 -1.98 -5.25
C SER D 110 44.21 -3.27 -5.31
N GLU D 111 44.84 -3.61 -4.18
CA GLU D 111 45.69 -4.78 -4.06
C GLU D 111 45.03 -5.95 -3.36
N HIS D 112 43.77 -5.82 -2.97
CA HIS D 112 43.07 -6.89 -2.26
C HIS D 112 42.52 -7.89 -3.26
N LEU D 113 42.76 -9.18 -3.00
CA LEU D 113 42.33 -10.21 -3.93
C LEU D 113 40.81 -10.26 -4.07
N GLU D 114 40.08 -9.96 -2.99
CA GLU D 114 38.63 -9.96 -3.07
C GLU D 114 38.14 -8.92 -4.06
N ILE D 115 38.74 -7.73 -4.03
CA ILE D 115 38.33 -6.67 -4.96
C ILE D 115 38.64 -7.09 -6.39
N GLN D 116 39.81 -7.68 -6.63
CA GLN D 116 40.17 -8.10 -7.98
C GLN D 116 39.21 -9.16 -8.49
N THR D 117 38.84 -10.11 -7.62
CA THR D 117 37.85 -11.11 -8.02
C THR D 117 36.52 -10.45 -8.35
N LEU D 118 36.13 -9.44 -7.58
CA LEU D 118 34.91 -8.70 -7.88
C LEU D 118 34.98 -8.06 -9.26
N ILE D 119 36.12 -7.44 -9.57
CA ILE D 119 36.29 -6.77 -10.86
C ILE D 119 36.16 -7.78 -12.00
N THR D 120 36.86 -8.91 -11.89
CA THR D 120 36.83 -9.90 -12.96
C THR D 120 35.42 -10.47 -13.14
N ALA D 121 34.75 -10.78 -12.02
CA ALA D 121 33.40 -11.32 -12.10
C ALA D 121 32.44 -10.34 -12.75
N THR D 122 32.55 -9.05 -12.39
CA THR D 122 31.67 -8.05 -12.98
C THR D 122 31.92 -7.91 -14.47
N ALA D 123 33.18 -7.90 -14.88
CA ALA D 123 33.47 -7.81 -16.31
C ALA D 123 32.88 -8.98 -17.08
N LYS D 124 33.06 -10.20 -16.55
CA LYS D 124 32.51 -11.37 -17.23
C LYS D 124 30.99 -11.31 -17.30
N LYS D 125 30.34 -10.94 -16.19
CA LYS D 125 28.89 -10.83 -16.18
C LYS D 125 28.41 -9.84 -17.22
N THR D 126 29.04 -8.67 -17.27
CA THR D 126 28.66 -7.64 -18.23
C THR D 126 28.75 -8.18 -19.65
N LYS D 127 29.91 -8.75 -20.01
CA LYS D 127 30.10 -9.23 -21.37
C LYS D 127 29.05 -10.28 -21.74
N ILE D 128 28.87 -11.27 -20.87
CA ILE D 128 27.96 -12.37 -21.20
C ILE D 128 26.54 -11.86 -21.35
N PHE D 129 26.09 -11.02 -20.41
CA PHE D 129 24.72 -10.52 -20.46
C PHE D 129 24.49 -9.71 -21.73
N VAL D 130 25.42 -8.81 -22.06
CA VAL D 130 25.23 -7.98 -23.24
C VAL D 130 25.14 -8.85 -24.49
N ILE D 131 26.05 -9.82 -24.62
CA ILE D 131 26.07 -10.65 -25.82
C ILE D 131 24.76 -11.42 -25.95
N ILE D 132 24.32 -12.05 -24.85
CA ILE D 132 23.12 -12.89 -24.93
C ILE D 132 21.90 -12.05 -25.25
N TYR D 133 21.73 -10.93 -24.56
CA TYR D 133 20.57 -10.08 -24.78
C TYR D 133 20.52 -9.57 -26.21
N THR D 134 21.64 -9.01 -26.68
CA THR D 134 21.67 -8.46 -28.03
C THR D 134 21.41 -9.55 -29.07
N THR D 135 22.01 -10.72 -28.91
CA THR D 135 21.80 -11.79 -29.87
C THR D 135 20.33 -12.19 -29.92
N SER D 136 19.72 -12.39 -28.76
CA SER D 136 18.33 -12.84 -28.72
C SER D 136 17.40 -11.83 -29.39
N PHE D 137 17.57 -10.55 -29.06
CA PHE D 137 16.63 -9.57 -29.61
C PHE D 137 16.90 -9.27 -31.08
N LEU D 138 18.16 -9.29 -31.51
CA LEU D 138 18.44 -9.17 -32.92
C LEU D 138 17.82 -10.33 -33.70
N LEU D 139 17.89 -11.54 -33.15
CA LEU D 139 17.27 -12.68 -33.81
C LEU D 139 15.76 -12.53 -33.88
N ILE D 140 15.13 -12.03 -32.81
CA ILE D 140 13.69 -11.81 -32.84
C ILE D 140 13.35 -10.82 -33.96
N CYS D 141 14.07 -9.70 -34.02
CA CYS D 141 13.75 -8.69 -35.01
C CYS D 141 14.00 -9.21 -36.43
N VAL D 142 15.07 -9.98 -36.62
CA VAL D 142 15.35 -10.54 -37.94
C VAL D 142 14.24 -11.50 -38.36
N GLU D 143 13.78 -12.34 -37.43
CA GLU D 143 12.71 -13.26 -37.77
C GLU D 143 11.43 -12.52 -38.12
N TYR D 144 11.15 -11.42 -37.41
CA TYR D 144 9.91 -10.69 -37.67
C TYR D 144 9.96 -9.87 -38.96
N SER D 145 11.13 -9.34 -39.33
CA SER D 145 11.23 -8.37 -40.41
C SER D 145 11.72 -8.96 -41.73
N SER D 146 12.68 -9.89 -41.69
CA SER D 146 13.39 -10.32 -42.88
C SER D 146 12.94 -11.69 -43.40
N MET D 147 11.83 -12.23 -42.90
CA MET D 147 11.40 -13.55 -43.35
C MET D 147 11.10 -13.61 -44.84
N PRO D 148 10.39 -12.64 -45.44
CA PRO D 148 10.13 -12.73 -46.88
C PRO D 148 11.38 -12.79 -47.72
N LEU D 149 12.45 -12.09 -47.32
CA LEU D 149 13.70 -12.16 -48.07
C LEU D 149 14.28 -13.57 -48.05
N PHE D 150 14.28 -14.21 -46.88
CA PHE D 150 14.75 -15.58 -46.80
C PHE D 150 13.90 -16.51 -47.66
N LYS D 151 12.58 -16.32 -47.63
CA LYS D 151 11.70 -17.15 -48.45
C LYS D 151 11.99 -16.95 -49.93
N LEU D 152 12.22 -15.71 -50.35
CA LEU D 152 12.53 -15.43 -51.74
C LEU D 152 13.84 -16.08 -52.14
N ILE D 153 14.86 -15.99 -51.29
CA ILE D 153 16.15 -16.62 -51.60
C ILE D 153 15.98 -18.13 -51.74
N TYR D 154 15.26 -18.74 -50.80
CA TYR D 154 15.05 -20.18 -50.86
C TYR D 154 14.29 -20.58 -52.11
N HIS D 155 13.23 -19.85 -52.45
CA HIS D 155 12.44 -20.19 -53.63
C HIS D 155 13.27 -20.06 -54.90
N SER D 156 14.06 -18.99 -55.01
CA SER D 156 14.91 -18.82 -56.17
C SER D 156 15.93 -19.94 -56.27
N ALA D 157 16.54 -20.32 -55.14
CA ALA D 157 17.54 -21.37 -55.16
C ALA D 157 16.93 -22.72 -55.55
N VAL D 158 15.75 -23.03 -55.03
CA VAL D 158 15.19 -24.37 -55.22
C VAL D 158 14.44 -24.46 -56.55
N TYR D 159 13.38 -23.66 -56.71
CA TYR D 159 12.55 -23.73 -57.90
C TYR D 159 13.13 -22.94 -59.07
N GLY D 160 14.19 -22.18 -58.86
CA GLY D 160 14.67 -21.33 -59.93
C GLY D 160 13.61 -20.31 -60.34
N LYS D 161 13.48 -20.11 -61.64
CA LYS D 161 12.47 -19.20 -62.18
C LYS D 161 11.20 -19.93 -62.59
N GLN D 162 11.12 -21.24 -62.37
CA GLN D 162 9.94 -22.00 -62.80
C GLN D 162 8.72 -21.62 -61.97
N SER D 163 8.78 -21.86 -60.66
CA SER D 163 7.66 -21.54 -59.79
C SER D 163 7.63 -20.04 -59.50
N ASN D 164 6.45 -19.56 -59.11
CA ASN D 164 6.23 -18.15 -58.83
C ASN D 164 5.92 -17.97 -57.36
N TYR D 165 6.61 -17.02 -56.73
CA TYR D 165 6.41 -16.66 -55.32
C TYR D 165 6.43 -15.15 -55.24
N THR D 166 5.24 -14.54 -55.31
CA THR D 166 5.11 -13.09 -55.30
C THR D 166 5.54 -12.56 -53.94
N ILE D 167 6.73 -11.95 -53.87
CA ILE D 167 7.23 -11.44 -52.61
C ILE D 167 6.33 -10.33 -52.11
N ALA D 168 6.15 -10.28 -50.79
CA ALA D 168 5.37 -9.24 -50.13
C ALA D 168 6.21 -8.60 -49.05
N LEU D 169 5.81 -7.38 -48.67
CA LEU D 169 6.55 -6.63 -47.68
C LEU D 169 6.35 -7.25 -46.30
N PRO D 170 7.17 -6.84 -45.32
CA PRO D 170 6.98 -7.34 -43.95
C PRO D 170 5.73 -6.77 -43.32
N TYR D 171 5.60 -6.91 -42.00
CA TYR D 171 4.37 -6.64 -41.26
C TYR D 171 3.54 -5.52 -41.89
N LEU D 172 2.24 -5.81 -42.04
CA LEU D 172 1.34 -4.97 -42.83
C LEU D 172 1.53 -3.50 -42.53
N SER D 173 1.41 -2.68 -43.58
CA SER D 173 1.49 -1.24 -43.46
C SER D 173 0.82 -0.60 -44.67
N ARG D 174 0.50 0.67 -44.55
CA ARG D 174 -0.06 1.46 -45.64
C ARG D 174 0.87 2.62 -45.93
N PHE D 175 1.27 2.75 -47.19
CA PHE D 175 2.24 3.75 -47.62
C PHE D 175 1.55 4.82 -48.45
N ALA D 176 1.95 6.07 -48.25
CA ALA D 176 1.37 7.17 -49.03
C ALA D 176 1.67 6.99 -50.52
N TYR D 177 2.88 6.56 -50.84
CA TYR D 177 3.29 6.35 -52.22
C TYR D 177 3.10 4.88 -52.62
N SER D 178 2.99 4.66 -53.92
CA SER D 178 2.82 3.31 -54.43
C SER D 178 4.11 2.51 -54.31
N THR D 179 3.96 1.20 -54.13
CA THR D 179 5.10 0.29 -54.04
C THR D 179 4.99 -0.87 -55.02
N GLU D 180 4.11 -0.75 -56.02
CA GLU D 180 4.00 -1.81 -57.03
C GLU D 180 5.27 -1.93 -57.85
N SER D 181 5.88 -0.80 -58.20
CA SER D 181 7.10 -0.82 -58.99
C SER D 181 8.22 -1.50 -58.23
N THR D 182 9.09 -2.20 -58.96
CA THR D 182 10.18 -2.94 -58.33
C THR D 182 11.14 -2.00 -57.61
N THR D 183 11.45 -0.85 -58.20
CA THR D 183 12.41 0.06 -57.59
C THR D 183 11.87 0.64 -56.28
N SER D 184 10.61 1.08 -56.29
CA SER D 184 10.01 1.61 -55.07
C SER D 184 9.92 0.53 -54.00
N PHE D 185 9.54 -0.69 -54.40
CA PHE D 185 9.50 -1.80 -53.45
C PHE D 185 10.86 -2.04 -52.83
N ALA D 186 11.91 -2.06 -53.65
CA ALA D 186 13.25 -2.33 -53.14
C ALA D 186 13.71 -1.24 -52.19
N TRP D 187 13.48 0.03 -52.56
CA TRP D 187 13.90 1.11 -51.68
C TRP D 187 13.13 1.10 -50.37
N THR D 188 11.83 0.85 -50.43
CA THR D 188 11.03 0.76 -49.22
C THR D 188 11.52 -0.37 -48.32
N TYR D 189 11.81 -1.53 -48.90
CA TYR D 189 12.30 -2.65 -48.10
C TYR D 189 13.66 -2.34 -47.49
N PHE D 190 14.54 -1.68 -48.26
CA PHE D 190 15.85 -1.32 -47.73
C PHE D 190 15.72 -0.39 -46.54
N PHE D 191 14.85 0.61 -46.65
CA PHE D 191 14.70 1.54 -45.53
C PHE D 191 13.99 0.88 -44.35
N ILE D 192 13.07 -0.05 -44.62
CA ILE D 192 12.45 -0.81 -43.54
C ILE D 192 13.51 -1.61 -42.79
N LEU D 193 14.41 -2.26 -43.51
CA LEU D 193 15.47 -3.03 -42.88
C LEU D 193 16.41 -2.12 -42.09
N LEU D 194 16.73 -0.95 -42.63
CA LEU D 194 17.58 -0.01 -41.90
C LEU D 194 16.92 0.43 -40.60
N GLY D 195 15.63 0.76 -40.66
CA GLY D 195 14.93 1.13 -39.44
C GLY D 195 14.85 -0.01 -38.45
N VAL D 196 14.64 -1.24 -38.93
CA VAL D 196 14.59 -2.40 -38.06
C VAL D 196 15.93 -2.60 -37.37
N TYR D 197 17.02 -2.46 -38.12
CA TYR D 197 18.35 -2.60 -37.54
C TYR D 197 18.58 -1.55 -36.46
N LEU D 198 18.19 -0.30 -36.75
CA LEU D 198 18.36 0.76 -35.75
C LEU D 198 17.54 0.48 -34.50
N LEU D 199 16.28 0.05 -34.67
CA LEU D 199 15.43 -0.22 -33.52
C LEU D 199 15.95 -1.38 -32.69
N ALA D 200 16.40 -2.45 -33.34
CA ALA D 200 16.95 -3.60 -32.62
C ALA D 200 18.16 -3.19 -31.83
N LEU D 201 19.07 -2.44 -32.44
CA LEU D 201 20.26 -2.00 -31.72
C LEU D 201 19.88 -1.08 -30.57
N THR D 202 18.89 -0.20 -30.77
CA THR D 202 18.47 0.68 -29.68
C THR D 202 17.96 -0.13 -28.50
N LEU D 203 17.03 -1.03 -28.75
CA LEU D 203 16.46 -1.83 -27.66
C LEU D 203 17.55 -2.59 -26.92
N SER D 204 18.35 -3.36 -27.67
CA SER D 204 19.38 -4.17 -27.04
C SER D 204 20.36 -3.30 -26.26
N GLY D 205 20.89 -2.26 -26.89
CA GLY D 205 21.94 -1.47 -26.26
C GLY D 205 21.46 -0.75 -25.03
N PHE D 206 20.26 -0.18 -25.07
CA PHE D 206 19.79 0.59 -23.91
C PHE D 206 19.38 -0.32 -22.76
N ASP D 207 18.71 -1.44 -23.06
CA ASP D 207 18.40 -2.38 -21.99
C ASP D 207 19.68 -2.93 -21.35
N SER D 208 20.66 -3.29 -22.18
CA SER D 208 21.92 -3.78 -21.64
C SER D 208 22.67 -2.69 -20.88
N LEU D 209 22.55 -1.44 -21.31
CA LEU D 209 23.18 -0.35 -20.59
C LEU D 209 22.60 -0.22 -19.19
N PHE D 210 21.27 -0.27 -19.07
CA PHE D 210 20.65 -0.21 -17.76
C PHE D 210 21.12 -1.37 -16.88
N ALA D 211 21.03 -2.59 -17.41
CA ALA D 211 21.39 -3.76 -16.62
C ALA D 211 22.86 -3.72 -16.19
N THR D 212 23.74 -3.30 -17.10
CA THR D 212 25.17 -3.30 -16.81
C THR D 212 25.52 -2.21 -15.80
N LEU D 213 24.88 -1.04 -15.91
CA LEU D 213 25.12 0.00 -14.91
C LEU D 213 24.64 -0.45 -13.54
N VAL D 214 23.52 -1.17 -13.48
CA VAL D 214 23.07 -1.72 -12.20
C VAL D 214 24.09 -2.71 -11.67
N MET D 215 24.62 -3.56 -12.55
CA MET D 215 25.65 -4.51 -12.11
C MET D 215 26.85 -3.79 -11.52
N HIS D 216 27.31 -2.72 -12.17
CA HIS D 216 28.48 -2.01 -11.67
C HIS D 216 28.17 -1.29 -10.35
N VAL D 217 26.96 -0.76 -10.19
CA VAL D 217 26.57 -0.17 -8.92
C VAL D 217 26.59 -1.22 -7.82
N LYS D 218 26.08 -2.42 -8.12
CA LYS D 218 26.12 -3.52 -7.15
C LYS D 218 27.56 -3.86 -6.78
N MET D 219 28.45 -3.90 -7.77
CA MET D 219 29.85 -4.18 -7.50
C MET D 219 30.47 -3.12 -6.59
N MET D 220 30.13 -1.85 -6.83
CA MET D 220 30.65 -0.79 -5.97
C MET D 220 30.12 -0.91 -4.56
N PHE D 221 28.86 -1.33 -4.42
CA PHE D 221 28.31 -1.57 -3.08
C PHE D 221 29.04 -2.71 -2.38
N LYS D 222 29.39 -3.77 -3.12
CA LYS D 222 30.17 -4.85 -2.52
C LYS D 222 31.56 -4.37 -2.10
N VAL D 223 32.17 -3.48 -2.88
CA VAL D 223 33.45 -2.91 -2.48
C VAL D 223 33.27 -2.11 -1.19
N LEU D 224 32.18 -1.36 -1.08
CA LEU D 224 31.91 -0.63 0.15
C LEU D 224 31.72 -1.58 1.32
N LYS D 225 31.06 -2.71 1.09
CA LYS D 225 30.92 -3.73 2.14
C LYS D 225 32.28 -4.24 2.59
N PHE D 226 33.18 -4.50 1.65
CA PHE D 226 34.53 -4.91 2.01
C PHE D 226 35.22 -3.86 2.84
N GLU D 227 35.06 -2.58 2.47
CA GLU D 227 35.68 -1.51 3.24
C GLU D 227 35.10 -1.43 4.65
N ILE D 228 33.79 -1.64 4.80
CA ILE D 228 33.17 -1.62 6.12
C ILE D 228 33.70 -2.77 6.97
N GLU D 229 33.85 -3.95 6.37
CA GLU D 229 34.43 -5.08 7.10
C GLU D 229 35.85 -4.78 7.53
N GLN D 230 36.62 -4.10 6.67
CA GLN D 230 37.96 -3.69 7.07
C GLN D 230 37.91 -2.71 8.24
N LEU D 231 36.94 -1.79 8.24
CA LEU D 231 36.79 -0.88 9.37
C LEU D 231 36.46 -1.65 10.65
N GLY D 232 35.61 -2.67 10.55
CA GLY D 232 35.29 -3.48 11.72
C GLY D 232 36.51 -4.22 12.25
N LEU D 233 37.29 -4.82 11.35
CA LEU D 233 38.53 -5.46 11.77
C LEU D 233 39.47 -4.47 12.44
N ASP D 234 39.54 -3.24 11.90
CA ASP D 234 40.40 -2.22 12.49
C ASP D 234 39.90 -1.84 13.89
N LEU D 235 38.58 -1.75 14.06
CA LEU D 235 38.01 -1.49 15.38
C LEU D 235 38.41 -2.58 16.36
N SER D 236 38.30 -3.84 15.94
CA SER D 236 38.70 -4.95 16.80
C SER D 236 40.18 -4.86 17.15
N ALA D 237 41.02 -4.50 16.18
CA ALA D 237 42.46 -4.41 16.43
C ALA D 237 42.80 -3.38 17.48
N GLY D 238 41.92 -2.41 17.74
CA GLY D 238 42.16 -1.44 18.79
C GLY D 238 43.13 -0.34 18.42
N LYS D 239 42.77 0.48 17.44
CA LYS D 239 43.61 1.57 16.99
C LYS D 239 43.14 2.89 17.61
N SER D 240 43.75 3.99 17.19
CA SER D 240 43.44 5.29 17.75
C SER D 240 42.11 5.82 17.19
N HIS D 241 41.64 6.91 17.79
CA HIS D 241 40.36 7.50 17.36
C HIS D 241 40.50 8.15 15.98
N VAL D 242 41.64 8.79 15.71
CA VAL D 242 41.81 9.50 14.45
C VAL D 242 41.79 8.53 13.27
N GLU D 243 42.43 7.36 13.42
CA GLU D 243 42.46 6.40 12.33
C GLU D 243 41.06 5.90 12.00
N LEU D 244 40.28 5.57 13.03
CA LEU D 244 38.91 5.11 12.80
C LEU D 244 38.05 6.22 12.23
N GLN D 245 38.28 7.47 12.67
CA GLN D 245 37.56 8.61 12.11
C GLN D 245 37.83 8.73 10.61
N ALA D 246 39.09 8.62 10.23
CA ALA D 246 39.45 8.72 8.81
C ALA D 246 38.86 7.58 8.00
N LYS D 247 38.91 6.36 8.55
CA LYS D 247 38.33 5.22 7.83
C LYS D 247 36.83 5.39 7.65
N LEU D 248 36.13 5.85 8.69
CA LEU D 248 34.70 6.08 8.56
C LEU D 248 34.41 7.19 7.56
N LYS D 249 35.25 8.23 7.53
CA LYS D 249 35.07 9.30 6.56
C LYS D 249 35.20 8.78 5.14
N GLN D 250 36.22 7.96 4.89
CA GLN D 250 36.40 7.40 3.54
C GLN D 250 35.24 6.49 3.17
N ILE D 251 34.77 5.68 4.11
CA ILE D 251 33.62 4.81 3.85
C ILE D 251 32.39 5.64 3.52
N ILE D 252 32.20 6.76 4.24
CA ILE D 252 31.07 7.64 3.99
C ILE D 252 31.18 8.25 2.59
N LEU D 253 32.39 8.64 2.19
CA LEU D 253 32.56 9.19 0.85
C LEU D 253 32.24 8.15 -0.22
N LYS D 254 32.66 6.90 -0.02
CA LYS D 254 32.31 5.85 -0.98
C LYS D 254 30.80 5.64 -1.03
N HIS D 255 30.15 5.67 0.13
CA HIS D 255 28.69 5.56 0.16
C HIS D 255 28.03 6.68 -0.62
N LYS D 256 28.54 7.90 -0.43
CA LYS D 256 27.99 9.05 -1.16
C LYS D 256 28.18 8.89 -2.66
N THR D 257 29.33 8.38 -3.09
CA THR D 257 29.55 8.15 -4.51
C THR D 257 28.56 7.15 -5.07
N ASN D 258 28.33 6.04 -4.35
CA ASN D 258 27.36 5.06 -4.82
C ASN D 258 25.95 5.67 -4.89
N LEU D 259 25.59 6.46 -3.88
CA LEU D 259 24.27 7.10 -3.89
C LEU D 259 24.14 8.05 -5.07
N SER D 260 25.21 8.79 -5.38
CA SER D 260 25.18 9.68 -6.54
C SER D 260 25.01 8.91 -7.83
N LEU D 261 25.68 7.77 -7.96
CA LEU D 261 25.50 6.95 -9.16
C LEU D 261 24.06 6.48 -9.28
N ILE D 262 23.46 6.05 -8.18
CA ILE D 262 22.06 5.62 -8.23
C ILE D 262 21.15 6.79 -8.60
N GLU D 263 21.44 7.98 -8.07
CA GLU D 263 20.64 9.15 -8.40
C GLU D 263 20.72 9.46 -9.89
N GLN D 264 21.92 9.41 -10.46
CA GLN D 264 22.07 9.68 -11.89
C GLN D 264 21.33 8.64 -12.72
N LEU D 265 21.40 7.37 -12.31
CA LEU D 265 20.68 6.33 -13.04
C LEU D 265 19.18 6.57 -12.99
N GLU D 266 18.65 6.94 -11.82
CA GLU D 266 17.22 7.24 -11.70
C GLU D 266 16.84 8.40 -12.60
N ASP D 267 17.62 9.48 -12.56
CA ASP D 267 17.32 10.64 -13.40
C ASP D 267 17.31 10.25 -14.88
N GLY D 268 18.28 9.44 -15.30
CA GLY D 268 18.35 9.06 -16.69
C GLY D 268 17.21 8.17 -17.14
N PHE D 269 16.75 7.26 -16.28
CA PHE D 269 15.88 6.17 -16.72
C PHE D 269 14.47 6.22 -16.12
N SER D 270 14.09 7.31 -15.43
CA SER D 270 12.74 7.36 -14.86
C SER D 270 11.66 7.22 -15.93
N PHE D 271 11.59 8.19 -16.85
CA PHE D 271 10.56 8.14 -17.89
C PHE D 271 10.73 6.92 -18.78
N PHE D 272 11.98 6.50 -18.99
CA PHE D 272 12.24 5.26 -19.73
C PHE D 272 11.50 4.10 -19.09
N LEU D 273 11.64 3.93 -17.78
CA LEU D 273 10.99 2.82 -17.09
C LEU D 273 9.48 2.97 -17.10
N MET D 274 8.98 4.19 -16.90
CA MET D 274 7.53 4.39 -16.94
C MET D 274 6.95 3.96 -18.28
N ALA D 275 7.54 4.44 -19.38
CA ALA D 275 7.05 4.06 -20.70
C ALA D 275 7.21 2.56 -20.92
N GLN D 276 8.33 1.98 -20.46
CA GLN D 276 8.55 0.55 -20.62
C GLN D 276 7.44 -0.25 -19.96
N PHE D 277 7.12 0.06 -18.71
CA PHE D 277 6.07 -0.69 -18.01
C PHE D 277 4.71 -0.48 -18.67
N LEU D 278 4.39 0.77 -19.02
CA LEU D 278 3.12 1.05 -19.67
C LEU D 278 2.98 0.24 -20.96
N THR D 279 4.06 0.13 -21.72
CA THR D 279 3.99 -0.59 -22.99
C THR D 279 3.93 -2.09 -22.77
N SER D 280 4.74 -2.61 -21.84
CA SER D 280 4.78 -4.05 -21.60
C SER D 280 3.42 -4.56 -21.14
N SER D 281 2.72 -3.76 -20.33
CA SER D 281 1.40 -4.18 -19.85
C SER D 281 0.49 -4.59 -21.01
N ILE D 282 0.57 -3.87 -22.13
CA ILE D 282 -0.24 -4.20 -23.29
C ILE D 282 0.45 -5.23 -24.19
N LEU D 283 1.77 -5.15 -24.27
CA LEU D 283 2.52 -6.00 -25.20
C LEU D 283 2.38 -7.48 -24.83
N VAL D 284 2.54 -7.78 -23.54
CA VAL D 284 2.45 -9.18 -23.12
C VAL D 284 1.06 -9.72 -23.42
N CYS D 285 0.02 -8.95 -23.12
CA CYS D 285 -1.34 -9.39 -23.37
C CYS D 285 -1.58 -9.64 -24.85
N VAL D 286 -1.17 -8.71 -25.71
CA VAL D 286 -1.45 -8.85 -27.13
C VAL D 286 -0.68 -10.02 -27.71
N VAL D 287 0.58 -10.22 -27.29
CA VAL D 287 1.35 -11.34 -27.80
C VAL D 287 0.74 -12.66 -27.34
N LEU D 288 0.29 -12.73 -26.09
CA LEU D 288 -0.33 -13.96 -25.60
C LEU D 288 -1.61 -14.26 -26.36
N TYR D 289 -2.43 -13.23 -26.62
CA TYR D 289 -3.66 -13.45 -27.36
C TYR D 289 -3.37 -13.93 -28.79
N GLU D 290 -2.36 -13.33 -29.43
CA GLU D 290 -1.97 -13.78 -30.76
C GLU D 290 -1.51 -15.24 -30.71
N LEU D 291 -0.71 -15.59 -29.71
CA LEU D 291 -0.23 -16.97 -29.58
C LEU D 291 -1.39 -17.94 -29.46
N THR D 292 -2.37 -17.62 -28.63
CA THR D 292 -3.53 -18.51 -28.47
C THR D 292 -4.42 -18.50 -29.70
N MET D 293 -4.39 -17.45 -30.52
CA MET D 293 -5.26 -17.39 -31.69
C MET D 293 -4.74 -18.25 -32.83
N VAL D 294 -3.42 -18.34 -33.00
CA VAL D 294 -2.84 -19.02 -34.15
C VAL D 294 -1.91 -20.15 -33.71
N PHE D 295 -2.21 -20.75 -32.56
CA PHE D 295 -1.39 -21.87 -32.10
C PHE D 295 -1.48 -23.03 -33.08
N GLY D 296 -0.33 -23.62 -33.39
CA GLY D 296 -0.27 -24.73 -34.32
C GLY D 296 1.12 -24.85 -34.91
N TRP D 297 1.20 -25.57 -36.03
CA TRP D 297 2.45 -25.75 -36.75
C TRP D 297 2.54 -24.71 -37.87
N ASN D 298 2.79 -23.47 -37.44
CA ASN D 298 2.79 -22.32 -38.33
C ASN D 298 3.99 -21.43 -38.05
N GLU D 299 4.35 -20.62 -39.04
CA GLU D 299 5.39 -19.62 -38.83
C GLU D 299 4.95 -18.57 -37.82
N ASP D 300 3.66 -18.23 -37.81
CA ASP D 300 3.15 -17.27 -36.83
C ASP D 300 3.34 -17.79 -35.41
N THR D 301 3.09 -19.08 -35.21
CA THR D 301 3.30 -19.68 -33.89
C THR D 301 4.76 -19.58 -33.48
N PHE D 302 5.69 -19.84 -34.41
CA PHE D 302 7.11 -19.73 -34.11
C PHE D 302 7.47 -18.30 -33.72
N LYS D 303 7.00 -17.32 -34.51
CA LYS D 303 7.32 -15.93 -34.22
C LYS D 303 6.77 -15.51 -32.87
N THR D 304 5.53 -15.87 -32.57
CA THR D 304 4.92 -15.46 -31.31
C THR D 304 5.58 -16.15 -30.12
N VAL D 305 5.94 -17.43 -30.28
CA VAL D 305 6.59 -18.16 -29.20
C VAL D 305 7.97 -17.59 -28.92
N THR D 306 8.66 -17.12 -29.96
CA THR D 306 9.95 -16.47 -29.72
C THR D 306 9.78 -15.07 -29.15
N TYR D 307 8.70 -14.37 -29.52
CA TYR D 307 8.48 -13.01 -29.08
C TYR D 307 8.08 -12.94 -27.61
N LEU D 308 7.17 -13.80 -27.18
CA LEU D 308 6.59 -13.69 -25.84
C LEU D 308 7.64 -13.75 -24.74
N PRO D 309 8.53 -14.74 -24.69
CA PRO D 309 9.58 -14.72 -23.66
C PRO D 309 10.46 -13.50 -23.76
N GLY D 310 10.67 -12.97 -24.97
CA GLY D 310 11.46 -11.76 -25.08
C GLY D 310 10.85 -10.59 -24.32
N ALA D 311 9.56 -10.37 -24.51
CA ALA D 311 8.88 -9.29 -23.80
C ALA D 311 8.84 -9.54 -22.30
N ILE D 312 8.54 -10.79 -21.90
CA ILE D 312 8.45 -11.09 -20.47
C ILE D 312 9.79 -10.84 -19.80
N LEU D 313 10.88 -11.30 -20.43
CA LEU D 313 12.21 -11.09 -19.86
C LEU D 313 12.62 -9.63 -19.94
N GLN D 314 12.14 -8.90 -20.93
CA GLN D 314 12.42 -7.46 -20.99
C GLN D 314 11.83 -6.75 -19.79
N LEU D 315 10.59 -7.08 -19.41
CA LEU D 315 10.00 -6.50 -18.21
C LEU D 315 10.73 -6.98 -16.95
N PHE D 316 11.01 -8.28 -16.88
CA PHE D 316 11.68 -8.83 -15.71
C PHE D 316 13.07 -8.24 -15.52
N LEU D 317 13.74 -7.84 -16.60
CA LEU D 317 15.06 -7.23 -16.48
C LEU D 317 15.00 -6.00 -15.59
N PHE D 318 14.13 -5.06 -15.95
CA PHE D 318 14.03 -3.82 -15.18
C PHE D 318 13.55 -4.10 -13.77
N CYS D 319 12.54 -4.97 -13.62
CA CYS D 319 12.03 -5.25 -12.28
C CYS D 319 13.13 -5.84 -11.39
N TRP D 320 13.81 -6.87 -11.89
CA TRP D 320 14.85 -7.55 -11.12
C TRP D 320 15.99 -6.61 -10.76
N TYR D 321 16.46 -5.81 -11.71
CA TYR D 321 17.63 -4.98 -11.42
C TYR D 321 17.27 -3.77 -10.56
N ALA D 322 16.05 -3.25 -10.66
CA ALA D 322 15.60 -2.25 -9.69
C ALA D 322 15.57 -2.85 -8.28
N GLN D 323 15.06 -4.09 -8.16
CA GLN D 323 15.08 -4.74 -6.86
C GLN D 323 16.50 -4.91 -6.34
N GLN D 324 17.43 -5.26 -7.22
CA GLN D 324 18.82 -5.40 -6.82
C GLN D 324 19.38 -4.08 -6.30
N ILE D 325 19.10 -2.98 -7.00
CA ILE D 325 19.53 -1.66 -6.52
C ILE D 325 19.00 -1.42 -5.12
N THR D 326 17.69 -1.64 -4.94
CA THR D 326 17.07 -1.33 -3.66
C THR D 326 17.69 -2.16 -2.54
N GLU D 327 17.79 -3.47 -2.73
CA GLU D 327 18.27 -4.34 -1.65
C GLU D 327 19.75 -4.08 -1.35
N GLU D 328 20.56 -3.87 -2.38
CA GLU D 328 21.98 -3.59 -2.15
C GLU D 328 22.15 -2.28 -1.39
N ALA D 329 21.36 -1.26 -1.74
CA ALA D 329 21.42 -0.01 -0.99
C ALA D 329 21.00 -0.23 0.46
N ARG D 330 19.96 -1.04 0.68
CA ARG D 330 19.45 -1.26 2.02
C ARG D 330 20.48 -1.96 2.91
N LEU D 331 21.16 -2.97 2.37
CA LEU D 331 22.01 -3.82 3.21
C LEU D 331 23.18 -3.07 3.84
N VAL D 332 23.41 -1.80 3.50
CA VAL D 332 24.52 -1.07 4.09
C VAL D 332 24.30 -0.87 5.58
N SER D 333 23.05 -0.68 6.01
CA SER D 333 22.78 -0.55 7.43
C SER D 333 23.14 -1.83 8.18
N ASP D 334 22.82 -2.98 7.59
CA ASP D 334 23.22 -4.25 8.20
C ASP D 334 24.73 -4.38 8.25
N HIS D 335 25.43 -3.97 7.18
CA HIS D 335 26.88 -4.06 7.17
C HIS D 335 27.50 -3.14 8.23
N ILE D 336 26.87 -2.00 8.51
CA ILE D 336 27.41 -1.09 9.52
C ILE D 336 27.02 -1.54 10.93
N TYR D 337 25.91 -2.27 11.06
CA TYR D 337 25.52 -2.76 12.38
C TYR D 337 26.40 -3.92 12.83
N ASN D 338 26.94 -4.70 11.88
CA ASN D 338 27.67 -5.91 12.20
C ASN D 338 29.07 -5.65 12.74
N ILE D 339 29.64 -4.48 12.48
CA ILE D 339 30.99 -4.19 12.97
C ILE D 339 30.92 -4.01 14.48
N PRO D 340 32.01 -4.20 15.22
CA PRO D 340 31.96 -4.01 16.68
C PRO D 340 31.99 -2.53 17.07
N TRP D 341 30.91 -1.82 16.72
CA TRP D 341 30.85 -0.40 17.01
C TRP D 341 30.82 -0.12 18.51
N TYR D 342 30.41 -1.10 19.33
CA TYR D 342 30.36 -0.88 20.77
C TYR D 342 31.74 -0.64 21.36
N LEU D 343 32.81 -0.96 20.63
CA LEU D 343 34.17 -0.70 21.09
C LEU D 343 34.65 0.71 20.79
N ALA D 344 33.87 1.49 20.05
CA ALA D 344 34.28 2.81 19.60
C ALA D 344 33.85 3.89 20.59
N ASP D 345 34.54 5.02 20.52
CA ASP D 345 34.17 6.17 21.32
C ASP D 345 32.76 6.63 20.93
N PRO D 346 31.99 7.21 21.86
CA PRO D 346 30.61 7.57 21.51
C PRO D 346 30.51 8.54 20.34
N LYS D 347 31.55 9.34 20.07
CA LYS D 347 31.51 10.23 18.92
C LYS D 347 31.46 9.44 17.62
N LEU D 348 32.36 8.45 17.47
CA LEU D 348 32.32 7.61 16.30
C LEU D 348 31.02 6.81 16.24
N GLN D 349 30.47 6.46 17.40
CA GLN D 349 29.17 5.79 17.42
C GLN D 349 28.07 6.68 16.87
N LYS D 350 28.10 7.98 17.20
CA LYS D 350 27.11 8.91 16.66
C LYS D 350 27.30 9.09 15.17
N ASP D 351 28.56 9.14 14.71
CA ASP D 351 28.80 9.20 13.27
C ASP D 351 28.24 7.96 12.58
N ILE D 352 28.44 6.79 13.17
CA ILE D 352 27.89 5.56 12.62
C ILE D 352 26.36 5.60 12.65
N LEU D 353 25.80 6.23 13.67
CA LEU D 353 24.34 6.33 13.76
C LEU D 353 23.79 7.19 12.64
N THR D 354 24.45 8.31 12.32
CA THR D 354 24.02 9.10 11.17
C THR D 354 24.18 8.32 9.87
N PHE D 355 25.31 7.62 9.74
CA PHE D 355 25.50 6.75 8.59
C PHE D 355 24.33 5.79 8.42
N MET D 356 23.92 5.14 9.51
CA MET D 356 22.86 4.14 9.44
C MET D 356 21.49 4.78 9.24
N VAL D 357 21.28 5.99 9.77
CA VAL D 357 20.03 6.69 9.52
C VAL D 357 19.88 6.97 8.02
N LYS D 358 20.96 7.42 7.39
CA LYS D 358 20.90 7.64 5.95
C LYS D 358 20.77 6.33 5.18
N ALA D 359 21.52 5.30 5.58
CA ALA D 359 21.58 4.05 4.85
C ALA D 359 20.26 3.27 4.89
N GLN D 360 19.33 3.64 5.76
CA GLN D 360 18.08 2.92 5.88
C GLN D 360 16.98 3.47 4.99
N LYS D 361 17.12 4.70 4.49
CA LYS D 361 16.09 5.27 3.63
C LYS D 361 16.00 4.45 2.34
N PRO D 362 14.80 4.07 1.92
CA PRO D 362 14.69 3.27 0.68
C PRO D 362 15.29 4.02 -0.50
N THR D 363 15.97 3.27 -1.37
CA THR D 363 16.61 3.81 -2.55
C THR D 363 16.30 2.93 -3.74
N GLY D 364 16.31 3.52 -4.92
CA GLY D 364 16.01 2.77 -6.14
C GLY D 364 15.62 3.71 -7.26
N VAL D 365 15.01 3.13 -8.29
CA VAL D 365 14.60 3.86 -9.48
C VAL D 365 13.08 3.84 -9.52
N THR D 366 12.48 5.03 -9.59
CA THR D 366 11.03 5.17 -9.65
C THR D 366 10.54 5.07 -11.09
N ALA D 367 9.25 4.78 -11.24
CA ALA D 367 8.60 4.74 -12.56
C ALA D 367 8.02 6.12 -12.87
N SER D 368 8.93 7.07 -13.03
CA SER D 368 8.57 8.46 -13.31
C SER D 368 7.87 9.09 -12.10
N LYS D 369 8.43 8.85 -10.92
CA LYS D 369 8.00 9.42 -9.65
C LYS D 369 6.66 8.87 -9.17
N PHE D 370 6.00 8.00 -9.93
CA PHE D 370 4.74 7.43 -9.48
C PHE D 370 4.96 6.45 -8.35
N TYR D 371 5.93 5.55 -8.49
CA TYR D 371 6.25 4.57 -7.46
C TYR D 371 7.67 4.09 -7.66
N MET D 372 8.23 3.52 -6.60
CA MET D 372 9.53 2.89 -6.68
C MET D 372 9.41 1.53 -7.36
N VAL D 373 10.38 1.21 -8.20
CA VAL D 373 10.36 -0.05 -8.96
C VAL D 373 11.06 -1.11 -8.14
N THR D 374 10.38 -2.25 -7.94
CA THR D 374 10.93 -3.38 -7.22
C THR D 374 10.50 -4.65 -7.93
N LEU D 375 10.89 -5.80 -7.37
CA LEU D 375 10.56 -7.07 -8.00
C LEU D 375 9.05 -7.31 -8.00
N GLN D 376 8.37 -6.89 -6.93
CA GLN D 376 6.93 -7.07 -6.86
C GLN D 376 6.23 -6.43 -8.05
N THR D 377 6.80 -5.36 -8.61
CA THR D 377 6.20 -4.72 -9.76
C THR D 377 5.95 -5.71 -10.89
N PHE D 378 6.88 -6.66 -11.08
CA PHE D 378 6.71 -7.63 -12.14
C PHE D 378 5.36 -8.32 -12.04
N GLN D 379 4.94 -8.66 -10.81
CA GLN D 379 3.62 -9.24 -10.63
C GLN D 379 2.54 -8.24 -11.04
N ARG D 380 2.59 -7.02 -10.49
CA ARG D 380 1.56 -6.04 -10.76
C ARG D 380 1.30 -5.93 -12.25
N ILE D 381 2.32 -5.50 -13.01
CA ILE D 381 2.16 -5.33 -14.44
C ILE D 381 1.63 -6.62 -15.06
N SER D 382 2.25 -7.75 -14.69
CA SER D 382 1.81 -9.02 -15.25
C SER D 382 0.33 -9.22 -15.01
N SER D 383 -0.12 -9.02 -13.77
CA SER D 383 -1.53 -9.18 -13.46
C SER D 383 -2.37 -8.28 -14.37
N THR D 384 -1.95 -7.02 -14.50
CA THR D 384 -2.66 -6.10 -15.39
C THR D 384 -2.80 -6.71 -16.77
N SER D 385 -1.69 -7.22 -17.32
CA SER D 385 -1.74 -7.84 -18.63
C SER D 385 -2.83 -8.90 -18.67
N TYR D 386 -2.82 -9.80 -17.68
CA TYR D 386 -3.82 -10.86 -17.64
C TYR D 386 -5.22 -10.27 -17.76
N SER D 387 -5.50 -9.23 -16.98
CA SER D 387 -6.80 -8.56 -17.07
C SER D 387 -7.14 -8.30 -18.53
N TYR D 388 -6.32 -7.51 -19.21
CA TYR D 388 -6.60 -7.18 -20.60
C TYR D 388 -6.83 -8.44 -21.41
N PHE D 389 -5.97 -9.45 -21.21
CA PHE D 389 -6.10 -10.68 -21.97
C PHE D 389 -7.51 -11.25 -21.83
N THR D 390 -7.97 -11.41 -20.58
CA THR D 390 -9.30 -11.96 -20.39
C THR D 390 -10.33 -11.11 -21.10
N LEU D 391 -10.21 -9.78 -21.00
CA LEU D 391 -11.13 -8.90 -21.68
C LEU D 391 -11.28 -9.30 -23.14
N LEU D 392 -10.15 -9.46 -23.83
CA LEU D 392 -10.21 -9.76 -25.25
C LEU D 392 -11.04 -11.00 -25.51
N GLN D 393 -10.84 -12.05 -24.70
CA GLN D 393 -11.60 -13.27 -24.90
C GLN D 393 -13.10 -13.00 -24.81
N THR D 394 -13.50 -12.25 -23.78
CA THR D 394 -14.92 -11.92 -23.63
C THR D 394 -15.46 -11.21 -24.85
N ILE D 395 -14.64 -10.38 -25.49
CA ILE D 395 -15.10 -9.65 -26.67
C ILE D 395 -15.34 -10.62 -27.83
N ASN D 396 -14.51 -11.65 -27.95
CA ASN D 396 -14.61 -12.53 -29.10
C ASN D 396 -15.90 -13.33 -29.08
N GLN D 397 -16.12 -14.12 -28.03
CA GLN D 397 -17.33 -14.93 -27.93
C GLN D 397 -18.52 -14.08 -27.51
#